data_6R5V
#
_entry.id   6R5V
#
_cell.length_a   70.955
_cell.length_b   73.668
_cell.length_c   81.444
_cell.angle_alpha   65.55
_cell.angle_beta   73.46
_cell.angle_gamma   69.66
#
_symmetry.space_group_name_H-M   'P 1'
#
loop_
_entity.id
_entity.type
_entity.pdbx_description
1 polymer 'Periplasmic beta-glucosidase'
2 branched beta-D-xylopyranose-(1-4)-beta-D-xylopyranose
3 non-polymer 'TRIETHYLENE GLYCOL'
4 non-polymer DI(HYDROXYETHYL)ETHER
5 non-polymer 'MAGNESIUM ION'
6 water water
#
_entity_poly.entity_id   1
_entity_poly.type   'polypeptide(L)'
_entity_poly.pdbx_seq_one_letter_code
;TDKERFIASLMARMSNAEKIGQLRLVSVGADHPKEALMADIRAGKVGAIFNTVTRPDIRAMQDQVRHSRLKIPLFHAYDV
AHGHRTIFPISLGLAASWDPEVVARSARISALEASADGLDMSFSPMVDITRDARWGRVSEGFGEDTYLTSLLSGVMVRAY
QGSNLAAPDSIMAAVKHFALYGAAEGGRDYNTVDMSLPRMFQDYLPPYKAAVDAGAGAVMVSLNTINGVPATANRWLLTD
LLRQQWGFKGLTISNHGAVKELIKHGLAGNERDATRLAIQAGVDMNMNDDLYSTWLPKLLAAGEIDQADIDRACRDVLAA
KYDLGLFADPYRRLGKPDDPPFDTNAESRLHRQAAREVAREGLVLLKNRDGLLPLKKQGRIAVIGPLAKSQRDVIGSWSA
AGVPRQAVTVYQGLANAVGERATLLYAKGANVSGDQAILDYLNSYNPEVEVDPRSAEAMLEEALRTARDADLVVAVVGES
QGMAHEASSRTDLRIPASQRRLLKALKATGKPLVLVLMNGRPLSLGWEQENADAILETWFSGTEGGNAIADVLFGEHNPS
GKLTMSFPRSVGQVPVYYNHLNTGRPMDHDNPGKYTSRYFDEANGPLYPFGYGLSYTEFSLSPLRLSSERLARGATLEAR
VTLSNSGKRAGATVVQLYLQDPVASLSRPVKELRGFRKVMLEPGESREIVFRLGEADLKFYDSQLRHTAEPGEFKVFVGL
DSAQTESRSFTLL
;
_entity_poly.pdbx_strand_id   B,A
#
# COMPACT_ATOMS: atom_id res chain seq x y z
N THR A 1 -36.06 -4.26 32.43
CA THR A 1 -36.82 -4.81 31.26
C THR A 1 -37.36 -6.21 31.57
N ASP A 2 -38.54 -6.53 31.03
CA ASP A 2 -39.08 -7.91 31.06
C ASP A 2 -38.12 -8.81 30.27
N LYS A 3 -37.40 -8.31 29.27
CA LYS A 3 -36.40 -9.11 28.52
C LYS A 3 -35.26 -9.51 29.45
N GLU A 4 -34.68 -8.54 30.16
CA GLU A 4 -33.55 -8.82 31.09
C GLU A 4 -34.06 -9.68 32.24
N ARG A 5 -35.31 -9.55 32.70
CA ARG A 5 -35.90 -10.45 33.73
C ARG A 5 -35.96 -11.87 33.17
N PHE A 6 -36.49 -12.01 31.96
CA PHE A 6 -36.64 -13.32 31.27
C PHE A 6 -35.26 -13.98 31.14
N ILE A 7 -34.28 -13.23 30.68
CA ILE A 7 -32.92 -13.79 30.42
C ILE A 7 -32.25 -14.17 31.74
N ALA A 8 -32.37 -13.34 32.78
CA ALA A 8 -31.75 -13.63 34.09
C ALA A 8 -32.43 -14.88 34.70
N SER A 9 -33.75 -15.05 34.59
CA SER A 9 -34.40 -16.25 35.17
CA SER A 9 -34.43 -16.25 35.15
C SER A 9 -33.95 -17.49 34.40
N LEU A 10 -33.76 -17.39 33.08
CA LEU A 10 -33.29 -18.57 32.31
C LEU A 10 -31.84 -18.90 32.70
N MET A 11 -30.96 -17.91 32.77
CA MET A 11 -29.53 -18.19 33.06
C MET A 11 -29.38 -18.75 34.48
N ALA A 12 -30.25 -18.36 35.41
CA ALA A 12 -30.25 -18.89 36.79
C ALA A 12 -30.56 -20.39 36.78
N ARG A 13 -31.10 -20.92 35.70
CA ARG A 13 -31.47 -22.35 35.58
C ARG A 13 -30.33 -23.14 34.94
N MET A 14 -29.37 -22.47 34.31
CA MET A 14 -28.45 -23.14 33.37
C MET A 14 -27.16 -23.53 34.10
N SER A 15 -26.67 -24.71 33.81
CA SER A 15 -25.31 -25.16 34.20
C SER A 15 -24.31 -24.38 33.33
N ASN A 16 -23.05 -24.42 33.69
CA ASN A 16 -22.01 -23.85 32.80
C ASN A 16 -21.97 -24.63 31.49
N ALA A 17 -22.15 -25.95 31.51
CA ALA A 17 -22.17 -26.74 30.26
C ALA A 17 -23.27 -26.22 29.31
N GLU A 18 -24.47 -25.93 29.82
CA GLU A 18 -25.59 -25.36 29.04
C GLU A 18 -25.22 -23.95 28.53
N LYS A 19 -24.65 -23.12 29.39
CA LYS A 19 -24.25 -21.73 28.99
C LYS A 19 -23.21 -21.80 27.86
N ILE A 20 -22.21 -22.66 28.01
CA ILE A 20 -21.11 -22.77 27.02
C ILE A 20 -21.66 -23.36 25.72
N GLY A 21 -22.62 -24.27 25.80
CA GLY A 21 -23.26 -24.83 24.60
C GLY A 21 -23.92 -23.74 23.76
N GLN A 22 -24.43 -22.68 24.39
CA GLN A 22 -25.08 -21.58 23.64
C GLN A 22 -24.05 -20.85 22.77
N LEU A 23 -22.75 -20.98 23.07
CA LEU A 23 -21.75 -20.14 22.38
C LEU A 23 -21.29 -20.83 21.09
N ARG A 24 -21.71 -22.06 20.87
CA ARG A 24 -21.24 -22.92 19.77
C ARG A 24 -22.11 -22.69 18.52
N LEU A 25 -21.46 -22.24 17.45
CA LEU A 25 -22.07 -21.98 16.13
C LEU A 25 -21.40 -22.96 15.16
N VAL A 26 -22.16 -23.85 14.55
CA VAL A 26 -21.56 -24.89 13.68
C VAL A 26 -22.33 -25.05 12.37
N SER A 27 -21.65 -25.60 11.36
CA SER A 27 -22.27 -25.99 10.06
C SER A 27 -22.11 -27.50 9.91
N VAL A 28 -23.05 -28.13 9.22
CA VAL A 28 -22.87 -29.55 8.79
C VAL A 28 -21.65 -29.62 7.86
N GLY A 29 -20.74 -30.56 8.12
CA GLY A 29 -19.56 -30.75 7.24
C GLY A 29 -18.70 -31.90 7.73
N ALA A 30 -17.53 -32.08 7.12
CA ALA A 30 -16.59 -33.15 7.50
C ALA A 30 -16.36 -33.12 9.02
N ASP A 31 -16.15 -31.94 9.58
CA ASP A 31 -15.77 -31.73 11.01
C ASP A 31 -17.00 -31.92 11.92
N HIS A 32 -18.22 -31.81 11.39
CA HIS A 32 -19.49 -31.91 12.15
C HIS A 32 -20.51 -32.68 11.33
N PRO A 33 -20.37 -34.02 11.20
CA PRO A 33 -21.31 -34.80 10.42
C PRO A 33 -22.73 -34.59 10.98
N LYS A 34 -23.71 -34.64 10.08
CA LYS A 34 -25.11 -34.36 10.41
C LYS A 34 -25.57 -35.12 11.66
N GLU A 35 -25.36 -36.44 11.74
CA GLU A 35 -26.01 -37.22 12.83
C GLU A 35 -25.36 -36.88 14.18
N ALA A 36 -24.05 -36.65 14.21
CA ALA A 36 -23.34 -36.24 15.45
C ALA A 36 -23.86 -34.86 15.88
N LEU A 37 -24.06 -33.96 14.93
CA LEU A 37 -24.56 -32.59 15.19
C LEU A 37 -25.97 -32.68 15.77
N MET A 38 -26.81 -33.53 15.18
CA MET A 38 -28.20 -33.72 15.69
C MET A 38 -28.15 -34.15 17.15
N ALA A 39 -27.21 -35.05 17.48
CA ALA A 39 -27.09 -35.62 18.84
C ALA A 39 -26.62 -34.50 19.78
N ASP A 40 -25.75 -33.63 19.31
CA ASP A 40 -25.25 -32.49 20.12
C ASP A 40 -26.38 -31.49 20.38
N ILE A 41 -27.24 -31.25 19.40
CA ILE A 41 -28.41 -30.32 19.61
C ILE A 41 -29.29 -30.90 20.74
N ARG A 42 -29.61 -32.18 20.65
CA ARG A 42 -30.45 -32.87 21.67
C ARG A 42 -29.81 -32.76 23.05
N ALA A 43 -28.47 -32.67 23.16
CA ALA A 43 -27.75 -32.58 24.46
C ALA A 43 -27.63 -31.15 24.97
N GLY A 44 -28.11 -30.15 24.21
CA GLY A 44 -27.99 -28.73 24.61
C GLY A 44 -26.59 -28.19 24.34
N LYS A 45 -25.85 -28.81 23.41
CA LYS A 45 -24.42 -28.50 23.16
C LYS A 45 -24.25 -27.61 21.94
N VAL A 46 -25.33 -27.10 21.37
CA VAL A 46 -25.25 -26.25 20.15
C VAL A 46 -26.11 -25.01 20.34
N GLY A 47 -25.57 -23.83 20.05
CA GLY A 47 -26.30 -22.56 20.21
C GLY A 47 -26.95 -22.14 18.88
N ALA A 48 -26.30 -22.44 17.77
CA ALA A 48 -26.78 -22.00 16.45
C ALA A 48 -26.09 -22.75 15.32
N ILE A 49 -26.71 -22.61 14.17
CA ILE A 49 -26.35 -23.34 12.94
C ILE A 49 -26.10 -22.29 11.87
N PHE A 50 -25.15 -22.58 10.99
CA PHE A 50 -25.12 -21.81 9.72
C PHE A 50 -25.00 -22.77 8.55
N ASN A 51 -25.42 -22.28 7.39
CA ASN A 51 -25.36 -22.96 6.08
C ASN A 51 -26.41 -24.08 5.96
N THR A 52 -27.42 -24.16 6.84
CA THR A 52 -28.63 -25.01 6.64
C THR A 52 -29.77 -24.08 6.25
N VAL A 53 -30.30 -24.22 5.03
CA VAL A 53 -31.02 -23.09 4.36
C VAL A 53 -32.40 -23.46 3.78
N THR A 54 -32.93 -24.65 4.02
CA THR A 54 -34.32 -24.98 3.57
C THR A 54 -35.21 -25.26 4.77
N ARG A 55 -36.49 -24.94 4.64
CA ARG A 55 -37.47 -25.04 5.74
C ARG A 55 -37.45 -26.44 6.34
N PRO A 56 -37.54 -27.54 5.55
CA PRO A 56 -37.54 -28.88 6.15
C PRO A 56 -36.26 -29.23 6.92
N ASP A 57 -35.10 -28.78 6.44
CA ASP A 57 -33.79 -29.03 7.09
C ASP A 57 -33.71 -28.21 8.38
N ILE A 58 -34.07 -26.94 8.34
CA ILE A 58 -34.08 -26.07 9.56
C ILE A 58 -35.08 -26.62 10.58
N ARG A 59 -36.27 -26.96 10.14
CA ARG A 59 -37.33 -27.51 11.01
C ARG A 59 -36.81 -28.78 11.72
N ALA A 60 -36.16 -29.71 11.00
CA ALA A 60 -35.57 -30.94 11.55
C ALA A 60 -34.58 -30.62 12.68
N MET A 61 -33.77 -29.58 12.52
CA MET A 61 -32.76 -29.23 13.55
CA MET A 61 -32.76 -29.20 13.54
C MET A 61 -33.47 -28.61 14.75
N GLN A 62 -34.47 -27.75 14.51
CA GLN A 62 -35.23 -27.10 15.61
C GLN A 62 -35.99 -28.20 16.38
N ASP A 63 -36.46 -29.22 15.66
CA ASP A 63 -37.16 -30.38 16.26
C ASP A 63 -36.26 -31.05 17.29
N GLN A 64 -34.94 -31.07 17.08
CA GLN A 64 -34.01 -31.80 17.97
C GLN A 64 -33.97 -31.15 19.34
N VAL A 65 -34.22 -29.84 19.38
CA VAL A 65 -34.13 -29.03 20.63
C VAL A 65 -35.13 -29.56 21.68
N ARG A 66 -36.30 -30.03 21.25
CA ARG A 66 -37.37 -30.52 22.16
C ARG A 66 -36.84 -31.66 23.05
N HIS A 67 -35.70 -32.27 22.70
CA HIS A 67 -35.09 -33.40 23.44
C HIS A 67 -34.09 -32.94 24.50
N SER A 68 -33.75 -31.65 24.52
CA SER A 68 -32.76 -31.12 25.49
C SER A 68 -33.51 -30.80 26.78
N ARG A 69 -32.78 -30.67 27.87
CA ARG A 69 -33.35 -30.33 29.19
C ARG A 69 -34.12 -28.99 29.10
N LEU A 70 -33.50 -27.91 28.61
CA LEU A 70 -34.14 -26.56 28.66
C LEU A 70 -34.86 -26.21 27.35
N LYS A 71 -34.62 -26.97 26.27
CA LYS A 71 -35.29 -26.78 24.96
C LYS A 71 -35.02 -25.37 24.44
N ILE A 72 -33.83 -24.84 24.66
CA ILE A 72 -33.49 -23.47 24.15
C ILE A 72 -33.40 -23.60 22.65
N PRO A 73 -34.16 -22.80 21.86
CA PRO A 73 -34.16 -22.93 20.42
C PRO A 73 -32.85 -22.46 19.77
N LEU A 74 -32.55 -23.03 18.60
CA LEU A 74 -31.43 -22.55 17.77
C LEU A 74 -31.84 -21.26 17.08
N PHE A 75 -30.87 -20.48 16.60
CA PHE A 75 -31.06 -19.60 15.42
C PHE A 75 -30.27 -20.21 14.27
N HIS A 76 -30.70 -19.91 13.06
CA HIS A 76 -30.07 -20.38 11.81
C HIS A 76 -29.60 -19.18 11.01
N ALA A 77 -28.32 -19.22 10.61
CA ALA A 77 -27.71 -18.10 9.85
C ALA A 77 -27.21 -18.57 8.47
N TYR A 78 -26.99 -17.58 7.63
CA TYR A 78 -26.44 -17.80 6.27
C TYR A 78 -25.84 -16.50 5.78
N ASP A 79 -25.10 -16.58 4.68
CA ASP A 79 -24.42 -15.44 4.02
CA ASP A 79 -24.43 -15.43 4.03
C ASP A 79 -25.35 -14.95 2.92
N VAL A 80 -26.36 -14.21 3.29
CA VAL A 80 -27.30 -13.60 2.33
C VAL A 80 -26.74 -12.19 2.15
N ALA A 81 -25.84 -12.07 1.18
CA ALA A 81 -24.99 -10.89 0.99
C ALA A 81 -25.68 -9.93 0.02
N HIS A 82 -26.15 -10.43 -1.12
CA HIS A 82 -26.85 -9.61 -2.14
C HIS A 82 -27.97 -10.42 -2.78
N GLY A 83 -28.74 -11.11 -1.94
CA GLY A 83 -29.80 -12.01 -2.44
C GLY A 83 -29.73 -13.36 -1.78
N HIS A 84 -30.89 -14.01 -1.61
CA HIS A 84 -30.95 -15.38 -1.05
C HIS A 84 -31.16 -16.38 -2.18
N ARG A 85 -32.34 -16.37 -2.83
CA ARG A 85 -32.58 -17.19 -4.05
C ARG A 85 -32.65 -16.29 -5.27
N THR A 86 -33.32 -15.15 -5.18
CA THR A 86 -33.30 -14.15 -6.25
C THR A 86 -32.04 -13.32 -6.02
N ILE A 87 -31.09 -13.38 -6.94
CA ILE A 87 -29.77 -12.74 -6.68
C ILE A 87 -29.73 -11.36 -7.32
N PHE A 88 -29.47 -10.35 -6.50
CA PHE A 88 -29.31 -8.96 -6.96
C PHE A 88 -27.86 -8.77 -7.39
N PRO A 89 -27.50 -7.62 -7.98
CA PRO A 89 -26.10 -7.35 -8.26
C PRO A 89 -25.27 -7.50 -6.98
N ILE A 90 -23.97 -7.75 -7.14
CA ILE A 90 -23.03 -7.68 -6.00
C ILE A 90 -23.13 -6.29 -5.38
N SER A 91 -22.76 -6.17 -4.12
CA SER A 91 -22.90 -4.93 -3.32
C SER A 91 -22.20 -3.77 -4.03
N LEU A 92 -21.07 -4.03 -4.66
CA LEU A 92 -20.35 -2.90 -5.33
C LEU A 92 -21.25 -2.34 -6.46
N GLY A 93 -22.04 -3.18 -7.14
CA GLY A 93 -23.03 -2.78 -8.16
C GLY A 93 -24.26 -2.13 -7.54
N LEU A 94 -24.77 -2.62 -6.40
CA LEU A 94 -25.88 -1.96 -5.68
C LEU A 94 -25.47 -0.54 -5.25
N ALA A 95 -24.25 -0.36 -4.76
CA ALA A 95 -23.78 0.97 -4.31
C ALA A 95 -23.80 1.92 -5.51
N ALA A 96 -23.51 1.45 -6.72
CA ALA A 96 -23.43 2.27 -7.95
C ALA A 96 -24.80 2.83 -8.35
N SER A 97 -25.88 2.31 -7.76
CA SER A 97 -27.24 2.91 -7.88
C SER A 97 -27.32 4.29 -7.19
N TRP A 98 -26.47 4.57 -6.21
CA TRP A 98 -26.54 5.82 -5.40
C TRP A 98 -27.97 6.06 -4.90
N ASP A 99 -28.67 5.02 -4.54
CA ASP A 99 -30.09 5.17 -4.20
C ASP A 99 -30.40 4.29 -3.01
N PRO A 100 -30.46 4.86 -1.79
CA PRO A 100 -30.78 4.08 -0.60
C PRO A 100 -32.07 3.22 -0.74
N GLU A 101 -33.06 3.68 -1.52
CA GLU A 101 -34.33 2.93 -1.69
C GLU A 101 -34.10 1.67 -2.54
N VAL A 102 -33.22 1.75 -3.52
CA VAL A 102 -32.88 0.59 -4.36
C VAL A 102 -32.15 -0.42 -3.46
N VAL A 103 -31.21 0.04 -2.67
CA VAL A 103 -30.41 -0.86 -1.81
C VAL A 103 -31.34 -1.48 -0.76
N ALA A 104 -32.22 -0.67 -0.16
CA ALA A 104 -33.23 -1.15 0.80
C ALA A 104 -34.06 -2.27 0.19
N ARG A 105 -34.48 -2.08 -1.05
CA ARG A 105 -35.36 -3.08 -1.70
C ARG A 105 -34.63 -4.42 -1.84
N SER A 106 -33.37 -4.44 -2.28
CA SER A 106 -32.60 -5.70 -2.41
C SER A 106 -32.51 -6.39 -1.05
N ALA A 107 -32.24 -5.62 0.01
CA ALA A 107 -32.09 -6.19 1.38
C ALA A 107 -33.45 -6.69 1.87
N ARG A 108 -34.49 -5.94 1.65
CA ARG A 108 -35.87 -6.36 2.11
C ARG A 108 -36.23 -7.70 1.44
N ILE A 109 -36.07 -7.76 0.13
CA ILE A 109 -36.38 -9.00 -0.63
C ILE A 109 -35.48 -10.13 -0.18
N SER A 110 -34.19 -9.87 0.03
CA SER A 110 -33.30 -10.91 0.55
C SER A 110 -33.86 -11.46 1.87
N ALA A 111 -34.22 -10.57 2.78
CA ALA A 111 -34.65 -11.00 4.13
C ALA A 111 -35.97 -11.77 4.03
N LEU A 112 -36.87 -11.28 3.18
CA LEU A 112 -38.18 -11.93 2.91
C LEU A 112 -37.93 -13.36 2.44
N GLU A 113 -37.02 -13.54 1.48
CA GLU A 113 -36.81 -14.88 0.90
C GLU A 113 -36.09 -15.78 1.90
N ALA A 114 -35.11 -15.24 2.65
CA ALA A 114 -34.30 -16.06 3.58
C ALA A 114 -35.18 -16.52 4.74
N SER A 115 -35.94 -15.60 5.31
CA SER A 115 -36.87 -15.88 6.44
C SER A 115 -37.98 -16.83 5.95
N ALA A 116 -38.38 -16.76 4.68
CA ALA A 116 -39.43 -17.64 4.11
C ALA A 116 -38.88 -19.08 4.04
N ASP A 117 -37.56 -19.23 3.99
CA ASP A 117 -36.90 -20.57 4.05
C ASP A 117 -36.50 -20.95 5.49
N GLY A 118 -36.76 -20.09 6.47
CA GLY A 118 -36.57 -20.46 7.88
C GLY A 118 -35.34 -19.84 8.53
N LEU A 119 -34.55 -19.07 7.78
CA LEU A 119 -33.33 -18.43 8.33
C LEU A 119 -33.70 -17.24 9.23
N ASP A 120 -32.92 -17.03 10.27
CA ASP A 120 -33.12 -15.95 11.26
C ASP A 120 -32.10 -14.82 11.09
N MET A 121 -30.96 -15.11 10.46
CA MET A 121 -29.81 -14.18 10.49
C MET A 121 -29.04 -14.26 9.18
N SER A 122 -28.56 -13.12 8.74
CA SER A 122 -27.56 -13.07 7.65
C SER A 122 -26.24 -12.51 8.15
N PHE A 123 -25.15 -13.08 7.66
CA PHE A 123 -23.82 -12.47 7.90
C PHE A 123 -23.63 -11.38 6.84
N SER A 124 -24.28 -10.26 7.07
CA SER A 124 -24.39 -9.10 6.13
CA SER A 124 -24.36 -9.09 6.15
C SER A 124 -25.02 -7.97 6.94
N PRO A 125 -24.81 -6.67 6.60
CA PRO A 125 -24.02 -6.23 5.45
C PRO A 125 -22.51 -6.28 5.71
N MET A 126 -21.75 -6.46 4.63
CA MET A 126 -20.28 -6.18 4.62
C MET A 126 -20.05 -4.68 4.39
N VAL A 127 -19.42 -4.00 5.33
CA VAL A 127 -19.30 -2.51 5.33
C VAL A 127 -17.86 -2.05 5.44
N ASP A 128 -16.92 -2.91 5.06
CA ASP A 128 -15.47 -2.62 5.12
C ASP A 128 -15.13 -1.62 4.00
N ILE A 129 -14.50 -0.49 4.32
CA ILE A 129 -14.08 0.47 3.26
C ILE A 129 -12.97 -0.18 2.42
N THR A 130 -12.97 0.01 1.12
CA THR A 130 -11.97 -0.62 0.22
C THR A 130 -11.29 0.46 -0.62
N ARG A 131 -9.99 0.63 -0.45
CA ARG A 131 -9.17 1.59 -1.25
C ARG A 131 -8.21 0.82 -2.13
N ASP A 132 -8.19 -0.50 -2.02
CA ASP A 132 -7.17 -1.33 -2.72
C ASP A 132 -7.93 -2.30 -3.62
N ALA A 133 -7.94 -2.03 -4.93
CA ALA A 133 -8.63 -2.82 -5.96
C ALA A 133 -8.16 -4.26 -6.04
N ARG A 134 -6.97 -4.59 -5.52
CA ARG A 134 -6.42 -5.96 -5.71
C ARG A 134 -7.19 -6.94 -4.83
N TRP A 135 -7.71 -6.48 -3.71
CA TRP A 135 -8.40 -7.38 -2.73
C TRP A 135 -9.60 -8.09 -3.35
N GLY A 136 -9.69 -9.42 -3.20
CA GLY A 136 -10.81 -10.20 -3.75
C GLY A 136 -12.16 -9.78 -3.23
N ARG A 137 -12.20 -9.25 -2.02
CA ARG A 137 -13.52 -9.03 -1.39
C ARG A 137 -14.02 -7.61 -1.66
N VAL A 138 -13.39 -6.83 -2.53
CA VAL A 138 -13.97 -5.49 -2.87
CA VAL A 138 -13.97 -5.50 -2.89
C VAL A 138 -15.40 -5.68 -3.39
N SER A 139 -15.69 -6.81 -4.05
CA SER A 139 -17.03 -7.09 -4.64
C SER A 139 -18.10 -7.10 -3.56
N GLU A 140 -17.74 -7.37 -2.31
CA GLU A 140 -18.72 -7.53 -1.19
C GLU A 140 -19.07 -6.22 -0.52
N GLY A 141 -18.30 -5.16 -0.76
CA GLY A 141 -18.56 -3.86 -0.13
C GLY A 141 -19.25 -2.86 -1.05
N PHE A 142 -19.29 -1.62 -0.58
CA PHE A 142 -19.97 -0.49 -1.24
C PHE A 142 -18.97 0.53 -1.82
N GLY A 143 -17.70 0.18 -1.90
CA GLY A 143 -16.63 1.02 -2.49
C GLY A 143 -15.78 1.74 -1.45
N GLU A 144 -15.29 2.93 -1.81
CA GLU A 144 -14.14 3.56 -1.11
C GLU A 144 -14.63 4.68 -0.18
N ASP A 145 -15.92 5.07 -0.21
CA ASP A 145 -16.32 6.30 0.50
C ASP A 145 -16.95 5.99 1.85
N THR A 146 -16.50 6.68 2.89
CA THR A 146 -16.99 6.51 4.27
C THR A 146 -18.45 6.95 4.39
N TYR A 147 -18.81 8.11 3.85
CA TYR A 147 -20.18 8.68 3.97
C TYR A 147 -21.18 7.72 3.30
N LEU A 148 -20.92 7.35 2.06
CA LEU A 148 -21.85 6.52 1.29
C LEU A 148 -21.97 5.14 1.96
N THR A 149 -20.86 4.52 2.26
CA THR A 149 -20.84 3.15 2.85
C THR A 149 -21.56 3.20 4.21
N SER A 150 -21.34 4.25 4.98
CA SER A 150 -22.01 4.41 6.30
C SER A 150 -23.52 4.51 6.14
N LEU A 151 -23.95 5.29 5.17
CA LEU A 151 -25.40 5.44 4.90
C LEU A 151 -25.99 4.08 4.48
N LEU A 152 -25.37 3.42 3.55
CA LEU A 152 -25.91 2.14 3.05
C LEU A 152 -25.83 1.04 4.13
N SER A 153 -24.83 1.11 5.02
CA SER A 153 -24.71 0.17 6.16
C SER A 153 -26.01 0.25 6.99
N GLY A 154 -26.41 1.45 7.39
CA GLY A 154 -27.64 1.64 8.18
C GLY A 154 -28.89 1.20 7.42
N VAL A 155 -28.97 1.53 6.12
CA VAL A 155 -30.11 1.17 5.23
C VAL A 155 -30.26 -0.35 5.18
N MET A 156 -29.16 -1.06 5.03
CA MET A 156 -29.15 -2.55 4.90
C MET A 156 -29.68 -3.14 6.22
N VAL A 157 -29.17 -2.65 7.34
CA VAL A 157 -29.58 -3.20 8.66
C VAL A 157 -31.07 -2.97 8.86
N ARG A 158 -31.54 -1.76 8.68
CA ARG A 158 -32.98 -1.42 8.85
C ARG A 158 -33.83 -2.26 7.91
N ALA A 159 -33.39 -2.48 6.69
CA ALA A 159 -34.17 -3.22 5.69
C ALA A 159 -34.26 -4.70 6.08
N TYR A 160 -33.17 -5.28 6.55
CA TYR A 160 -33.20 -6.69 7.01
C TYR A 160 -34.11 -6.84 8.23
N GLN A 161 -33.95 -5.96 9.21
CA GLN A 161 -34.49 -6.17 10.58
C GLN A 161 -35.91 -5.63 10.66
N GLY A 162 -36.27 -4.70 9.78
CA GLY A 162 -37.62 -4.11 9.71
C GLY A 162 -38.06 -3.48 11.02
N SER A 163 -39.38 -3.41 11.21
CA SER A 163 -40.03 -2.78 12.38
C SER A 163 -39.81 -3.61 13.66
N ASN A 164 -39.67 -4.92 13.50
CA ASN A 164 -39.69 -5.87 14.63
C ASN A 164 -38.87 -7.09 14.25
N LEU A 165 -37.80 -7.39 15.01
CA LEU A 165 -36.93 -8.54 14.70
C LEU A 165 -37.67 -9.88 14.89
N ALA A 166 -38.81 -9.87 15.58
CA ALA A 166 -39.64 -11.08 15.80
C ALA A 166 -40.53 -11.34 14.56
N ALA A 167 -40.64 -10.39 13.62
CA ALA A 167 -41.50 -10.57 12.43
C ALA A 167 -41.00 -11.75 11.64
N PRO A 168 -41.92 -12.59 11.11
CA PRO A 168 -41.52 -13.73 10.31
C PRO A 168 -40.86 -13.35 8.99
N ASP A 169 -40.94 -12.07 8.55
CA ASP A 169 -40.24 -11.68 7.31
C ASP A 169 -38.98 -10.84 7.62
N SER A 170 -38.56 -10.80 8.89
CA SER A 170 -37.34 -10.09 9.36
C SER A 170 -36.22 -11.12 9.54
N ILE A 171 -34.98 -10.67 9.38
CA ILE A 171 -33.78 -11.43 9.81
C ILE A 171 -32.86 -10.46 10.57
N MET A 172 -31.99 -11.01 11.41
CA MET A 172 -31.01 -10.22 12.16
C MET A 172 -29.82 -9.95 11.23
N ALA A 173 -29.32 -8.73 11.27
CA ALA A 173 -28.08 -8.37 10.56
C ALA A 173 -26.89 -8.66 11.50
N ALA A 174 -25.94 -9.41 10.98
CA ALA A 174 -24.61 -9.57 11.60
C ALA A 174 -23.63 -8.79 10.72
N VAL A 175 -23.44 -7.51 11.07
CA VAL A 175 -22.55 -6.58 10.31
C VAL A 175 -21.12 -7.12 10.35
N LYS A 176 -20.42 -7.03 9.21
CA LYS A 176 -19.04 -7.59 9.11
C LYS A 176 -18.19 -6.64 8.25
N HIS A 177 -16.88 -6.79 8.27
CA HIS A 177 -16.07 -7.61 9.15
C HIS A 177 -15.33 -6.69 10.14
N PHE A 178 -15.69 -6.74 11.41
CA PHE A 178 -15.25 -5.75 12.41
C PHE A 178 -13.86 -6.18 12.88
N ALA A 179 -12.77 -5.50 12.45
CA ALA A 179 -12.82 -4.26 11.68
C ALA A 179 -11.57 -4.12 10.81
N LEU A 180 -11.68 -3.25 9.80
CA LEU A 180 -10.59 -2.70 8.93
C LEU A 180 -10.12 -3.76 7.92
N TYR A 181 -10.90 -4.82 7.73
CA TYR A 181 -10.47 -6.01 6.97
C TYR A 181 -10.05 -5.64 5.52
N GLY A 182 -10.69 -4.66 4.90
CA GLY A 182 -10.42 -4.22 3.51
C GLY A 182 -9.14 -3.41 3.33
N ALA A 183 -8.42 -3.10 4.42
CA ALA A 183 -7.14 -2.36 4.36
C ALA A 183 -5.95 -3.33 4.33
N ALA A 184 -6.19 -4.62 4.09
CA ALA A 184 -5.11 -5.65 4.08
C ALA A 184 -3.90 -5.15 3.27
N GLU A 185 -2.70 -5.29 3.83
CA GLU A 185 -1.46 -4.86 3.14
C GLU A 185 -1.30 -5.66 1.85
N GLY A 186 -0.93 -4.99 0.78
CA GLY A 186 -0.72 -5.66 -0.51
C GLY A 186 -2.01 -6.11 -1.18
N GLY A 187 -3.13 -5.76 -0.59
CA GLY A 187 -4.44 -6.26 -1.01
C GLY A 187 -4.55 -7.78 -0.91
N ARG A 188 -3.65 -8.43 -0.16
CA ARG A 188 -3.66 -9.90 0.06
C ARG A 188 -4.70 -10.23 1.12
N ASP A 189 -5.62 -11.15 0.82
CA ASP A 189 -6.67 -11.44 1.80
C ASP A 189 -6.02 -11.90 3.11
N TYR A 190 -6.68 -11.54 4.23
CA TYR A 190 -6.32 -11.92 5.62
C TYR A 190 -5.03 -11.23 6.09
N ASN A 191 -4.44 -10.36 5.27
CA ASN A 191 -3.12 -9.78 5.59
C ASN A 191 -3.23 -8.64 6.63
N THR A 192 -2.10 -8.38 7.24
CA THR A 192 -1.79 -7.25 8.15
C THR A 192 -2.56 -5.97 7.79
N VAL A 193 -3.14 -5.32 8.80
CA VAL A 193 -3.71 -3.99 8.69
C VAL A 193 -3.03 -3.13 9.70
N ASP A 194 -2.48 -2.05 9.20
CA ASP A 194 -1.71 -1.13 10.06
C ASP A 194 -2.12 0.28 9.69
N MET A 195 -2.64 1.05 10.65
CA MET A 195 -3.05 2.41 10.28
C MET A 195 -3.09 3.26 11.55
N SER A 196 -3.06 4.56 11.37
CA SER A 196 -3.13 5.51 12.50
C SER A 196 -4.54 5.51 13.10
N LEU A 197 -4.64 5.98 14.33
CA LEU A 197 -5.96 6.04 14.94
C LEU A 197 -6.78 7.15 14.30
N PRO A 198 -6.25 8.36 13.94
CA PRO A 198 -7.12 9.33 13.27
C PRO A 198 -7.75 8.81 11.96
N ARG A 199 -6.98 8.08 11.16
CA ARG A 199 -7.50 7.47 9.92
C ARG A 199 -8.58 6.42 10.26
N MET A 200 -8.28 5.55 11.22
CA MET A 200 -9.22 4.50 11.67
C MET A 200 -10.57 5.15 12.03
N PHE A 201 -10.54 6.15 12.91
CA PHE A 201 -11.77 6.75 13.46
C PHE A 201 -12.52 7.55 12.41
N GLN A 202 -11.81 8.32 11.61
CA GLN A 202 -12.48 9.21 10.63
C GLN A 202 -13.01 8.41 9.45
N ASP A 203 -12.26 7.44 8.93
CA ASP A 203 -12.51 6.87 7.59
C ASP A 203 -12.99 5.42 7.63
N TYR A 204 -12.51 4.59 8.54
CA TYR A 204 -12.74 3.14 8.48
C TYR A 204 -13.83 2.67 9.46
N LEU A 205 -13.88 3.21 10.68
CA LEU A 205 -14.83 2.71 11.71
C LEU A 205 -16.26 3.19 11.50
N PRO A 206 -16.55 4.39 10.95
CA PRO A 206 -17.94 4.86 10.90
C PRO A 206 -18.99 3.93 10.31
N PRO A 207 -18.74 3.11 9.26
CA PRO A 207 -19.78 2.21 8.78
C PRO A 207 -20.19 1.13 9.78
N TYR A 208 -19.27 0.68 10.63
CA TYR A 208 -19.62 -0.34 11.67
C TYR A 208 -20.48 0.34 12.73
N LYS A 209 -20.15 1.59 13.08
CA LYS A 209 -20.92 2.33 14.09
C LYS A 209 -22.30 2.66 13.51
N ALA A 210 -22.40 2.95 12.21
CA ALA A 210 -23.73 3.19 11.58
C ALA A 210 -24.60 1.94 11.74
N ALA A 211 -24.01 0.75 11.58
CA ALA A 211 -24.78 -0.50 11.67
C ALA A 211 -25.26 -0.69 13.12
N VAL A 212 -24.38 -0.46 14.08
CA VAL A 212 -24.72 -0.55 15.53
C VAL A 212 -25.86 0.43 15.83
N ASP A 213 -25.74 1.66 15.35
CA ASP A 213 -26.71 2.74 15.63
C ASP A 213 -28.06 2.43 14.94
N ALA A 214 -28.06 1.69 13.82
CA ALA A 214 -29.30 1.27 13.14
C ALA A 214 -29.91 0.09 13.90
N GLY A 215 -29.21 -0.43 14.91
CA GLY A 215 -29.71 -1.51 15.78
C GLY A 215 -29.32 -2.89 15.28
N ALA A 216 -28.23 -3.04 14.55
CA ALA A 216 -27.73 -4.39 14.15
C ALA A 216 -27.69 -5.27 15.40
N GLY A 217 -28.22 -6.48 15.27
CA GLY A 217 -28.26 -7.46 16.37
C GLY A 217 -26.93 -8.14 16.64
N ALA A 218 -26.07 -8.26 15.63
CA ALA A 218 -24.80 -9.01 15.75
C ALA A 218 -23.69 -8.31 15.00
N VAL A 219 -22.47 -8.61 15.44
CA VAL A 219 -21.22 -8.14 14.79
C VAL A 219 -20.32 -9.34 14.54
N MET A 220 -19.93 -9.55 13.28
CA MET A 220 -18.94 -10.58 12.94
C MET A 220 -17.53 -10.01 12.95
N VAL A 221 -16.68 -10.66 13.73
CA VAL A 221 -15.31 -10.19 14.02
C VAL A 221 -14.41 -10.61 12.87
N SER A 222 -13.49 -9.72 12.46
CA SER A 222 -12.59 -9.98 11.30
C SER A 222 -11.40 -10.90 11.64
N LEU A 223 -10.74 -11.35 10.57
CA LEU A 223 -9.64 -12.33 10.56
C LEU A 223 -8.26 -11.66 10.69
N ASN A 224 -8.17 -10.35 10.45
CA ASN A 224 -6.88 -9.62 10.35
C ASN A 224 -6.39 -9.08 11.70
N THR A 225 -5.08 -8.83 11.77
CA THR A 225 -4.49 -7.95 12.80
C THR A 225 -4.91 -6.50 12.58
N ILE A 226 -5.09 -5.81 13.70
CA ILE A 226 -5.24 -4.35 13.72
C ILE A 226 -4.02 -3.84 14.49
N ASN A 227 -3.07 -3.21 13.82
CA ASN A 227 -1.88 -2.67 14.49
C ASN A 227 -1.24 -3.74 15.37
N GLY A 228 -1.10 -4.97 14.86
CA GLY A 228 -0.43 -6.06 15.57
C GLY A 228 -1.33 -6.98 16.36
N VAL A 229 -2.60 -6.63 16.58
CA VAL A 229 -3.47 -7.48 17.43
C VAL A 229 -4.62 -7.99 16.57
N PRO A 230 -4.72 -9.33 16.41
CA PRO A 230 -5.87 -9.89 15.72
C PRO A 230 -7.18 -9.37 16.35
N ALA A 231 -8.13 -9.01 15.50
CA ALA A 231 -9.46 -8.54 15.92
C ALA A 231 -10.09 -9.52 16.94
N THR A 232 -9.93 -10.80 16.73
CA THR A 232 -10.53 -11.88 17.58
C THR A 232 -9.94 -11.83 19.01
N ALA A 233 -8.74 -11.25 19.20
CA ALA A 233 -8.11 -11.12 20.53
C ALA A 233 -8.02 -9.67 21.00
N ASN A 234 -8.76 -8.76 20.38
CA ASN A 234 -8.52 -7.30 20.54
C ASN A 234 -9.55 -6.76 21.53
N ARG A 235 -9.20 -6.74 22.81
CA ARG A 235 -10.10 -6.25 23.86
C ARG A 235 -10.41 -4.76 23.66
N TRP A 236 -9.46 -4.00 23.16
CA TRP A 236 -9.72 -2.58 22.89
C TRP A 236 -10.85 -2.45 21.87
N LEU A 237 -10.75 -3.18 20.76
CA LEU A 237 -11.77 -3.10 19.69
C LEU A 237 -13.13 -3.61 20.17
N LEU A 238 -13.18 -4.79 20.79
CA LEU A 238 -14.48 -5.51 20.97
C LEU A 238 -15.16 -5.11 22.27
N THR A 239 -14.41 -4.66 23.26
CA THR A 239 -14.92 -4.28 24.59
C THR A 239 -14.87 -2.75 24.74
N ASP A 240 -13.68 -2.14 24.76
CA ASP A 240 -13.53 -0.69 25.04
C ASP A 240 -14.30 0.12 23.99
N LEU A 241 -14.10 -0.17 22.71
CA LEU A 241 -14.74 0.62 21.65
C LEU A 241 -16.18 0.17 21.44
N LEU A 242 -16.37 -1.09 21.05
CA LEU A 242 -17.71 -1.58 20.59
C LEU A 242 -18.74 -1.50 21.72
N ARG A 243 -18.38 -1.92 22.93
CA ARG A 243 -19.32 -1.96 24.07
C ARG A 243 -19.29 -0.67 24.88
N GLN A 244 -18.14 -0.29 25.41
CA GLN A 244 -18.08 0.83 26.39
C GLN A 244 -18.33 2.16 25.66
N GLN A 245 -17.72 2.40 24.51
CA GLN A 245 -17.84 3.71 23.84
C GLN A 245 -19.09 3.72 22.96
N TRP A 246 -19.36 2.67 22.18
CA TRP A 246 -20.46 2.71 21.18
C TRP A 246 -21.77 2.20 21.78
N GLY A 247 -21.72 1.51 22.92
CA GLY A 247 -22.93 1.03 23.61
C GLY A 247 -23.57 -0.16 22.92
N PHE A 248 -22.85 -0.93 22.12
CA PHE A 248 -23.44 -2.09 21.43
C PHE A 248 -23.88 -3.13 22.47
N LYS A 249 -25.14 -3.60 22.35
CA LYS A 249 -25.77 -4.49 23.34
C LYS A 249 -26.02 -5.87 22.75
N GLY A 250 -25.52 -6.14 21.54
CA GLY A 250 -25.82 -7.37 20.80
C GLY A 250 -24.74 -8.41 20.92
N LEU A 251 -24.67 -9.26 19.91
CA LEU A 251 -23.92 -10.52 19.93
C LEU A 251 -22.65 -10.37 19.09
N THR A 252 -21.49 -10.76 19.59
CA THR A 252 -20.27 -10.85 18.74
C THR A 252 -20.05 -12.30 18.31
N ILE A 253 -19.75 -12.49 17.04
CA ILE A 253 -19.56 -13.83 16.45
C ILE A 253 -18.16 -13.84 15.84
N SER A 254 -17.40 -14.90 16.12
CA SER A 254 -16.08 -15.09 15.46
C SER A 254 -16.31 -15.55 13.99
N ASN A 255 -15.27 -15.40 13.15
CA ASN A 255 -15.25 -16.03 11.80
C ASN A 255 -14.75 -17.47 11.94
N HIS A 256 -14.86 -18.23 10.87
CA HIS A 256 -14.58 -19.68 10.83
C HIS A 256 -13.12 -19.94 11.25
N GLY A 257 -12.88 -20.65 12.34
CA GLY A 257 -11.50 -20.96 12.76
C GLY A 257 -10.74 -19.77 13.33
N ALA A 258 -11.37 -18.59 13.52
CA ALA A 258 -10.66 -17.36 13.92
C ALA A 258 -10.00 -17.53 15.30
N VAL A 259 -10.63 -18.25 16.22
CA VAL A 259 -10.07 -18.39 17.59
C VAL A 259 -8.79 -19.24 17.47
N LYS A 260 -8.89 -20.37 16.79
CA LYS A 260 -7.72 -21.25 16.57
C LYS A 260 -6.60 -20.51 15.82
N GLU A 261 -6.93 -19.63 14.87
CA GLU A 261 -5.92 -18.90 14.07
C GLU A 261 -5.10 -17.92 14.94
N LEU A 262 -5.46 -17.64 16.17
CA LEU A 262 -4.62 -16.80 17.06
C LEU A 262 -3.27 -17.48 17.28
N ILE A 263 -3.20 -18.81 17.07
CA ILE A 263 -1.91 -19.53 17.21
C ILE A 263 -1.01 -19.15 16.01
N LYS A 264 -1.56 -19.21 14.80
CA LYS A 264 -0.81 -18.83 13.58
C LYS A 264 -0.39 -17.35 13.63
N HIS A 265 -1.22 -16.45 14.13
CA HIS A 265 -0.90 -15.00 14.30
C HIS A 265 0.27 -14.85 15.30
N GLY A 266 0.57 -15.87 16.13
CA GLY A 266 1.60 -15.76 17.16
C GLY A 266 1.16 -14.97 18.40
N LEU A 267 -0.13 -15.01 18.75
CA LEU A 267 -0.63 -14.46 20.04
C LEU A 267 -0.76 -15.59 21.08
N ALA A 268 -0.80 -16.84 20.64
CA ALA A 268 -1.05 -17.98 21.55
C ALA A 268 -0.20 -19.14 21.10
N GLY A 269 0.25 -19.96 22.03
CA GLY A 269 1.04 -21.16 21.68
C GLY A 269 0.19 -22.40 21.62
N ASN A 270 -1.07 -22.29 22.01
CA ASN A 270 -1.95 -23.49 22.09
C ASN A 270 -3.41 -23.04 22.12
N GLU A 271 -4.30 -24.00 21.99
CA GLU A 271 -5.77 -23.73 21.84
C GLU A 271 -6.38 -23.16 23.13
N ARG A 272 -5.86 -23.56 24.27
CA ARG A 272 -6.35 -23.15 25.60
C ARG A 272 -6.11 -21.64 25.76
N ASP A 273 -4.89 -21.20 25.46
CA ASP A 273 -4.54 -19.75 25.53
C ASP A 273 -5.31 -18.98 24.44
N ALA A 274 -5.53 -19.55 23.25
CA ALA A 274 -6.30 -18.83 22.21
C ALA A 274 -7.73 -18.60 22.69
N THR A 275 -8.33 -19.63 23.30
CA THR A 275 -9.70 -19.55 23.83
C THR A 275 -9.79 -18.44 24.88
N ARG A 276 -8.83 -18.39 25.78
CA ARG A 276 -8.84 -17.38 26.86
C ARG A 276 -8.83 -15.99 26.23
N LEU A 277 -7.94 -15.77 25.26
CA LEU A 277 -7.77 -14.42 24.65
C LEU A 277 -9.08 -14.00 23.99
N ALA A 278 -9.70 -14.89 23.22
CA ALA A 278 -10.95 -14.57 22.49
C ALA A 278 -12.10 -14.25 23.44
N ILE A 279 -12.35 -15.08 24.46
CA ILE A 279 -13.57 -14.82 25.27
C ILE A 279 -13.32 -13.54 26.10
N GLN A 280 -12.09 -13.30 26.56
CA GLN A 280 -11.81 -12.10 27.41
C GLN A 280 -11.80 -10.83 26.54
N ALA A 281 -11.47 -10.94 25.26
CA ALA A 281 -11.47 -9.80 24.33
C ALA A 281 -12.89 -9.33 24.09
N GLY A 282 -13.85 -10.26 24.13
CA GLY A 282 -15.28 -9.98 23.93
C GLY A 282 -15.89 -10.71 22.75
N VAL A 283 -15.36 -11.87 22.35
CA VAL A 283 -15.99 -12.74 21.31
C VAL A 283 -17.00 -13.67 22.02
N ASP A 284 -18.27 -13.57 21.71
CA ASP A 284 -19.35 -14.31 22.42
C ASP A 284 -19.48 -15.70 21.83
N MET A 285 -19.47 -15.80 20.51
CA MET A 285 -19.86 -17.03 19.82
C MET A 285 -18.72 -17.49 18.89
N ASN A 286 -18.41 -18.79 18.94
CA ASN A 286 -17.24 -19.46 18.37
C ASN A 286 -17.73 -20.22 17.15
N MET A 287 -17.34 -19.80 15.94
CA MET A 287 -17.75 -20.50 14.70
C MET A 287 -16.82 -21.69 14.40
N ASN A 288 -17.38 -22.90 14.39
CA ASN A 288 -16.86 -24.21 13.92
C ASN A 288 -15.67 -24.79 14.69
N ASP A 289 -14.67 -24.07 15.18
CA ASP A 289 -13.41 -24.76 15.63
C ASP A 289 -13.60 -25.44 16.99
N ASP A 290 -14.70 -25.14 17.70
CA ASP A 290 -15.16 -25.83 18.93
C ASP A 290 -14.18 -25.63 20.09
N LEU A 291 -13.34 -24.59 20.04
CA LEU A 291 -12.37 -24.35 21.12
C LEU A 291 -13.11 -23.97 22.42
N TYR A 292 -14.22 -23.24 22.32
CA TYR A 292 -14.93 -22.77 23.54
C TYR A 292 -15.45 -23.98 24.31
N SER A 293 -16.10 -24.90 23.60
CA SER A 293 -16.67 -26.12 24.22
C SER A 293 -15.54 -26.96 24.81
N THR A 294 -14.38 -26.98 24.14
CA THR A 294 -13.23 -27.84 24.54
C THR A 294 -12.55 -27.23 25.77
N TRP A 295 -12.38 -25.91 25.83
CA TRP A 295 -11.44 -25.27 26.79
C TRP A 295 -12.10 -24.36 27.84
N LEU A 296 -13.31 -23.83 27.65
CA LEU A 296 -13.83 -22.86 28.66
C LEU A 296 -13.96 -23.52 30.04
N PRO A 297 -14.43 -24.78 30.18
CA PRO A 297 -14.53 -25.36 31.53
C PRO A 297 -13.18 -25.41 32.26
N LYS A 298 -12.14 -25.87 31.56
CA LYS A 298 -10.77 -25.97 32.14
C LYS A 298 -10.24 -24.58 32.51
N LEU A 299 -10.44 -23.60 31.64
CA LEU A 299 -10.00 -22.20 31.92
C LEU A 299 -10.69 -21.66 33.17
N LEU A 300 -11.99 -21.87 33.32
CA LEU A 300 -12.72 -21.32 34.48
C LEU A 300 -12.21 -22.01 35.75
N ALA A 301 -12.09 -23.33 35.73
CA ALA A 301 -11.66 -24.12 36.91
C ALA A 301 -10.27 -23.66 37.39
N ALA A 302 -9.41 -23.24 36.46
CA ALA A 302 -8.01 -22.84 36.73
C ALA A 302 -7.93 -21.36 37.09
N GLY A 303 -9.05 -20.61 37.07
CA GLY A 303 -9.09 -19.18 37.41
C GLY A 303 -8.47 -18.33 36.32
N GLU A 304 -8.39 -18.87 35.11
CA GLU A 304 -7.78 -18.18 33.93
C GLU A 304 -8.82 -17.28 33.26
N ILE A 305 -10.10 -17.54 33.49
CA ILE A 305 -11.20 -16.62 33.07
C ILE A 305 -12.16 -16.51 34.23
N ASP A 306 -13.15 -15.62 34.09
CA ASP A 306 -14.14 -15.32 35.15
C ASP A 306 -15.49 -15.89 34.73
N GLN A 307 -16.33 -16.24 35.70
CA GLN A 307 -17.71 -16.66 35.40
C GLN A 307 -18.39 -15.57 34.55
N ALA A 308 -18.13 -14.29 34.82
CA ALA A 308 -18.71 -13.14 34.07
C ALA A 308 -18.40 -13.18 32.57
N ASP A 309 -17.24 -13.69 32.15
CA ASP A 309 -16.87 -13.90 30.72
C ASP A 309 -17.90 -14.84 30.05
N ILE A 310 -18.19 -15.98 30.67
CA ILE A 310 -19.19 -16.96 30.14
CA ILE A 310 -19.18 -16.96 30.15
C ILE A 310 -20.56 -16.32 30.19
N ASP A 311 -20.90 -15.68 31.31
CA ASP A 311 -22.25 -15.10 31.49
C ASP A 311 -22.50 -14.01 30.44
N ARG A 312 -21.51 -13.19 30.14
CA ARG A 312 -21.66 -12.09 29.16
C ARG A 312 -22.02 -12.72 27.81
N ALA A 313 -21.25 -13.71 27.42
CA ALA A 313 -21.34 -14.38 26.10
C ALA A 313 -22.69 -15.06 25.97
N CYS A 314 -23.10 -15.78 27.03
CA CYS A 314 -24.37 -16.52 27.00
C CYS A 314 -25.55 -15.54 26.98
N ARG A 315 -25.54 -14.47 27.79
CA ARG A 315 -26.64 -13.48 27.80
C ARG A 315 -26.83 -12.93 26.40
N ASP A 316 -25.74 -12.64 25.71
CA ASP A 316 -25.78 -12.03 24.36
C ASP A 316 -26.46 -13.02 23.40
N VAL A 317 -26.12 -14.31 23.48
CA VAL A 317 -26.77 -15.30 22.57
C VAL A 317 -28.26 -15.37 22.90
N LEU A 318 -28.63 -15.48 24.19
CA LEU A 318 -30.06 -15.59 24.58
C LEU A 318 -30.83 -14.34 24.18
N ALA A 319 -30.22 -13.16 24.34
CA ALA A 319 -30.85 -11.87 23.97
C ALA A 319 -31.11 -11.83 22.48
N ALA A 320 -30.19 -12.32 21.65
CA ALA A 320 -30.42 -12.39 20.18
C ALA A 320 -31.66 -13.26 19.87
N LYS A 321 -31.72 -14.43 20.48
CA LYS A 321 -32.85 -15.37 20.26
C LYS A 321 -34.17 -14.73 20.74
N TYR A 322 -34.14 -14.02 21.86
CA TYR A 322 -35.33 -13.34 22.43
C TYR A 322 -35.86 -12.34 21.38
N ASP A 323 -34.96 -11.49 20.87
CA ASP A 323 -35.34 -10.42 19.91
C ASP A 323 -35.86 -11.04 18.61
N LEU A 324 -35.34 -12.21 18.24
CA LEU A 324 -35.76 -12.90 17.01
C LEU A 324 -37.14 -13.56 17.18
N GLY A 325 -37.64 -13.60 18.40
CA GLY A 325 -38.99 -14.14 18.73
C GLY A 325 -38.96 -15.63 18.99
N LEU A 326 -37.78 -16.23 19.14
CA LEU A 326 -37.63 -17.71 19.13
C LEU A 326 -38.06 -18.32 20.45
N PHE A 327 -38.06 -17.57 21.53
CA PHE A 327 -38.58 -18.06 22.84
C PHE A 327 -40.10 -18.00 22.83
N ALA A 328 -40.69 -17.10 22.04
CA ALA A 328 -42.17 -17.01 21.88
C ALA A 328 -42.63 -18.15 20.97
N ASP A 329 -41.93 -18.38 19.85
CA ASP A 329 -42.27 -19.49 18.94
C ASP A 329 -41.05 -19.85 18.15
N PRO A 330 -40.43 -21.02 18.44
CA PRO A 330 -39.22 -21.46 17.74
C PRO A 330 -39.49 -21.74 16.25
N TYR A 331 -40.77 -21.86 15.86
CA TYR A 331 -41.18 -22.19 14.47
C TYR A 331 -41.75 -20.97 13.75
N ARG A 332 -41.52 -19.77 14.24
CA ARG A 332 -42.21 -18.57 13.70
C ARG A 332 -41.80 -18.33 12.24
N ARG A 333 -40.61 -18.75 11.82
CA ARG A 333 -40.21 -18.60 10.38
C ARG A 333 -40.39 -19.92 9.63
N LEU A 334 -40.97 -20.93 10.27
CA LEU A 334 -40.96 -22.30 9.67
C LEU A 334 -42.38 -22.82 9.40
N GLY A 335 -43.38 -21.94 9.42
CA GLY A 335 -44.80 -22.25 9.21
C GLY A 335 -45.28 -23.30 10.20
N LYS A 336 -46.28 -24.09 9.78
CA LYS A 336 -46.97 -25.06 10.66
C LYS A 336 -46.62 -26.48 10.24
N PRO A 337 -46.67 -27.44 11.19
CA PRO A 337 -46.20 -28.80 10.95
C PRO A 337 -47.02 -29.48 9.84
N ASP A 338 -48.21 -28.94 9.62
CA ASP A 338 -49.26 -29.45 8.70
C ASP A 338 -49.08 -28.93 7.28
N ASP A 339 -48.23 -27.93 7.10
CA ASP A 339 -48.19 -27.18 5.81
C ASP A 339 -47.83 -28.19 4.75
N PRO A 340 -48.40 -28.07 3.53
CA PRO A 340 -47.99 -28.97 2.45
C PRO A 340 -46.53 -28.64 2.10
N PRO A 341 -45.72 -29.66 1.73
CA PRO A 341 -44.37 -29.40 1.21
C PRO A 341 -44.46 -28.67 -0.14
N PHE A 342 -43.41 -27.92 -0.47
CA PHE A 342 -43.34 -27.05 -1.67
C PHE A 342 -41.93 -27.18 -2.25
N ASP A 343 -41.76 -26.73 -3.49
CA ASP A 343 -40.43 -26.67 -4.13
C ASP A 343 -39.75 -25.39 -3.63
N THR A 344 -38.64 -25.53 -2.91
CA THR A 344 -37.91 -24.35 -2.37
C THR A 344 -37.53 -23.44 -3.54
N ASN A 345 -37.22 -24.01 -4.71
CA ASN A 345 -36.69 -23.25 -5.87
C ASN A 345 -37.79 -22.95 -6.88
N ALA A 346 -39.05 -23.06 -6.51
CA ALA A 346 -40.16 -22.74 -7.44
C ALA A 346 -40.05 -21.29 -7.94
N GLU A 347 -40.36 -21.14 -9.21
CA GLU A 347 -40.35 -19.85 -9.94
C GLU A 347 -41.24 -18.84 -9.21
N SER A 348 -42.38 -19.29 -8.63
CA SER A 348 -43.36 -18.39 -7.96
C SER A 348 -42.79 -17.81 -6.67
N ARG A 349 -41.68 -18.32 -6.13
CA ARG A 349 -41.09 -17.81 -4.87
C ARG A 349 -39.93 -16.83 -5.17
N LEU A 350 -39.63 -16.60 -6.45
CA LEU A 350 -38.59 -15.61 -6.85
C LEU A 350 -39.22 -14.23 -6.97
N HIS A 351 -38.39 -13.21 -7.06
CA HIS A 351 -38.81 -11.80 -7.18
C HIS A 351 -38.05 -11.21 -8.37
N ARG A 352 -38.29 -11.76 -9.56
CA ARG A 352 -37.52 -11.35 -10.76
C ARG A 352 -37.76 -9.88 -11.13
N GLN A 353 -38.96 -9.35 -10.95
CA GLN A 353 -39.24 -7.93 -11.28
C GLN A 353 -38.31 -7.04 -10.44
N ALA A 354 -38.19 -7.29 -9.15
CA ALA A 354 -37.32 -6.47 -8.27
C ALA A 354 -35.86 -6.65 -8.68
N ALA A 355 -35.40 -7.87 -8.97
CA ALA A 355 -34.00 -8.11 -9.36
C ALA A 355 -33.71 -7.35 -10.66
N ARG A 356 -34.67 -7.35 -11.60
CA ARG A 356 -34.46 -6.69 -12.93
C ARG A 356 -34.41 -5.17 -12.74
N GLU A 357 -35.36 -4.61 -11.98
CA GLU A 357 -35.37 -3.14 -11.71
C GLU A 357 -34.15 -2.69 -10.90
N VAL A 358 -33.72 -3.48 -9.91
CA VAL A 358 -32.52 -3.12 -9.11
C VAL A 358 -31.30 -3.18 -9.99
N ALA A 359 -31.17 -4.25 -10.79
CA ALA A 359 -29.96 -4.50 -11.58
C ALA A 359 -29.78 -3.36 -12.59
N ARG A 360 -30.87 -2.81 -13.12
CA ARG A 360 -30.77 -1.71 -14.12
C ARG A 360 -30.07 -0.49 -13.52
N GLU A 361 -30.29 -0.23 -12.22
CA GLU A 361 -29.85 1.00 -11.51
C GLU A 361 -28.33 1.02 -11.27
N GLY A 362 -27.69 -0.14 -11.24
CA GLY A 362 -26.24 -0.30 -10.93
C GLY A 362 -25.34 -0.28 -12.15
N LEU A 363 -25.89 -0.37 -13.37
CA LEU A 363 -25.07 -0.46 -14.60
C LEU A 363 -24.47 0.91 -14.86
N VAL A 364 -23.18 0.98 -15.14
CA VAL A 364 -22.45 2.26 -15.32
C VAL A 364 -21.98 2.35 -16.75
N LEU A 365 -22.44 3.36 -17.46
CA LEU A 365 -21.95 3.63 -18.82
C LEU A 365 -20.61 4.38 -18.72
N LEU A 366 -19.54 3.79 -19.21
CA LEU A 366 -18.19 4.37 -19.05
C LEU A 366 -17.73 5.08 -20.31
N LYS A 367 -18.23 4.66 -21.47
CA LYS A 367 -17.87 5.31 -22.75
C LYS A 367 -19.02 5.08 -23.72
N ASN A 368 -19.33 6.06 -24.55
CA ASN A 368 -20.35 5.89 -25.62
C ASN A 368 -20.02 6.82 -26.76
N ARG A 369 -19.23 6.34 -27.72
CA ARG A 369 -18.70 7.19 -28.82
C ARG A 369 -19.81 7.40 -29.86
N ASP A 370 -20.14 8.66 -30.11
CA ASP A 370 -21.01 9.09 -31.23
CA ASP A 370 -21.02 9.12 -31.22
C ASP A 370 -22.39 8.43 -31.11
N GLY A 371 -22.88 8.23 -29.89
CA GLY A 371 -24.26 7.74 -29.68
C GLY A 371 -24.46 6.34 -30.25
N LEU A 372 -23.44 5.49 -30.23
CA LEU A 372 -23.62 4.08 -30.68
C LEU A 372 -24.71 3.42 -29.83
N LEU A 373 -24.64 3.59 -28.50
CA LEU A 373 -25.73 3.13 -27.61
C LEU A 373 -26.71 4.28 -27.47
N PRO A 374 -28.01 4.03 -27.36
CA PRO A 374 -28.59 2.69 -27.37
C PRO A 374 -28.66 2.06 -28.77
N LEU A 375 -28.64 0.74 -28.82
CA LEU A 375 -28.73 -0.03 -30.09
C LEU A 375 -30.19 -0.06 -30.57
N LYS A 376 -30.35 -0.17 -31.88
CA LYS A 376 -31.64 -0.51 -32.55
C LYS A 376 -31.79 -2.03 -32.59
N LYS A 377 -33.03 -2.50 -32.41
CA LYS A 377 -33.35 -3.95 -32.42
C LYS A 377 -33.47 -4.40 -33.87
N GLN A 378 -32.33 -4.52 -34.56
CA GLN A 378 -32.32 -4.83 -36.00
C GLN A 378 -30.95 -5.36 -36.39
N GLY A 379 -30.88 -5.95 -37.57
CA GLY A 379 -29.62 -6.35 -38.20
C GLY A 379 -29.04 -7.58 -37.50
N ARG A 380 -27.73 -7.71 -37.61
CA ARG A 380 -26.97 -8.89 -37.15
C ARG A 380 -26.01 -8.42 -36.07
N ILE A 381 -26.14 -9.01 -34.89
CA ILE A 381 -25.34 -8.61 -33.69
C ILE A 381 -24.49 -9.82 -33.30
N ALA A 382 -23.17 -9.69 -33.33
CA ALA A 382 -22.30 -10.78 -32.87
C ALA A 382 -22.22 -10.65 -31.34
N VAL A 383 -22.49 -11.72 -30.61
CA VAL A 383 -22.33 -11.72 -29.13
C VAL A 383 -21.14 -12.64 -28.81
N ILE A 384 -20.06 -12.05 -28.34
CA ILE A 384 -18.73 -12.74 -28.28
C ILE A 384 -18.13 -12.59 -26.90
N GLY A 385 -17.61 -13.67 -26.36
CA GLY A 385 -16.86 -13.59 -25.11
C GLY A 385 -17.23 -14.69 -24.14
N PRO A 386 -16.26 -15.06 -23.28
CA PRO A 386 -16.44 -16.17 -22.34
C PRO A 386 -17.50 -15.88 -21.28
N LEU A 387 -17.94 -14.64 -21.12
CA LEU A 387 -18.99 -14.33 -20.11
C LEU A 387 -20.37 -14.17 -20.76
N ALA A 388 -20.46 -14.26 -22.09
CA ALA A 388 -21.74 -14.00 -22.79
C ALA A 388 -22.81 -15.01 -22.37
N LYS A 389 -22.45 -16.29 -22.27
CA LYS A 389 -23.42 -17.36 -21.93
C LYS A 389 -23.14 -17.94 -20.55
N SER A 390 -22.54 -17.18 -19.65
CA SER A 390 -22.21 -17.73 -18.31
C SER A 390 -23.30 -17.40 -17.31
N GLN A 391 -24.01 -18.43 -16.84
CA GLN A 391 -25.02 -18.29 -15.77
C GLN A 391 -24.30 -18.24 -14.42
N ARG A 392 -23.19 -18.96 -14.29
CA ARG A 392 -22.50 -19.01 -12.99
C ARG A 392 -21.93 -17.63 -12.70
N ASP A 393 -21.37 -16.97 -13.72
CA ASP A 393 -20.69 -15.68 -13.43
C ASP A 393 -21.69 -14.54 -13.21
N VAL A 394 -22.83 -14.56 -13.92
CA VAL A 394 -23.74 -13.39 -13.84
C VAL A 394 -24.24 -13.24 -12.40
N ILE A 395 -24.40 -14.31 -11.63
CA ILE A 395 -24.94 -14.18 -10.22
C ILE A 395 -23.85 -13.77 -9.24
N GLY A 396 -22.58 -13.75 -9.67
CA GLY A 396 -21.53 -13.16 -8.85
C GLY A 396 -21.00 -14.14 -7.82
N SER A 397 -20.03 -13.66 -7.07
CA SER A 397 -19.55 -14.32 -5.84
C SER A 397 -20.59 -14.11 -4.73
N TRP A 398 -20.52 -14.93 -3.67
CA TRP A 398 -21.37 -14.84 -2.47
CA TRP A 398 -21.38 -14.86 -2.48
C TRP A 398 -22.85 -14.85 -2.94
N SER A 399 -23.16 -15.79 -3.81
CA SER A 399 -24.49 -15.92 -4.44
C SER A 399 -25.44 -16.77 -3.58
N ALA A 400 -25.10 -17.08 -2.32
CA ALA A 400 -26.05 -17.69 -1.37
C ALA A 400 -26.75 -18.88 -2.04
N ALA A 401 -28.10 -18.95 -2.03
CA ALA A 401 -28.87 -20.11 -2.55
C ALA A 401 -29.30 -19.84 -4.00
N GLY A 402 -28.68 -18.87 -4.68
CA GLY A 402 -28.92 -18.61 -6.11
C GLY A 402 -28.63 -19.83 -6.95
N VAL A 403 -29.50 -20.12 -7.89
CA VAL A 403 -29.42 -21.30 -8.77
C VAL A 403 -28.95 -20.76 -10.12
N PRO A 404 -27.72 -21.07 -10.56
CA PRO A 404 -27.26 -20.58 -11.86
C PRO A 404 -28.24 -20.86 -13.02
N ARG A 405 -28.88 -22.03 -13.04
CA ARG A 405 -29.77 -22.38 -14.18
C ARG A 405 -30.99 -21.46 -14.20
N GLN A 406 -31.31 -20.75 -13.11
CA GLN A 406 -32.43 -19.77 -13.11
C GLN A 406 -31.96 -18.39 -13.60
N ALA A 407 -30.66 -18.18 -13.81
CA ALA A 407 -30.14 -16.84 -14.15
C ALA A 407 -30.24 -16.55 -15.65
N VAL A 408 -30.40 -15.26 -15.97
CA VAL A 408 -30.47 -14.79 -17.37
C VAL A 408 -29.07 -14.31 -17.80
N THR A 409 -28.47 -14.96 -18.79
CA THR A 409 -27.14 -14.59 -19.32
C THR A 409 -27.32 -13.32 -20.16
N VAL A 410 -26.22 -12.69 -20.47
CA VAL A 410 -26.24 -11.53 -21.40
C VAL A 410 -26.79 -12.01 -22.74
N TYR A 411 -26.31 -13.14 -23.25
CA TYR A 411 -26.82 -13.71 -24.52
C TYR A 411 -28.35 -13.86 -24.47
N GLN A 412 -28.86 -14.47 -23.41
CA GLN A 412 -30.31 -14.74 -23.25
C GLN A 412 -31.09 -13.43 -23.11
N GLY A 413 -30.56 -12.44 -22.39
CA GLY A 413 -31.24 -11.14 -22.28
C GLY A 413 -31.33 -10.46 -23.64
N LEU A 414 -30.29 -10.59 -24.45
CA LEU A 414 -30.33 -9.97 -25.80
C LEU A 414 -31.34 -10.73 -26.67
N ALA A 415 -31.35 -12.08 -26.61
CA ALA A 415 -32.31 -12.94 -27.36
C ALA A 415 -33.74 -12.58 -26.98
N ASN A 416 -34.00 -12.40 -25.69
CA ASN A 416 -35.31 -12.01 -25.10
C ASN A 416 -35.75 -10.65 -25.68
N ALA A 417 -34.83 -9.71 -25.85
CA ALA A 417 -35.16 -8.34 -26.27
C ALA A 417 -35.42 -8.30 -27.79
N VAL A 418 -34.69 -9.06 -28.58
CA VAL A 418 -34.74 -8.86 -30.07
C VAL A 418 -35.75 -9.83 -30.67
N GLY A 419 -36.06 -10.92 -29.96
CA GLY A 419 -36.91 -12.00 -30.47
C GLY A 419 -36.58 -12.26 -31.92
N GLU A 420 -37.52 -11.97 -32.83
CA GLU A 420 -37.40 -12.27 -34.28
C GLU A 420 -36.85 -11.08 -35.09
N ARG A 421 -36.59 -9.92 -34.48
CA ARG A 421 -36.33 -8.63 -35.19
C ARG A 421 -34.85 -8.46 -35.57
N ALA A 422 -33.95 -9.20 -34.93
CA ALA A 422 -32.50 -9.13 -35.18
C ALA A 422 -31.95 -10.55 -35.06
N THR A 423 -30.84 -10.81 -35.74
CA THR A 423 -30.13 -12.11 -35.67
C THR A 423 -28.96 -11.98 -34.71
N LEU A 424 -28.89 -12.83 -33.69
CA LEU A 424 -27.72 -12.90 -32.78
C LEU A 424 -26.79 -13.99 -33.28
N LEU A 425 -25.49 -13.70 -33.35
CA LEU A 425 -24.49 -14.73 -33.69
C LEU A 425 -23.58 -14.86 -32.46
N TYR A 426 -23.38 -16.05 -31.98
CA TYR A 426 -22.55 -16.31 -30.77
C TYR A 426 -21.20 -16.89 -31.15
N ALA A 427 -20.15 -16.45 -30.47
CA ALA A 427 -18.86 -17.15 -30.39
C ALA A 427 -18.26 -16.92 -29.03
N LYS A 428 -17.73 -17.97 -28.42
CA LYS A 428 -17.04 -17.81 -27.11
C LYS A 428 -15.80 -16.91 -27.24
N GLY A 429 -14.96 -17.08 -28.27
CA GLY A 429 -13.84 -16.16 -28.55
C GLY A 429 -12.56 -16.46 -27.77
N ALA A 430 -12.66 -16.66 -26.46
CA ALA A 430 -11.51 -17.03 -25.63
C ALA A 430 -12.08 -17.66 -24.36
N ASN A 431 -11.29 -18.45 -23.69
CA ASN A 431 -11.62 -18.84 -22.33
C ASN A 431 -11.40 -17.64 -21.41
N VAL A 432 -11.88 -17.73 -20.17
CA VAL A 432 -11.76 -16.59 -19.22
C VAL A 432 -10.28 -16.27 -19.00
N SER A 433 -9.41 -17.28 -18.94
CA SER A 433 -7.94 -17.07 -18.88
C SER A 433 -7.25 -17.95 -19.92
N GLY A 434 -6.13 -17.49 -20.46
CA GLY A 434 -5.19 -18.31 -21.25
C GLY A 434 -4.10 -18.95 -20.40
N ASP A 435 -4.03 -18.65 -19.10
CA ASP A 435 -2.98 -19.14 -18.17
C ASP A 435 -3.53 -20.39 -17.48
N GLN A 436 -2.99 -21.56 -17.77
CA GLN A 436 -3.54 -22.83 -17.23
C GLN A 436 -3.49 -22.77 -15.69
N ALA A 437 -2.51 -22.11 -15.09
CA ALA A 437 -2.40 -22.07 -13.61
C ALA A 437 -3.60 -21.31 -13.01
N ILE A 438 -4.07 -20.28 -13.71
CA ILE A 438 -5.24 -19.50 -13.27
C ILE A 438 -6.49 -20.34 -13.47
N LEU A 439 -6.61 -21.03 -14.61
CA LEU A 439 -7.74 -21.95 -14.80
C LEU A 439 -7.76 -23.02 -13.68
N ASP A 440 -6.61 -23.53 -13.28
CA ASP A 440 -6.50 -24.58 -12.24
C ASP A 440 -7.01 -24.02 -10.92
N TYR A 441 -6.66 -22.77 -10.65
CA TYR A 441 -7.11 -22.08 -9.42
C TYR A 441 -8.65 -21.94 -9.45
N LEU A 442 -9.20 -21.46 -10.55
CA LEU A 442 -10.65 -21.14 -10.67
C LEU A 442 -11.51 -22.42 -10.62
N ASN A 443 -10.97 -23.56 -11.02
CA ASN A 443 -11.70 -24.85 -10.99
C ASN A 443 -11.32 -25.67 -9.75
N SER A 444 -10.61 -25.09 -8.80
CA SER A 444 -10.21 -25.83 -7.58
C SER A 444 -11.39 -25.74 -6.60
N TYR A 445 -11.71 -26.84 -5.95
CA TYR A 445 -12.85 -27.05 -5.00
C TYR A 445 -14.15 -27.36 -5.75
N ASN A 446 -14.51 -26.47 -6.67
CA ASN A 446 -15.75 -26.57 -7.46
C ASN A 446 -15.40 -26.16 -8.87
N PRO A 447 -15.84 -26.96 -9.86
CA PRO A 447 -15.61 -26.64 -11.27
C PRO A 447 -16.56 -25.50 -11.69
N GLU A 448 -16.03 -24.28 -11.80
CA GLU A 448 -16.85 -23.07 -11.99
C GLU A 448 -16.61 -22.40 -13.34
N VAL A 449 -15.61 -22.83 -14.09
CA VAL A 449 -15.27 -22.19 -15.39
C VAL A 449 -15.15 -23.28 -16.46
N GLU A 450 -16.02 -23.20 -17.46
CA GLU A 450 -16.02 -24.07 -18.66
C GLU A 450 -14.79 -23.73 -19.49
N VAL A 451 -13.95 -24.72 -19.77
CA VAL A 451 -12.73 -24.56 -20.59
C VAL A 451 -13.08 -25.12 -21.97
N ASP A 452 -13.08 -24.26 -22.97
CA ASP A 452 -13.19 -24.71 -24.38
C ASP A 452 -11.86 -25.38 -24.67
N PRO A 453 -11.88 -26.66 -25.10
CA PRO A 453 -10.64 -27.42 -25.30
C PRO A 453 -9.82 -26.97 -26.52
N ARG A 454 -10.38 -26.13 -27.39
CA ARG A 454 -9.67 -25.70 -28.62
C ARG A 454 -8.51 -24.76 -28.31
N SER A 455 -7.60 -24.60 -29.27
CA SER A 455 -6.50 -23.62 -29.16
C SER A 455 -7.10 -22.21 -29.05
N ALA A 456 -6.38 -21.29 -28.44
CA ALA A 456 -6.68 -19.84 -28.42
C ALA A 456 -6.92 -19.37 -29.85
N GLU A 457 -6.07 -19.80 -30.77
CA GLU A 457 -6.09 -19.39 -32.21
C GLU A 457 -7.41 -19.81 -32.87
N ALA A 458 -7.84 -21.07 -32.69
CA ALA A 458 -9.10 -21.59 -33.26
C ALA A 458 -10.29 -20.78 -32.71
N MET A 459 -10.32 -20.53 -31.40
CA MET A 459 -11.42 -19.76 -30.79
C MET A 459 -11.45 -18.34 -31.39
N LEU A 460 -10.27 -17.74 -31.59
CA LEU A 460 -10.19 -16.38 -32.17
C LEU A 460 -10.68 -16.40 -33.62
N GLU A 461 -10.30 -17.41 -34.42
CA GLU A 461 -10.69 -17.47 -35.84
C GLU A 461 -12.22 -17.56 -35.88
N GLU A 462 -12.82 -18.37 -35.01
CA GLU A 462 -14.28 -18.53 -34.96
C GLU A 462 -14.93 -17.20 -34.61
N ALA A 463 -14.43 -16.50 -33.59
CA ALA A 463 -14.97 -15.19 -33.20
C ALA A 463 -14.78 -14.17 -34.34
N LEU A 464 -13.65 -14.20 -35.04
CA LEU A 464 -13.46 -13.20 -36.15
C LEU A 464 -14.46 -13.50 -37.28
N ARG A 465 -14.69 -14.77 -37.61
CA ARG A 465 -15.67 -15.18 -38.64
CA ARG A 465 -15.67 -15.18 -38.64
C ARG A 465 -17.05 -14.65 -38.27
N THR A 466 -17.43 -14.81 -37.00
CA THR A 466 -18.71 -14.34 -36.45
C THR A 466 -18.81 -12.81 -36.57
N ALA A 467 -17.76 -12.11 -36.14
CA ALA A 467 -17.75 -10.62 -36.15
C ALA A 467 -17.90 -10.11 -37.60
N ARG A 468 -17.20 -10.75 -38.53
CA ARG A 468 -17.19 -10.33 -39.95
C ARG A 468 -18.58 -10.49 -40.57
N ASP A 469 -19.38 -11.40 -40.01
CA ASP A 469 -20.73 -11.70 -40.50
C ASP A 469 -21.78 -10.82 -39.83
N ALA A 470 -21.37 -9.88 -38.98
CA ALA A 470 -22.33 -9.05 -38.21
C ALA A 470 -22.18 -7.56 -38.56
N ASP A 471 -23.15 -6.79 -38.11
CA ASP A 471 -23.17 -5.30 -38.21
C ASP A 471 -22.39 -4.70 -37.02
N LEU A 472 -22.36 -5.40 -35.89
CA LEU A 472 -21.66 -4.89 -34.69
C LEU A 472 -21.41 -6.03 -33.72
N VAL A 473 -20.53 -5.77 -32.78
CA VAL A 473 -20.03 -6.79 -31.84
C VAL A 473 -20.37 -6.31 -30.44
N VAL A 474 -21.07 -7.15 -29.69
CA VAL A 474 -21.23 -6.99 -28.22
C VAL A 474 -20.26 -7.99 -27.59
N ALA A 475 -19.17 -7.50 -27.03
CA ALA A 475 -18.13 -8.36 -26.45
C ALA A 475 -18.41 -8.42 -24.97
N VAL A 476 -18.61 -9.61 -24.42
CA VAL A 476 -18.97 -9.79 -22.99
C VAL A 476 -17.75 -10.41 -22.33
N VAL A 477 -17.02 -9.58 -21.59
CA VAL A 477 -15.64 -9.88 -21.16
C VAL A 477 -15.46 -9.39 -19.74
N GLY A 478 -14.39 -9.86 -19.09
CA GLY A 478 -13.99 -9.38 -17.76
C GLY A 478 -13.55 -10.54 -16.88
N GLU A 479 -13.85 -10.47 -15.60
CA GLU A 479 -13.46 -11.53 -14.64
C GLU A 479 -14.59 -12.56 -14.53
N SER A 480 -14.25 -13.80 -14.26
CA SER A 480 -15.21 -14.76 -13.69
C SER A 480 -15.39 -14.46 -12.21
N GLN A 481 -16.45 -14.96 -11.61
CA GLN A 481 -16.83 -14.51 -10.26
C GLN A 481 -15.82 -15.08 -9.24
N GLY A 482 -15.14 -16.18 -9.59
CA GLY A 482 -14.13 -16.79 -8.71
C GLY A 482 -12.87 -15.92 -8.62
N MET A 483 -12.77 -14.87 -9.44
CA MET A 483 -11.61 -13.95 -9.40
C MET A 483 -11.85 -12.83 -8.38
N ALA A 484 -13.05 -12.67 -7.87
CA ALA A 484 -13.35 -11.58 -6.93
C ALA A 484 -14.18 -12.17 -5.81
N HIS A 485 -13.55 -13.11 -5.12
CA HIS A 485 -14.15 -13.72 -3.92
C HIS A 485 -13.11 -13.81 -2.78
N GLU A 486 -13.49 -14.45 -1.70
CA GLU A 486 -12.56 -14.61 -0.55
C GLU A 486 -11.25 -15.22 -1.07
N ALA A 487 -10.14 -14.64 -0.66
CA ALA A 487 -8.76 -15.10 -0.93
C ALA A 487 -8.34 -14.89 -2.40
N SER A 488 -9.17 -14.31 -3.27
CA SER A 488 -8.80 -14.17 -4.70
CA SER A 488 -8.80 -14.17 -4.70
C SER A 488 -8.19 -12.78 -4.98
N SER A 489 -7.08 -12.48 -4.35
CA SER A 489 -6.33 -11.22 -4.57
C SER A 489 -5.58 -11.30 -5.91
N ARG A 490 -5.60 -10.21 -6.64
CA ARG A 490 -5.00 -10.13 -7.97
C ARG A 490 -3.83 -9.17 -7.95
N THR A 491 -2.82 -9.46 -8.75
CA THR A 491 -1.64 -8.57 -8.97
C THR A 491 -1.77 -7.79 -10.26
N ASP A 492 -2.80 -8.05 -11.05
CA ASP A 492 -3.03 -7.41 -12.37
C ASP A 492 -4.50 -6.98 -12.35
N LEU A 493 -4.85 -5.74 -12.68
CA LEU A 493 -6.27 -5.30 -12.69
C LEU A 493 -6.84 -5.27 -14.12
N ARG A 494 -6.11 -5.77 -15.09
CA ARG A 494 -6.60 -5.69 -16.50
C ARG A 494 -7.60 -6.82 -16.73
N ILE A 495 -8.41 -6.67 -17.77
CA ILE A 495 -9.14 -7.83 -18.34
C ILE A 495 -8.08 -8.92 -18.57
N PRO A 496 -8.39 -10.22 -18.30
CA PRO A 496 -7.45 -11.30 -18.56
C PRO A 496 -6.88 -11.28 -19.99
N ALA A 497 -5.60 -11.61 -20.11
CA ALA A 497 -4.82 -11.49 -21.36
C ALA A 497 -5.48 -12.23 -22.54
N SER A 498 -6.05 -13.41 -22.32
CA SER A 498 -6.73 -14.19 -23.40
C SER A 498 -7.86 -13.34 -23.96
N GLN A 499 -8.60 -12.64 -23.08
CA GLN A 499 -9.73 -11.82 -23.52
C GLN A 499 -9.22 -10.51 -24.14
N ARG A 500 -8.11 -9.95 -23.67
CA ARG A 500 -7.58 -8.69 -24.30
C ARG A 500 -7.09 -9.00 -25.73
N ARG A 501 -6.49 -10.16 -25.93
CA ARG A 501 -6.10 -10.60 -27.30
C ARG A 501 -7.34 -10.67 -28.21
N LEU A 502 -8.43 -11.25 -27.72
CA LEU A 502 -9.75 -11.30 -28.42
C LEU A 502 -10.20 -9.88 -28.75
N LEU A 503 -10.23 -8.97 -27.77
CA LEU A 503 -10.69 -7.60 -28.04
C LEU A 503 -9.79 -6.95 -29.09
N LYS A 504 -8.47 -7.17 -29.07
CA LYS A 504 -7.58 -6.50 -30.06
C LYS A 504 -7.88 -7.06 -31.46
N ALA A 505 -8.13 -8.35 -31.53
CA ALA A 505 -8.47 -9.00 -32.83
C ALA A 505 -9.83 -8.48 -33.31
N LEU A 506 -10.81 -8.32 -32.41
CA LEU A 506 -12.18 -7.84 -32.78
C LEU A 506 -12.14 -6.37 -33.24
N LYS A 507 -11.31 -5.55 -32.58
CA LYS A 507 -11.13 -4.13 -32.93
C LYS A 507 -10.70 -4.04 -34.40
N ALA A 508 -9.77 -4.91 -34.80
CA ALA A 508 -9.15 -4.91 -36.15
C ALA A 508 -10.16 -5.28 -37.24
N THR A 509 -11.33 -5.80 -36.91
CA THR A 509 -12.42 -6.07 -37.91
C THR A 509 -13.07 -4.78 -38.40
N GLY A 510 -12.96 -3.69 -37.64
CA GLY A 510 -13.60 -2.40 -37.96
C GLY A 510 -15.06 -2.37 -37.59
N LYS A 511 -15.59 -3.44 -37.00
CA LYS A 511 -17.01 -3.48 -36.60
C LYS A 511 -17.14 -2.62 -35.34
N PRO A 512 -18.24 -1.87 -35.18
CA PRO A 512 -18.48 -1.14 -33.92
C PRO A 512 -18.32 -2.15 -32.78
N LEU A 513 -17.63 -1.76 -31.71
CA LEU A 513 -17.34 -2.70 -30.60
C LEU A 513 -17.91 -2.16 -29.31
N VAL A 514 -18.93 -2.84 -28.76
CA VAL A 514 -19.56 -2.53 -27.46
C VAL A 514 -18.97 -3.52 -26.44
N LEU A 515 -18.36 -3.01 -25.37
CA LEU A 515 -17.88 -3.90 -24.29
C LEU A 515 -18.91 -3.91 -23.19
N VAL A 516 -19.33 -5.10 -22.83
CA VAL A 516 -20.12 -5.37 -21.62
C VAL A 516 -19.17 -6.03 -20.63
N LEU A 517 -18.84 -5.32 -19.56
CA LEU A 517 -17.81 -5.76 -18.60
C LEU A 517 -18.49 -6.44 -17.43
N MET A 518 -18.03 -7.61 -17.06
CA MET A 518 -18.40 -8.22 -15.76
C MET A 518 -17.13 -8.29 -14.92
N ASN A 519 -17.22 -7.96 -13.64
CA ASN A 519 -16.02 -7.85 -12.78
C ASN A 519 -16.51 -7.56 -11.37
N GLY A 520 -15.69 -7.89 -10.38
CA GLY A 520 -16.02 -7.71 -8.97
C GLY A 520 -15.14 -6.68 -8.31
N ARG A 521 -14.34 -5.97 -9.11
CA ARG A 521 -13.37 -4.98 -8.59
C ARG A 521 -13.13 -3.98 -9.70
N PRO A 522 -12.66 -2.76 -9.40
CA PRO A 522 -12.15 -1.90 -10.44
C PRO A 522 -11.14 -2.59 -11.37
N LEU A 523 -11.23 -2.33 -12.67
CA LEU A 523 -10.29 -2.89 -13.66
C LEU A 523 -9.48 -1.75 -14.27
N SER A 524 -8.27 -2.08 -14.70
CA SER A 524 -7.40 -1.18 -15.52
CA SER A 524 -7.41 -1.18 -15.52
C SER A 524 -7.87 -1.25 -16.98
N LEU A 525 -8.44 -0.16 -17.52
CA LEU A 525 -9.13 -0.19 -18.84
C LEU A 525 -8.58 0.84 -19.83
N GLY A 526 -7.29 1.16 -19.78
CA GLY A 526 -6.71 2.23 -20.63
C GLY A 526 -6.86 1.89 -22.12
N TRP A 527 -6.58 0.65 -22.52
CA TRP A 527 -6.68 0.25 -23.95
C TRP A 527 -8.16 0.31 -24.40
N GLU A 528 -9.04 -0.16 -23.52
CA GLU A 528 -10.49 -0.23 -23.79
C GLU A 528 -11.05 1.18 -23.93
N GLN A 529 -10.70 2.10 -23.02
CA GLN A 529 -11.16 3.50 -23.10
C GLN A 529 -10.71 4.14 -24.43
N GLU A 530 -9.56 3.77 -24.96
CA GLU A 530 -9.06 4.35 -26.23
C GLU A 530 -9.75 3.68 -27.43
N ASN A 531 -10.07 2.40 -27.36
CA ASN A 531 -10.32 1.57 -28.58
C ASN A 531 -11.78 1.11 -28.68
N ALA A 532 -12.45 0.78 -27.58
CA ALA A 532 -13.86 0.36 -27.64
C ALA A 532 -14.76 1.53 -28.07
N ASP A 533 -15.84 1.26 -28.76
CA ASP A 533 -16.76 2.36 -29.14
C ASP A 533 -17.72 2.63 -27.99
N ALA A 534 -18.05 1.63 -27.17
CA ALA A 534 -18.87 1.86 -25.97
C ALA A 534 -18.45 0.85 -24.92
N ILE A 535 -18.57 1.25 -23.68
CA ILE A 535 -18.21 0.39 -22.52
C ILE A 535 -19.31 0.50 -21.46
N LEU A 536 -19.90 -0.63 -21.11
CA LEU A 536 -20.91 -0.71 -20.04
C LEU A 536 -20.35 -1.61 -18.94
N GLU A 537 -20.23 -1.03 -17.76
CA GLU A 537 -19.81 -1.73 -16.53
C GLU A 537 -21.07 -2.38 -15.92
N THR A 538 -21.09 -3.71 -15.80
CA THR A 538 -22.27 -4.45 -15.27
C THR A 538 -21.93 -5.22 -13.99
N TRP A 539 -20.70 -5.14 -13.48
CA TRP A 539 -20.31 -5.80 -12.21
C TRP A 539 -20.62 -7.29 -12.37
N PHE A 540 -21.28 -7.91 -11.41
CA PHE A 540 -22.03 -9.18 -11.64
C PHE A 540 -23.47 -8.80 -11.30
N SER A 541 -24.34 -8.79 -12.28
CA SER A 541 -25.66 -8.12 -12.16
CA SER A 541 -25.67 -8.12 -12.15
C SER A 541 -26.78 -9.05 -11.63
N GLY A 542 -26.50 -10.32 -11.38
CA GLY A 542 -27.47 -11.17 -10.65
C GLY A 542 -28.40 -12.01 -11.53
N THR A 543 -29.42 -12.59 -10.91
CA THR A 543 -30.36 -13.55 -11.55
C THR A 543 -30.98 -12.93 -12.82
N GLU A 544 -31.33 -11.66 -12.76
CA GLU A 544 -31.93 -10.96 -13.94
C GLU A 544 -30.92 -10.09 -14.69
N GLY A 545 -29.64 -10.28 -14.40
CA GLY A 545 -28.59 -9.44 -15.01
C GLY A 545 -28.75 -9.29 -16.50
N GLY A 546 -28.87 -10.40 -17.22
CA GLY A 546 -28.88 -10.32 -18.70
C GLY A 546 -30.06 -9.49 -19.22
N ASN A 547 -31.21 -9.59 -18.55
CA ASN A 547 -32.38 -8.75 -18.92
C ASN A 547 -32.12 -7.27 -18.61
N ALA A 548 -31.51 -6.94 -17.46
CA ALA A 548 -31.23 -5.53 -17.09
C ALA A 548 -30.22 -4.94 -18.09
N ILE A 549 -29.19 -5.70 -18.44
CA ILE A 549 -28.16 -5.27 -19.43
C ILE A 549 -28.81 -5.04 -20.80
N ALA A 550 -29.67 -5.93 -21.28
CA ALA A 550 -30.39 -5.73 -22.56
C ALA A 550 -31.27 -4.48 -22.49
N ASP A 551 -31.97 -4.24 -21.38
CA ASP A 551 -32.82 -3.04 -21.17
C ASP A 551 -32.00 -1.76 -21.37
N VAL A 552 -30.78 -1.73 -20.86
CA VAL A 552 -29.89 -0.56 -21.03
C VAL A 552 -29.35 -0.55 -22.46
N LEU A 553 -28.92 -1.67 -23.03
CA LEU A 553 -28.28 -1.65 -24.37
C LEU A 553 -29.26 -1.18 -25.45
N PHE A 554 -30.55 -1.50 -25.31
CA PHE A 554 -31.60 -1.15 -26.30
C PHE A 554 -32.35 0.13 -25.90
N GLY A 555 -32.01 0.75 -24.77
CA GLY A 555 -32.52 2.08 -24.39
C GLY A 555 -33.87 2.06 -23.71
N GLU A 556 -34.36 0.90 -23.29
CA GLU A 556 -35.52 0.81 -22.36
C GLU A 556 -35.17 1.47 -21.02
N HIS A 557 -33.91 1.42 -20.58
CA HIS A 557 -33.45 2.11 -19.35
C HIS A 557 -32.24 2.98 -19.70
N ASN A 558 -32.25 4.26 -19.33
CA ASN A 558 -31.13 5.17 -19.60
C ASN A 558 -30.11 4.94 -18.50
N PRO A 559 -28.87 4.49 -18.77
CA PRO A 559 -27.97 4.20 -17.67
C PRO A 559 -27.73 5.37 -16.69
N SER A 560 -27.79 5.05 -15.40
CA SER A 560 -27.82 6.03 -14.29
C SER A 560 -26.76 5.68 -13.24
N GLY A 561 -26.10 4.54 -13.38
CA GLY A 561 -25.11 4.08 -12.39
C GLY A 561 -23.88 4.99 -12.39
N LYS A 562 -23.30 5.15 -11.21
CA LYS A 562 -22.06 5.93 -11.02
C LYS A 562 -21.08 5.15 -10.14
N LEU A 563 -19.80 5.23 -10.47
CA LEU A 563 -18.77 4.49 -9.72
C LEU A 563 -18.74 4.92 -8.25
N THR A 564 -18.59 3.95 -7.33
CA THR A 564 -18.33 4.28 -5.88
C THR A 564 -16.89 3.91 -5.48
N MET A 565 -16.06 3.55 -6.45
CA MET A 565 -14.63 3.23 -6.21
C MET A 565 -13.87 3.71 -7.44
N SER A 566 -12.75 4.39 -7.21
CA SER A 566 -11.88 4.99 -8.27
C SER A 566 -11.32 3.84 -9.13
N PHE A 567 -11.29 3.97 -10.44
CA PHE A 567 -10.68 2.95 -11.31
C PHE A 567 -9.25 3.37 -11.62
N PRO A 568 -8.24 2.64 -11.10
CA PRO A 568 -6.85 3.00 -11.38
C PRO A 568 -6.50 2.77 -12.84
N ARG A 569 -5.50 3.51 -13.33
CA ARG A 569 -5.00 3.26 -14.71
C ARG A 569 -4.23 1.97 -14.73
N SER A 570 -3.60 1.59 -13.61
CA SER A 570 -2.86 0.33 -13.50
C SER A 570 -2.68 -0.06 -12.04
N VAL A 571 -2.42 -1.32 -11.81
CA VAL A 571 -2.22 -1.84 -10.44
C VAL A 571 -1.04 -1.12 -9.78
N GLY A 572 -0.09 -0.64 -10.58
CA GLY A 572 1.08 0.09 -10.07
C GLY A 572 0.72 1.44 -9.44
N GLN A 573 -0.52 1.95 -9.60
CA GLN A 573 -0.97 3.20 -8.95
C GLN A 573 -1.68 2.93 -7.62
N VAL A 574 -1.82 1.67 -7.18
CA VAL A 574 -2.68 1.38 -6.00
C VAL A 574 -1.96 1.91 -4.76
N PRO A 575 -2.66 2.55 -3.79
CA PRO A 575 -4.07 2.90 -3.88
C PRO A 575 -4.35 4.23 -4.59
N VAL A 576 -5.51 4.29 -5.25
CA VAL A 576 -6.09 5.54 -5.78
C VAL A 576 -7.50 5.67 -5.23
N TYR A 577 -7.75 6.79 -4.60
CA TYR A 577 -9.09 7.09 -4.03
C TYR A 577 -9.24 8.60 -4.01
N TYR A 578 -10.48 9.08 -4.10
CA TYR A 578 -10.80 10.50 -4.41
C TYR A 578 -10.53 11.35 -3.16
N ASN A 579 -10.66 10.81 -1.96
CA ASN A 579 -10.56 11.63 -0.72
C ASN A 579 -9.17 11.43 -0.12
N HIS A 580 -8.16 11.67 -0.94
CA HIS A 580 -6.74 11.65 -0.55
C HIS A 580 -6.32 13.01 0.01
N LEU A 581 -5.18 13.03 0.69
CA LEU A 581 -4.56 14.31 1.16
C LEU A 581 -3.83 15.03 0.03
N ASN A 582 -3.66 16.35 0.17
CA ASN A 582 -3.12 17.16 -0.94
C ASN A 582 -1.61 16.89 -1.08
N THR A 583 -0.95 16.60 0.03
CA THR A 583 0.53 16.62 0.18
C THR A 583 1.04 18.07 0.05
N GLY A 584 2.34 18.28 0.23
CA GLY A 584 2.95 19.62 0.08
C GLY A 584 3.23 19.92 -1.37
N ARG A 585 3.17 18.90 -2.24
CA ARG A 585 3.56 19.00 -3.66
C ARG A 585 2.57 18.21 -4.51
N PRO A 586 1.31 18.65 -4.55
CA PRO A 586 0.28 17.91 -5.27
C PRO A 586 0.59 17.89 -6.76
N MET A 587 0.25 16.80 -7.43
CA MET A 587 0.17 16.87 -8.90
C MET A 587 -1.32 16.87 -9.18
N ASP A 588 -1.74 17.87 -9.92
CA ASP A 588 -3.12 17.90 -10.44
C ASP A 588 -3.05 18.83 -11.65
N HIS A 589 -4.18 19.11 -12.26
CA HIS A 589 -4.20 19.95 -13.47
C HIS A 589 -3.52 21.29 -13.15
N ASP A 590 -3.70 21.82 -11.93
CA ASP A 590 -3.15 23.12 -11.47
C ASP A 590 -1.70 23.03 -10.97
N ASN A 591 -1.15 21.82 -10.88
CA ASN A 591 0.20 21.55 -10.31
C ASN A 591 0.86 20.44 -11.13
N PRO A 592 1.27 20.73 -12.37
CA PRO A 592 1.72 19.68 -13.29
C PRO A 592 3.23 19.34 -13.38
N GLY A 593 4.04 19.88 -12.47
CA GLY A 593 5.51 19.84 -12.58
C GLY A 593 6.10 18.47 -12.29
N LYS A 594 7.39 18.37 -12.54
CA LYS A 594 8.19 17.16 -12.27
C LYS A 594 8.20 16.90 -10.76
N TYR A 595 8.42 17.92 -9.92
CA TYR A 595 8.65 17.75 -8.46
C TYR A 595 7.32 17.81 -7.73
N THR A 596 6.47 16.83 -8.07
CA THR A 596 5.14 16.66 -7.48
C THR A 596 4.94 15.19 -7.16
N SER A 597 3.84 14.89 -6.47
CA SER A 597 3.53 13.53 -5.97
C SER A 597 2.87 12.73 -7.11
N ARG A 598 3.65 12.02 -7.88
CA ARG A 598 3.21 11.48 -9.18
C ARG A 598 4.06 10.31 -9.60
N TYR A 599 3.61 9.59 -10.62
CA TYR A 599 4.49 8.63 -11.33
C TYR A 599 4.93 9.28 -12.63
N PHE A 600 6.08 8.87 -13.16
CA PHE A 600 6.57 9.47 -14.41
C PHE A 600 6.25 8.60 -15.62
N ASP A 601 5.94 7.33 -15.43
CA ASP A 601 5.89 6.34 -16.53
C ASP A 601 4.44 6.03 -16.94
N GLU A 602 3.47 6.78 -16.42
CA GLU A 602 2.03 6.57 -16.71
C GLU A 602 1.27 7.87 -16.45
N ALA A 603 0.16 8.09 -17.14
CA ALA A 603 -0.70 9.26 -16.87
C ALA A 603 -1.14 9.16 -15.41
N ASN A 604 -1.34 10.29 -14.77
CA ASN A 604 -1.65 10.33 -13.33
C ASN A 604 -3.15 10.50 -13.06
N GLY A 605 -3.58 10.17 -11.86
CA GLY A 605 -5.01 10.17 -11.51
C GLY A 605 -5.64 8.86 -11.94
N PRO A 606 -6.88 8.60 -11.46
CA PRO A 606 -7.64 7.45 -11.90
C PRO A 606 -8.07 7.59 -13.37
N LEU A 607 -8.28 6.48 -14.05
CA LEU A 607 -8.86 6.53 -15.42
C LEU A 607 -10.31 7.02 -15.28
N TYR A 608 -11.03 6.51 -14.28
CA TYR A 608 -12.43 6.94 -14.04
C TYR A 608 -12.54 7.28 -12.58
N PRO A 609 -12.89 8.53 -12.25
CA PRO A 609 -12.98 8.93 -10.85
C PRO A 609 -14.23 8.45 -10.12
N PHE A 610 -14.17 8.52 -8.81
CA PHE A 610 -15.32 8.33 -7.91
C PHE A 610 -16.47 9.20 -8.43
N GLY A 611 -17.66 8.62 -8.48
CA GLY A 611 -18.86 9.36 -8.90
C GLY A 611 -19.00 9.48 -10.41
N TYR A 612 -18.18 8.82 -11.19
CA TYR A 612 -18.24 8.91 -12.68
C TYR A 612 -19.30 7.99 -13.23
N GLY A 613 -20.02 8.47 -14.25
CA GLY A 613 -20.90 7.59 -15.02
C GLY A 613 -21.70 8.43 -15.98
N LEU A 614 -21.83 7.91 -17.20
CA LEU A 614 -22.40 8.67 -18.33
C LEU A 614 -23.88 8.31 -18.46
N SER A 615 -24.52 8.98 -19.42
CA SER A 615 -25.96 8.85 -19.67
C SER A 615 -26.17 8.94 -21.18
N TYR A 616 -27.35 8.55 -21.62
CA TYR A 616 -27.79 8.73 -23.01
C TYR A 616 -28.37 10.14 -23.17
N THR A 617 -28.53 10.89 -22.08
CA THR A 617 -28.89 12.32 -22.15
C THR A 617 -27.78 13.17 -21.53
N GLU A 618 -27.93 14.46 -21.62
CA GLU A 618 -26.96 15.44 -21.10
C GLU A 618 -27.63 16.16 -19.94
N PHE A 619 -26.89 16.48 -18.92
CA PHE A 619 -27.41 17.25 -17.77
C PHE A 619 -26.64 18.55 -17.64
N SER A 620 -27.29 19.55 -17.08
CA SER A 620 -26.60 20.81 -16.71
CA SER A 620 -26.65 20.84 -16.73
C SER A 620 -26.93 21.17 -15.27
N LEU A 621 -25.99 21.80 -14.61
CA LEU A 621 -26.18 22.31 -13.24
C LEU A 621 -26.08 23.83 -13.33
N SER A 622 -26.99 24.53 -12.67
CA SER A 622 -26.90 25.99 -12.42
C SER A 622 -25.74 26.28 -11.46
N PRO A 623 -25.38 27.56 -11.29
CA PRO A 623 -24.37 27.93 -10.30
C PRO A 623 -24.78 27.45 -8.89
N LEU A 624 -23.80 27.03 -8.11
CA LEU A 624 -24.03 26.66 -6.72
C LEU A 624 -24.25 27.93 -5.91
N ARG A 625 -25.24 27.95 -5.03
CA ARG A 625 -25.51 29.10 -4.15
C ARG A 625 -25.65 28.60 -2.73
N LEU A 626 -25.01 29.31 -1.79
CA LEU A 626 -25.16 29.00 -0.35
C LEU A 626 -26.11 30.02 0.27
N SER A 627 -26.81 29.59 1.31
CA SER A 627 -27.81 30.41 2.04
C SER A 627 -27.11 31.54 2.83
N SER A 628 -25.83 31.38 3.18
CA SER A 628 -25.03 32.49 3.76
C SER A 628 -23.53 32.19 3.64
N GLU A 629 -22.74 33.21 3.89
CA GLU A 629 -21.27 33.13 3.80
C GLU A 629 -20.68 32.80 5.18
N ARG A 630 -21.51 32.86 6.23
CA ARG A 630 -21.08 32.62 7.62
C ARG A 630 -22.07 31.63 8.23
N LEU A 631 -21.57 30.65 8.97
CA LEU A 631 -22.41 29.65 9.67
C LEU A 631 -22.13 29.75 11.17
N ALA A 632 -23.15 30.06 11.97
CA ALA A 632 -23.02 30.03 13.44
C ALA A 632 -23.12 28.59 13.91
N ARG A 633 -22.40 28.23 14.97
CA ARG A 633 -22.57 26.91 15.62
C ARG A 633 -24.03 26.75 16.07
N GLY A 634 -24.59 25.57 15.88
CA GLY A 634 -26.01 25.28 16.19
C GLY A 634 -26.89 25.52 15.00
N ALA A 635 -26.40 26.20 13.97
CA ALA A 635 -27.22 26.55 12.78
C ALA A 635 -26.87 25.57 11.66
N THR A 636 -27.74 25.53 10.68
CA THR A 636 -27.62 24.70 9.44
CA THR A 636 -27.61 24.70 9.45
C THR A 636 -27.50 25.66 8.27
N LEU A 637 -26.83 25.23 7.23
CA LEU A 637 -26.60 25.98 5.99
C LEU A 637 -27.28 25.20 4.85
N GLU A 638 -27.75 25.90 3.84
CA GLU A 638 -28.33 25.28 2.62
C GLU A 638 -27.43 25.57 1.44
N ALA A 639 -27.19 24.54 0.65
CA ALA A 639 -26.46 24.66 -0.61
C ALA A 639 -27.43 24.27 -1.72
N ARG A 640 -27.75 25.21 -2.60
CA ARG A 640 -28.77 25.01 -3.65
C ARG A 640 -28.17 25.03 -5.05
N VAL A 641 -28.60 24.09 -5.86
CA VAL A 641 -28.25 24.03 -7.30
C VAL A 641 -29.51 23.55 -8.06
N THR A 642 -29.68 23.99 -9.29
CA THR A 642 -30.74 23.45 -10.19
C THR A 642 -30.12 22.49 -11.19
N LEU A 643 -30.67 21.28 -11.25
CA LEU A 643 -30.30 20.24 -12.25
C LEU A 643 -31.31 20.29 -13.39
N SER A 644 -30.84 20.27 -14.62
CA SER A 644 -31.69 20.24 -15.82
C SER A 644 -31.29 19.05 -16.70
N ASN A 645 -32.27 18.43 -17.31
CA ASN A 645 -32.04 17.46 -18.40
C ASN A 645 -32.01 18.29 -19.69
N SER A 646 -30.82 18.49 -20.25
CA SER A 646 -30.66 19.36 -21.43
C SER A 646 -30.53 18.49 -22.70
N GLY A 647 -30.81 17.20 -22.60
CA GLY A 647 -30.80 16.27 -23.75
C GLY A 647 -32.19 15.86 -24.20
N LYS A 648 -32.26 14.72 -24.88
CA LYS A 648 -33.44 14.28 -25.65
C LYS A 648 -34.05 13.03 -25.02
N ARG A 649 -33.42 12.44 -23.99
CA ARG A 649 -33.97 11.20 -23.37
C ARG A 649 -34.17 11.39 -21.88
N ALA A 650 -35.25 10.82 -21.35
CA ALA A 650 -35.47 10.80 -19.89
C ALA A 650 -34.25 10.07 -19.27
N GLY A 651 -33.87 10.46 -18.09
CA GLY A 651 -32.79 9.71 -17.38
C GLY A 651 -32.51 10.31 -16.03
N ALA A 652 -31.79 9.55 -15.21
CA ALA A 652 -31.35 10.01 -13.90
C ALA A 652 -29.84 10.24 -13.93
N THR A 653 -29.43 11.11 -13.01
CA THR A 653 -28.01 11.32 -12.65
C THR A 653 -27.95 11.52 -11.15
N VAL A 654 -26.72 11.63 -10.64
CA VAL A 654 -26.50 11.83 -9.19
C VAL A 654 -25.75 13.12 -8.97
N VAL A 655 -26.39 14.03 -8.26
CA VAL A 655 -25.73 15.30 -7.85
C VAL A 655 -25.01 15.03 -6.54
N GLN A 656 -23.72 15.34 -6.56
CA GLN A 656 -22.81 14.99 -5.46
C GLN A 656 -22.36 16.27 -4.77
N LEU A 657 -22.39 16.27 -3.45
CA LEU A 657 -21.89 17.39 -2.64
C LEU A 657 -20.64 16.95 -1.87
N TYR A 658 -19.56 17.70 -2.03
CA TYR A 658 -18.29 17.44 -1.36
C TYR A 658 -17.92 18.65 -0.51
N LEU A 659 -17.19 18.39 0.57
CA LEU A 659 -16.66 19.41 1.48
C LEU A 659 -15.14 19.35 1.50
N GLN A 660 -14.49 20.50 1.56
CA GLN A 660 -13.05 20.57 1.93
C GLN A 660 -12.91 21.48 3.14
N ASP A 661 -12.03 21.13 4.08
CA ASP A 661 -11.64 21.96 5.24
C ASP A 661 -10.19 22.35 4.96
N PRO A 662 -9.94 23.48 4.25
CA PRO A 662 -8.59 23.69 3.71
C PRO A 662 -7.52 24.10 4.71
N VAL A 663 -7.89 24.52 5.91
CA VAL A 663 -6.92 24.84 6.97
C VAL A 663 -7.38 24.07 8.20
N ALA A 664 -6.56 23.21 8.73
CA ALA A 664 -6.96 22.39 9.89
C ALA A 664 -5.73 21.93 10.67
N SER A 665 -5.99 21.45 11.89
CA SER A 665 -4.99 20.90 12.85
CA SER A 665 -4.96 20.93 12.83
C SER A 665 -4.38 19.60 12.33
N LEU A 666 -5.06 18.94 11.39
CA LEU A 666 -4.60 17.74 10.65
C LEU A 666 -4.74 18.11 9.18
N SER A 667 -3.89 17.59 8.31
CA SER A 667 -4.09 17.68 6.86
C SER A 667 -5.38 16.95 6.50
N ARG A 668 -6.37 17.63 5.92
CA ARG A 668 -7.69 17.01 5.62
C ARG A 668 -7.77 16.73 4.13
N PRO A 669 -8.66 15.80 3.71
CA PRO A 669 -8.78 15.42 2.30
C PRO A 669 -9.15 16.59 1.38
N VAL A 670 -8.76 16.48 0.12
CA VAL A 670 -9.02 17.51 -0.91
C VAL A 670 -10.54 17.63 -1.12
N LYS A 671 -11.27 16.55 -0.87
CA LYS A 671 -12.73 16.61 -0.74
C LYS A 671 -13.24 15.34 -0.08
N GLU A 672 -14.42 15.46 0.51
CA GLU A 672 -15.08 14.38 1.26
C GLU A 672 -16.57 14.47 0.94
N LEU A 673 -17.15 13.40 0.45
CA LEU A 673 -18.59 13.36 0.14
C LEU A 673 -19.41 13.67 1.39
N ARG A 674 -20.35 14.61 1.28
CA ARG A 674 -21.23 14.96 2.43
C ARG A 674 -22.69 15.04 2.02
N GLY A 675 -23.04 14.71 0.79
CA GLY A 675 -24.46 14.56 0.42
C GLY A 675 -24.59 14.19 -1.04
N PHE A 676 -25.73 13.64 -1.39
CA PHE A 676 -26.00 13.37 -2.82
C PHE A 676 -27.49 13.26 -3.03
N ARG A 677 -27.89 13.37 -4.29
CA ARG A 677 -29.33 13.32 -4.65
C ARG A 677 -29.37 12.62 -5.99
N LYS A 678 -30.05 11.49 -6.06
CA LYS A 678 -30.31 10.89 -7.40
C LYS A 678 -31.63 11.43 -7.90
N VAL A 679 -31.63 11.95 -9.12
CA VAL A 679 -32.79 12.67 -9.67
C VAL A 679 -33.05 12.12 -11.07
N MET A 680 -34.28 11.67 -11.30
CA MET A 680 -34.81 11.23 -12.62
C MET A 680 -35.51 12.43 -13.26
N LEU A 681 -35.14 12.78 -14.48
CA LEU A 681 -35.69 14.00 -15.14
C LEU A 681 -36.13 13.62 -16.54
N GLU A 682 -37.31 14.08 -16.95
CA GLU A 682 -37.68 14.05 -18.38
C GLU A 682 -36.84 15.11 -19.10
N PRO A 683 -36.68 15.02 -20.43
CA PRO A 683 -36.03 16.08 -21.20
C PRO A 683 -36.66 17.44 -20.91
N GLY A 684 -35.86 18.47 -20.66
CA GLY A 684 -36.33 19.82 -20.34
C GLY A 684 -36.75 20.02 -18.91
N GLU A 685 -36.81 18.98 -18.10
CA GLU A 685 -37.23 19.13 -16.67
C GLU A 685 -36.04 19.66 -15.88
N SER A 686 -36.36 20.44 -14.86
CA SER A 686 -35.40 20.99 -13.88
C SER A 686 -35.87 20.62 -12.48
N ARG A 687 -34.92 20.44 -11.58
CA ARG A 687 -35.20 20.21 -10.15
C ARG A 687 -34.23 21.07 -9.37
N GLU A 688 -34.76 21.86 -8.44
CA GLU A 688 -33.93 22.57 -7.45
C GLU A 688 -33.57 21.53 -6.39
N ILE A 689 -32.27 21.33 -6.18
CA ILE A 689 -31.75 20.42 -5.13
C ILE A 689 -31.28 21.30 -3.98
N VAL A 690 -31.73 20.98 -2.77
CA VAL A 690 -31.34 21.70 -1.54
C VAL A 690 -30.57 20.72 -0.66
N PHE A 691 -29.28 20.95 -0.48
CA PHE A 691 -28.48 20.17 0.48
C PHE A 691 -28.47 20.95 1.79
N ARG A 692 -28.60 20.25 2.91
CA ARG A 692 -28.41 20.84 4.24
C ARG A 692 -27.03 20.45 4.78
N LEU A 693 -26.31 21.43 5.31
CA LEU A 693 -25.01 21.21 5.95
C LEU A 693 -25.04 21.81 7.36
N GLY A 694 -24.54 21.05 8.32
CA GLY A 694 -24.41 21.47 9.72
C GLY A 694 -22.99 21.26 10.21
N GLU A 695 -22.73 21.67 11.44
CA GLU A 695 -21.44 21.42 12.13
C GLU A 695 -21.06 19.93 12.08
N ALA A 696 -22.02 19.01 12.19
CA ALA A 696 -21.75 17.54 12.21
C ALA A 696 -21.02 17.12 10.92
N ASP A 697 -21.32 17.79 9.81
CA ASP A 697 -20.67 17.53 8.50
C ASP A 697 -19.20 17.98 8.51
N LEU A 698 -18.80 18.88 9.43
CA LEU A 698 -17.51 19.61 9.38
C LEU A 698 -16.48 19.02 10.35
N LYS A 699 -16.91 18.10 11.22
CA LYS A 699 -16.03 17.61 12.31
C LYS A 699 -15.05 16.56 11.80
N PHE A 700 -13.91 16.48 12.45
CA PHE A 700 -12.92 15.42 12.23
C PHE A 700 -12.27 15.07 13.56
N TYR A 701 -11.65 13.90 13.56
CA TYR A 701 -10.76 13.43 14.65
C TYR A 701 -9.36 14.01 14.47
N ASP A 702 -8.89 14.79 15.44
CA ASP A 702 -7.52 15.35 15.41
C ASP A 702 -6.53 14.31 15.94
N SER A 703 -5.26 14.70 16.06
CA SER A 703 -4.14 13.80 16.49
C SER A 703 -4.42 13.17 17.86
N GLN A 704 -5.16 13.85 18.74
CA GLN A 704 -5.50 13.35 20.11
C GLN A 704 -6.85 12.64 20.12
N LEU A 705 -7.45 12.44 18.93
CA LEU A 705 -8.78 11.84 18.71
C LEU A 705 -9.88 12.69 19.36
N ARG A 706 -9.67 14.00 19.49
CA ARG A 706 -10.80 14.92 19.77
C ARG A 706 -11.62 15.04 18.50
N HIS A 707 -12.94 14.93 18.59
CA HIS A 707 -13.89 15.14 17.47
C HIS A 707 -14.34 16.60 17.35
N THR A 708 -13.64 17.40 16.53
CA THR A 708 -13.67 18.89 16.48
C THR A 708 -14.15 19.39 15.10
N ALA A 709 -14.88 20.49 15.04
CA ALA A 709 -14.97 21.35 13.85
C ALA A 709 -14.32 22.65 14.22
N GLU A 710 -13.35 23.09 13.44
CA GLU A 710 -12.55 24.28 13.77
C GLU A 710 -13.12 25.43 12.97
N PRO A 711 -13.22 26.64 13.58
CA PRO A 711 -13.69 27.81 12.86
C PRO A 711 -12.75 28.06 11.69
N GLY A 712 -13.26 28.73 10.67
CA GLY A 712 -12.52 29.04 9.44
C GLY A 712 -13.26 28.61 8.18
N GLU A 713 -12.54 28.60 7.07
CA GLU A 713 -13.15 28.42 5.74
C GLU A 713 -13.56 26.94 5.56
N PHE A 714 -14.71 26.71 4.91
CA PHE A 714 -15.06 25.40 4.29
C PHE A 714 -15.40 25.66 2.85
N LYS A 715 -15.03 24.74 1.98
CA LYS A 715 -15.33 24.84 0.55
C LYS A 715 -16.40 23.80 0.27
N VAL A 716 -17.45 24.18 -0.45
CA VAL A 716 -18.56 23.26 -0.82
C VAL A 716 -18.45 23.06 -2.31
N PHE A 717 -18.30 21.82 -2.75
CA PHE A 717 -18.23 21.46 -4.20
C PHE A 717 -19.49 20.69 -4.58
N VAL A 718 -20.08 21.05 -5.71
CA VAL A 718 -21.21 20.27 -6.27
C VAL A 718 -20.89 19.91 -7.71
N GLY A 719 -21.24 18.69 -8.09
CA GLY A 719 -21.06 18.29 -9.49
C GLY A 719 -21.60 16.92 -9.75
N LEU A 720 -21.44 16.43 -10.98
CA LEU A 720 -21.97 15.09 -11.35
C LEU A 720 -20.90 14.01 -11.24
N ASP A 721 -19.68 14.37 -10.86
CA ASP A 721 -18.67 13.40 -10.34
C ASP A 721 -17.66 14.18 -9.52
N SER A 722 -16.73 13.46 -8.88
CA SER A 722 -15.77 14.06 -7.95
C SER A 722 -14.70 14.89 -8.69
N ALA A 723 -14.55 14.71 -10.00
CA ALA A 723 -13.57 15.44 -10.86
C ALA A 723 -14.18 16.67 -11.55
N GLN A 724 -15.50 16.75 -11.68
CA GLN A 724 -16.20 17.81 -12.47
CA GLN A 724 -16.20 17.82 -12.47
C GLN A 724 -17.09 18.64 -11.54
N THR A 725 -16.50 19.46 -10.69
CA THR A 725 -17.26 20.22 -9.67
C THR A 725 -16.96 21.71 -9.78
N GLU A 726 -17.76 22.50 -9.08
CA GLU A 726 -17.36 23.90 -8.80
C GLU A 726 -17.61 24.10 -7.33
N SER A 727 -17.02 25.16 -6.79
CA SER A 727 -17.14 25.38 -5.34
C SER A 727 -17.52 26.81 -4.98
N ARG A 728 -18.05 26.91 -3.77
CA ARG A 728 -18.26 28.19 -3.06
C ARG A 728 -17.77 27.95 -1.64
N SER A 729 -17.42 29.03 -0.95
CA SER A 729 -16.89 28.89 0.41
C SER A 729 -17.81 29.55 1.42
N PHE A 730 -17.77 29.05 2.63
CA PHE A 730 -18.35 29.78 3.79
C PHE A 730 -17.37 29.73 4.94
N THR A 731 -17.66 30.49 5.96
CA THR A 731 -16.86 30.55 7.18
C THR A 731 -17.70 30.03 8.34
N LEU A 732 -17.15 29.06 9.06
CA LEU A 732 -17.73 28.60 10.34
C LEU A 732 -17.21 29.54 11.42
N LEU A 733 -18.12 30.10 12.22
CA LEU A 733 -17.75 31.07 13.30
C LEU A 733 -17.28 30.36 14.59
N THR B 1 30.60 22.50 28.30
CA THR B 1 30.10 23.72 29.02
C THR B 1 30.93 24.95 28.59
N ASP B 2 32.14 24.81 28.05
CA ASP B 2 32.80 25.91 27.31
C ASP B 2 31.88 26.37 26.17
N LYS B 3 31.28 25.40 25.50
CA LYS B 3 30.34 25.65 24.39
C LYS B 3 29.10 26.38 24.89
N GLU B 4 28.47 25.90 25.97
CA GLU B 4 27.27 26.56 26.57
C GLU B 4 27.62 27.97 27.02
N ARG B 5 28.79 28.16 27.63
CA ARG B 5 29.24 29.50 28.13
C ARG B 5 29.40 30.43 26.94
N PHE B 6 30.12 29.94 25.93
CA PHE B 6 30.46 30.74 24.73
C PHE B 6 29.15 31.13 24.06
N ILE B 7 28.24 30.19 23.87
CA ILE B 7 26.96 30.49 23.14
C ILE B 7 26.13 31.47 23.95
N ALA B 8 26.02 31.31 25.28
CA ALA B 8 25.16 32.20 26.09
C ALA B 8 25.73 33.63 26.07
N SER B 9 27.06 33.79 26.11
CA SER B 9 27.66 35.14 26.08
C SER B 9 27.42 35.78 24.70
N LEU B 10 27.52 35.00 23.62
CA LEU B 10 27.27 35.54 22.26
C LEU B 10 25.79 35.93 22.12
N MET B 11 24.86 35.07 22.53
CA MET B 11 23.42 35.33 22.31
C MET B 11 22.98 36.54 23.13
N ALA B 12 23.55 36.75 24.31
CA ALA B 12 23.16 37.90 25.16
C ALA B 12 23.53 39.21 24.45
N ARG B 13 24.42 39.17 23.45
CA ARG B 13 24.83 40.38 22.69
C ARG B 13 23.95 40.62 21.46
N MET B 14 23.21 39.60 21.01
CA MET B 14 22.60 39.62 19.66
C MET B 14 21.23 40.27 19.68
N SER B 15 20.92 41.05 18.64
CA SER B 15 19.54 41.50 18.36
C SER B 15 18.70 40.30 17.91
N ASN B 16 17.37 40.41 17.97
CA ASN B 16 16.47 39.42 17.33
C ASN B 16 16.74 39.35 15.84
N ALA B 17 17.00 40.46 15.16
CA ALA B 17 17.35 40.43 13.72
C ALA B 17 18.54 39.50 13.47
N GLU B 18 19.60 39.59 14.29
CA GLU B 18 20.82 38.76 14.20
C GLU B 18 20.47 37.29 14.50
N LYS B 19 19.63 37.04 15.51
CA LYS B 19 19.25 35.66 15.87
C LYS B 19 18.47 35.02 14.73
N ILE B 20 17.50 35.75 14.17
CA ILE B 20 16.68 35.26 13.04
C ILE B 20 17.56 35.05 11.80
N GLY B 21 18.51 35.94 11.56
CA GLY B 21 19.43 35.77 10.42
C GLY B 21 20.20 34.45 10.48
N GLN B 22 20.48 33.94 11.66
CA GLN B 22 21.17 32.65 11.81
C GLN B 22 20.32 31.49 11.29
N LEU B 23 19.00 31.68 11.20
CA LEU B 23 18.11 30.55 10.87
C LEU B 23 17.95 30.40 9.37
N ARG B 24 18.49 31.33 8.59
CA ARG B 24 18.27 31.37 7.12
C ARG B 24 19.34 30.52 6.43
N LEU B 25 18.89 29.49 5.68
CA LEU B 25 19.73 28.59 4.88
C LEU B 25 19.33 28.79 3.42
N VAL B 26 20.26 29.23 2.57
CA VAL B 26 19.90 29.54 1.14
C VAL B 26 20.91 28.97 0.17
N SER B 27 20.48 28.80 -1.07
CA SER B 27 21.34 28.43 -2.22
C SER B 27 21.34 29.58 -3.20
N VAL B 28 22.48 29.80 -3.86
CA VAL B 28 22.57 30.77 -5.00
C VAL B 28 21.66 30.24 -6.08
N GLY B 29 20.80 31.09 -6.63
CA GLY B 29 20.03 30.74 -7.83
C GLY B 29 19.04 31.84 -8.17
N ALA B 30 18.06 31.52 -9.02
CA ALA B 30 17.06 32.51 -9.50
C ALA B 30 16.51 33.31 -8.30
N ASP B 31 16.11 32.63 -7.23
CA ASP B 31 15.42 33.21 -6.05
C ASP B 31 16.41 33.99 -5.15
N HIS B 32 17.73 33.71 -5.25
CA HIS B 32 18.78 34.35 -4.41
C HIS B 32 20.01 34.61 -5.26
N PRO B 33 19.98 35.64 -6.14
CA PRO B 33 21.10 35.91 -7.03
C PRO B 33 22.38 36.15 -6.21
N LYS B 34 23.50 35.73 -6.76
CA LYS B 34 24.79 35.73 -6.03
C LYS B 34 25.09 37.08 -5.40
N GLU B 35 25.02 38.19 -6.14
CA GLU B 35 25.48 39.51 -5.60
C GLU B 35 24.56 39.98 -4.45
N ALA B 36 23.25 39.79 -4.59
CA ALA B 36 22.29 40.17 -3.52
C ALA B 36 22.57 39.32 -2.29
N LEU B 37 22.83 38.02 -2.49
CA LEU B 37 23.10 37.08 -1.38
C LEU B 37 24.37 37.53 -0.66
N MET B 38 25.41 37.89 -1.41
CA MET B 38 26.69 38.35 -0.80
C MET B 38 26.39 39.57 0.11
N ALA B 39 25.52 40.47 -0.33
CA ALA B 39 25.17 41.70 0.42
C ALA B 39 24.41 41.30 1.69
N ASP B 40 23.56 40.28 1.61
CA ASP B 40 22.81 39.79 2.80
C ASP B 40 23.79 39.16 3.81
N ILE B 41 24.78 38.41 3.35
CA ILE B 41 25.78 37.77 4.26
C ILE B 41 26.51 38.90 5.02
N ARG B 42 26.97 39.91 4.29
CA ARG B 42 27.63 41.10 4.89
C ARG B 42 26.74 41.75 5.97
N ALA B 43 25.42 41.71 5.83
CA ALA B 43 24.46 42.36 6.79
C ALA B 43 24.09 41.43 7.94
N GLY B 44 24.63 40.20 8.00
CA GLY B 44 24.30 39.24 9.07
C GLY B 44 22.91 38.65 8.90
N LYS B 45 22.42 38.59 7.66
CA LYS B 45 21.05 38.08 7.39
C LYS B 45 21.10 36.63 6.92
N VAL B 46 22.25 35.96 6.96
CA VAL B 46 22.33 34.57 6.41
C VAL B 46 23.05 33.71 7.43
N GLY B 47 22.50 32.53 7.73
CA GLY B 47 23.12 31.61 8.69
C GLY B 47 23.99 30.57 8.01
N ALA B 48 23.64 30.17 6.79
CA ALA B 48 24.33 29.10 6.08
C ALA B 48 23.89 29.05 4.62
N ILE B 49 24.68 28.31 3.88
CA ILE B 49 24.61 28.17 2.42
C ILE B 49 24.54 26.69 2.09
N PHE B 50 23.83 26.33 1.04
CA PHE B 50 23.99 25.00 0.45
C PHE B 50 24.13 25.13 -1.05
N ASN B 51 24.73 24.10 -1.66
CA ASN B 51 24.93 23.97 -3.12
C ASN B 51 26.04 24.90 -3.65
N THR B 52 26.86 25.50 -2.79
CA THR B 52 28.15 26.16 -3.19
C THR B 52 29.28 25.23 -2.75
N VAL B 53 30.01 24.70 -3.72
CA VAL B 53 30.80 23.44 -3.50
C VAL B 53 32.26 23.57 -3.93
N THR B 54 32.79 24.74 -4.28
CA THR B 54 34.25 24.88 -4.54
C THR B 54 34.90 25.83 -3.55
N ARG B 55 36.16 25.58 -3.22
CA ARG B 55 36.88 26.32 -2.17
C ARG B 55 36.87 27.82 -2.46
N PRO B 56 37.20 28.32 -3.67
CA PRO B 56 37.19 29.77 -3.89
C PRO B 56 35.80 30.40 -3.74
N ASP B 57 34.74 29.71 -4.13
CA ASP B 57 33.34 30.21 -3.99
C ASP B 57 32.96 30.20 -2.51
N ILE B 58 33.25 29.12 -1.78
CA ILE B 58 32.96 29.09 -0.31
C ILE B 58 33.79 30.17 0.40
N ARG B 59 35.08 30.27 0.09
CA ARG B 59 35.97 31.24 0.77
C ARG B 59 35.46 32.67 0.55
N ALA B 60 35.03 32.99 -0.67
CA ALA B 60 34.42 34.31 -1.03
C ALA B 60 33.24 34.60 -0.12
N MET B 61 32.38 33.59 0.14
CA MET B 61 31.19 33.80 0.98
CA MET B 61 31.16 33.73 0.99
C MET B 61 31.61 33.99 2.43
N GLN B 62 32.59 33.20 2.91
CA GLN B 62 33.05 33.29 4.30
C GLN B 62 33.71 34.68 4.50
N ASP B 63 34.40 35.16 3.47
CA ASP B 63 35.02 36.51 3.50
C ASP B 63 33.95 37.58 3.80
N GLN B 64 32.72 37.40 3.31
CA GLN B 64 31.67 38.44 3.43
C GLN B 64 31.26 38.60 4.89
N VAL B 65 31.40 37.56 5.69
CA VAL B 65 31.02 37.54 7.12
C VAL B 65 31.77 38.60 7.92
N ARG B 66 33.03 38.89 7.58
CA ARG B 66 33.88 39.87 8.30
C ARG B 66 33.20 41.24 8.30
N HIS B 67 32.19 41.47 7.44
CA HIS B 67 31.47 42.76 7.33
C HIS B 67 30.34 42.86 8.33
N SER B 68 29.87 41.73 8.89
CA SER B 68 28.72 41.73 9.80
C SER B 68 29.20 42.17 11.18
N ARG B 69 28.29 42.59 12.05
CA ARG B 69 28.70 43.18 13.36
C ARG B 69 29.43 42.13 14.18
N LEU B 70 28.87 40.92 14.30
CA LEU B 70 29.43 39.87 15.19
C LEU B 70 30.33 38.89 14.43
N LYS B 71 30.36 38.97 13.10
CA LYS B 71 31.22 38.15 12.20
C LYS B 71 30.96 36.66 12.44
N ILE B 72 29.71 36.31 12.68
CA ILE B 72 29.38 34.88 12.94
C ILE B 72 29.59 34.15 11.62
N PRO B 73 30.42 33.09 11.58
CA PRO B 73 30.75 32.40 10.33
C PRO B 73 29.56 31.61 9.76
N LEU B 74 29.56 31.46 8.45
CA LEU B 74 28.60 30.54 7.78
C LEU B 74 29.07 29.10 7.99
N PHE B 75 28.16 28.14 7.82
CA PHE B 75 28.52 26.77 7.44
C PHE B 75 28.00 26.56 6.03
N HIS B 76 28.67 25.66 5.31
CA HIS B 76 28.32 25.33 3.91
C HIS B 76 27.94 23.86 3.82
N ALA B 77 26.78 23.58 3.24
CA ALA B 77 26.28 22.19 3.12
C ALA B 77 26.08 21.76 1.67
N TYR B 78 25.98 20.45 1.51
CA TYR B 78 25.75 19.83 0.20
C TYR B 78 25.17 18.44 0.42
N ASP B 79 24.63 17.88 -0.66
CA ASP B 79 24.05 16.51 -0.68
C ASP B 79 25.17 15.56 -1.11
N VAL B 80 26.03 15.20 -0.18
CA VAL B 80 27.10 14.23 -0.44
C VAL B 80 26.52 12.92 0.09
N ALA B 81 25.82 12.23 -0.78
CA ALA B 81 24.97 11.08 -0.43
C ALA B 81 25.80 9.79 -0.52
N HIS B 82 26.49 9.58 -1.63
CA HIS B 82 27.33 8.37 -1.83
C HIS B 82 28.60 8.76 -2.61
N GLY B 83 29.22 9.87 -2.23
CA GLY B 83 30.41 10.40 -2.91
C GLY B 83 30.26 11.87 -3.16
N HIS B 84 31.37 12.59 -3.21
CA HIS B 84 31.37 14.05 -3.50
C HIS B 84 31.83 14.26 -4.94
N ARG B 85 33.12 14.01 -5.23
CA ARG B 85 33.63 14.02 -6.62
C ARG B 85 33.88 12.60 -7.11
N THR B 86 34.49 11.77 -6.27
CA THR B 86 34.63 10.34 -6.55
C THR B 86 33.33 9.68 -6.11
N ILE B 87 32.59 9.10 -7.06
CA ILE B 87 31.21 8.61 -6.73
C ILE B 87 31.27 7.13 -6.43
N PHE B 88 30.78 6.76 -5.26
CA PHE B 88 30.67 5.33 -4.86
C PHE B 88 29.35 4.79 -5.36
N PRO B 89 29.10 3.48 -5.22
CA PRO B 89 27.77 2.99 -5.56
C PRO B 89 26.69 3.76 -4.80
N ILE B 90 25.49 3.78 -5.36
CA ILE B 90 24.32 4.30 -4.61
C ILE B 90 24.20 3.52 -3.30
N SER B 91 23.57 4.13 -2.29
CA SER B 91 23.48 3.57 -0.92
C SER B 91 22.89 2.17 -0.96
N LEU B 92 21.91 1.91 -1.85
CA LEU B 92 21.28 0.57 -1.88
C LEU B 92 22.36 -0.48 -2.26
N GLY B 93 23.33 -0.12 -3.11
CA GLY B 93 24.48 -0.95 -3.49
C GLY B 93 25.52 -1.07 -2.37
N LEU B 94 25.81 0.03 -1.66
CA LEU B 94 26.72 -0.03 -0.49
C LEU B 94 26.12 -0.97 0.57
N ALA B 95 24.82 -0.95 0.80
CA ALA B 95 24.20 -1.80 1.84
C ALA B 95 24.42 -3.26 1.47
N ALA B 96 24.44 -3.59 0.17
CA ALA B 96 24.54 -5.00 -0.30
C ALA B 96 25.96 -5.55 -0.03
N SER B 97 26.92 -4.71 0.34
CA SER B 97 28.27 -5.13 0.82
C SER B 97 28.16 -5.88 2.17
N TRP B 98 27.12 -5.62 2.98
CA TRP B 98 26.98 -6.16 4.36
C TRP B 98 28.29 -5.95 5.13
N ASP B 99 28.93 -4.80 4.95
CA ASP B 99 30.27 -4.64 5.55
C ASP B 99 30.40 -3.22 6.05
N PRO B 100 30.19 -2.99 7.35
CA PRO B 100 30.26 -1.65 7.90
C PRO B 100 31.57 -0.92 7.53
N GLU B 101 32.69 -1.64 7.40
CA GLU B 101 34.00 -1.00 7.08
C GLU B 101 34.02 -0.46 5.65
N VAL B 102 33.40 -1.17 4.72
CA VAL B 102 33.27 -0.72 3.33
C VAL B 102 32.41 0.54 3.31
N VAL B 103 31.27 0.50 4.00
CA VAL B 103 30.37 1.67 4.00
C VAL B 103 31.06 2.87 4.67
N ALA B 104 31.75 2.62 5.79
CA ALA B 104 32.56 3.65 6.50
C ALA B 104 33.56 4.28 5.53
N ARG B 105 34.21 3.47 4.72
CA ARG B 105 35.27 3.97 3.82
C ARG B 105 34.65 4.94 2.81
N SER B 106 33.51 4.59 2.20
CA SER B 106 32.85 5.49 1.21
C SER B 106 32.55 6.82 1.90
N ALA B 107 31.98 6.77 3.12
CA ALA B 107 31.60 7.98 3.89
C ALA B 107 32.85 8.79 4.21
N ARG B 108 33.91 8.14 4.65
CA ARG B 108 35.15 8.87 5.06
C ARG B 108 35.73 9.60 3.84
N ILE B 109 35.85 8.90 2.72
CA ILE B 109 36.37 9.52 1.48
C ILE B 109 35.45 10.63 1.01
N SER B 110 34.14 10.44 1.13
CA SER B 110 33.19 11.52 0.78
C SER B 110 33.47 12.75 1.63
N ALA B 111 33.67 12.57 2.91
CA ALA B 111 33.86 13.70 3.84
C ALA B 111 35.23 14.36 3.55
N LEU B 112 36.22 13.54 3.28
CA LEU B 112 37.59 14.02 2.92
C LEU B 112 37.49 14.93 1.68
N GLU B 113 36.79 14.47 0.65
CA GLU B 113 36.71 15.22 -0.61
C GLU B 113 35.88 16.48 -0.41
N ALA B 114 34.77 16.38 0.31
CA ALA B 114 33.83 17.51 0.47
C ALA B 114 34.51 18.58 1.33
N SER B 115 35.13 18.19 2.44
CA SER B 115 35.83 19.12 3.36
C SER B 115 37.04 19.74 2.64
N ALA B 116 37.65 19.03 1.67
CA ALA B 116 38.81 19.55 0.90
C ALA B 116 38.32 20.69 -0.02
N ASP B 117 37.05 20.66 -0.36
CA ASP B 117 36.41 21.71 -1.21
C ASP B 117 35.79 22.79 -0.30
N GLY B 118 35.88 22.69 1.03
CA GLY B 118 35.42 23.75 1.96
C GLY B 118 34.04 23.50 2.55
N LEU B 119 33.44 22.35 2.28
CA LEU B 119 32.11 22.00 2.82
C LEU B 119 32.23 21.56 4.27
N ASP B 120 31.22 21.92 5.08
CA ASP B 120 31.18 21.59 6.52
C ASP B 120 30.16 20.50 6.82
N MET B 121 29.20 20.30 5.93
CA MET B 121 28.01 19.48 6.28
C MET B 121 27.49 18.76 5.04
N SER B 122 27.04 17.52 5.24
CA SER B 122 26.31 16.77 4.19
C SER B 122 24.91 16.49 4.66
N PHE B 123 23.97 16.63 3.76
CA PHE B 123 22.59 16.17 4.03
C PHE B 123 22.57 14.67 3.76
N SER B 124 23.11 13.92 4.70
CA SER B 124 23.32 12.45 4.64
CA SER B 124 23.25 12.45 4.67
C SER B 124 23.73 12.02 6.05
N PRO B 125 23.56 10.75 6.46
CA PRO B 125 22.99 9.70 5.62
C PRO B 125 21.45 9.75 5.52
N MET B 126 20.94 9.18 4.42
CA MET B 126 19.50 8.86 4.25
C MET B 126 19.23 7.49 4.87
N VAL B 127 18.36 7.44 5.88
CA VAL B 127 18.17 6.20 6.70
C VAL B 127 16.70 5.80 6.77
N ASP B 128 15.92 6.23 5.79
CA ASP B 128 14.49 5.88 5.67
C ASP B 128 14.38 4.41 5.29
N ILE B 129 13.62 3.63 6.03
CA ILE B 129 13.30 2.23 5.65
C ILE B 129 12.40 2.25 4.41
N THR B 130 12.65 1.32 3.47
CA THR B 130 11.89 1.27 2.20
C THR B 130 11.34 -0.14 1.98
N ARG B 131 10.02 -0.28 1.99
CA ARG B 131 9.35 -1.56 1.65
C ARG B 131 8.59 -1.47 0.33
N ASP B 132 8.65 -0.33 -0.32
CA ASP B 132 7.88 -0.06 -1.55
C ASP B 132 8.89 0.28 -2.65
N ALA B 133 9.12 -0.66 -3.55
CA ALA B 133 10.02 -0.60 -4.69
C ALA B 133 9.68 0.53 -5.67
N ARG B 134 8.45 1.02 -5.69
CA ARG B 134 8.06 2.03 -6.72
C ARG B 134 8.68 3.38 -6.42
N TRP B 135 8.91 3.68 -5.13
CA TRP B 135 9.46 4.99 -4.72
C TRP B 135 10.81 5.29 -5.38
N GLY B 136 10.94 6.46 -6.02
CA GLY B 136 12.19 6.86 -6.67
C GLY B 136 13.36 6.91 -5.72
N ARG B 137 13.12 7.19 -4.45
CA ARG B 137 14.23 7.44 -3.54
C ARG B 137 14.68 6.16 -2.84
N VAL B 138 14.22 4.97 -3.25
CA VAL B 138 14.76 3.71 -2.64
CA VAL B 138 14.76 3.69 -2.69
C VAL B 138 16.28 3.65 -2.91
N SER B 139 16.75 4.24 -4.00
CA SER B 139 18.19 4.22 -4.38
C SER B 139 19.02 4.93 -3.30
N GLU B 140 18.42 5.81 -2.52
CA GLU B 140 19.18 6.61 -1.53
C GLU B 140 19.32 5.93 -0.17
N GLY B 141 18.57 4.86 0.06
CA GLY B 141 18.65 4.20 1.39
C GLY B 141 19.37 2.89 1.35
N PHE B 142 19.24 2.15 2.44
CA PHE B 142 19.99 0.90 2.69
C PHE B 142 19.07 -0.34 2.63
N GLY B 143 17.84 -0.18 2.12
CA GLY B 143 16.88 -1.28 1.92
C GLY B 143 15.81 -1.34 3.00
N GLU B 144 15.30 -2.55 3.28
CA GLU B 144 14.01 -2.73 4.00
C GLU B 144 14.24 -3.11 5.48
N ASP B 145 15.50 -3.37 5.90
CA ASP B 145 15.71 -3.97 7.24
C ASP B 145 16.11 -2.89 8.26
N THR B 146 15.42 -2.90 9.39
CA THR B 146 15.63 -1.95 10.52
C THR B 146 17.02 -2.16 11.17
N TYR B 147 17.41 -3.40 11.45
CA TYR B 147 18.71 -3.71 12.11
C TYR B 147 19.85 -3.21 11.23
N LEU B 148 19.87 -3.61 9.96
CA LEU B 148 21.00 -3.27 9.09
C LEU B 148 21.02 -1.75 8.85
N THR B 149 19.89 -1.14 8.57
CA THR B 149 19.84 0.29 8.25
C THR B 149 20.24 1.07 9.51
N SER B 150 19.85 0.60 10.67
CA SER B 150 20.21 1.27 11.96
C SER B 150 21.73 1.21 12.16
N LEU B 151 22.29 0.04 11.89
CA LEU B 151 23.75 -0.16 12.01
C LEU B 151 24.47 0.77 11.04
N LEU B 152 24.07 0.78 9.77
CA LEU B 152 24.78 1.60 8.78
C LEU B 152 24.52 3.08 9.03
N SER B 153 23.35 3.46 9.56
CA SER B 153 23.07 4.85 9.98
C SER B 153 24.19 5.34 10.93
N GLY B 154 24.44 4.61 12.00
CA GLY B 154 25.50 4.94 12.98
C GLY B 154 26.87 4.98 12.34
N VAL B 155 27.18 4.00 11.50
CA VAL B 155 28.48 3.87 10.79
C VAL B 155 28.72 5.12 9.94
N MET B 156 27.69 5.57 9.22
CA MET B 156 27.82 6.70 8.27
C MET B 156 28.10 7.98 9.09
N VAL B 157 27.34 8.15 10.16
CA VAL B 157 27.52 9.37 11.01
C VAL B 157 28.94 9.40 11.57
N ARG B 158 29.37 8.32 12.19
CA ARG B 158 30.71 8.26 12.81
C ARG B 158 31.78 8.51 11.75
N ALA B 159 31.63 7.96 10.57
CA ALA B 159 32.62 8.07 9.49
C ALA B 159 32.69 9.51 8.98
N TYR B 160 31.55 10.17 8.81
CA TYR B 160 31.55 11.59 8.41
C TYR B 160 32.23 12.46 9.48
N GLN B 161 31.83 12.28 10.74
CA GLN B 161 32.09 13.27 11.83
C GLN B 161 33.44 12.97 12.48
N GLY B 162 33.93 11.74 12.33
CA GLY B 162 35.25 11.32 12.88
C GLY B 162 35.37 11.54 14.38
N SER B 163 36.60 11.70 14.85
CA SER B 163 36.94 11.83 16.30
C SER B 163 36.49 13.19 16.84
N ASN B 164 36.46 14.19 15.98
CA ASN B 164 36.29 15.60 16.38
C ASN B 164 35.64 16.33 15.21
N LEU B 165 34.46 16.90 15.42
CA LEU B 165 33.77 17.65 14.32
C LEU B 165 34.53 18.90 13.89
N ALA B 166 35.48 19.36 14.71
CA ALA B 166 36.33 20.54 14.40
C ALA B 166 37.48 20.12 13.46
N ALA B 167 37.73 18.83 13.25
CA ALA B 167 38.80 18.39 12.34
C ALA B 167 38.53 18.92 10.94
N PRO B 168 39.55 19.39 10.20
CA PRO B 168 39.32 19.95 8.88
C PRO B 168 38.89 18.91 7.83
N ASP B 169 38.97 17.61 8.14
CA ASP B 169 38.51 16.56 7.19
C ASP B 169 37.22 15.92 7.74
N SER B 170 36.62 16.47 8.79
CA SER B 170 35.31 16.04 9.33
C SER B 170 34.25 16.90 8.67
N ILE B 171 33.05 16.34 8.52
CA ILE B 171 31.85 17.13 8.16
C ILE B 171 30.74 16.69 9.09
N MET B 172 29.77 17.56 9.29
CA MET B 172 28.60 17.26 10.12
C MET B 172 27.62 16.44 9.29
N ALA B 173 27.03 15.43 9.90
CA ALA B 173 25.98 14.62 9.29
C ALA B 173 24.65 15.29 9.65
N ALA B 174 23.86 15.57 8.63
CA ALA B 174 22.44 15.94 8.77
C ALA B 174 21.62 14.74 8.30
N VAL B 175 21.28 13.87 9.25
CA VAL B 175 20.53 12.60 8.99
C VAL B 175 19.16 12.98 8.42
N LYS B 176 18.71 12.21 7.44
CA LYS B 176 17.43 12.49 6.76
C LYS B 176 16.74 11.17 6.43
N HIS B 177 15.44 11.22 6.12
CA HIS B 177 14.54 12.34 6.21
C HIS B 177 13.60 12.08 7.39
N PHE B 178 13.70 12.89 8.45
CA PHE B 178 13.00 12.61 9.71
C PHE B 178 11.56 13.13 9.55
N ALA B 179 10.58 12.24 9.42
CA ALA B 179 10.69 10.80 9.51
C ALA B 179 9.66 10.09 8.62
N LEU B 180 9.93 8.81 8.33
CA LEU B 180 8.99 7.81 7.73
C LEU B 180 8.73 8.11 6.24
N TYR B 181 9.60 8.88 5.61
CA TYR B 181 9.42 9.43 4.26
C TYR B 181 9.27 8.29 3.21
N GLY B 182 9.95 7.16 3.41
CA GLY B 182 9.92 6.02 2.45
C GLY B 182 8.67 5.14 2.56
N ALA B 183 7.76 5.43 3.47
CA ALA B 183 6.45 4.75 3.60
C ALA B 183 5.35 5.46 2.80
N ALA B 184 5.73 6.40 1.93
CA ALA B 184 4.74 7.14 1.10
C ALA B 184 3.72 6.19 0.47
N GLU B 185 2.43 6.51 0.64
CA GLU B 185 1.36 5.73 0.01
C GLU B 185 1.53 5.69 -1.50
N GLY B 186 1.32 4.51 -2.09
CA GLY B 186 1.42 4.34 -3.54
C GLY B 186 2.84 4.46 -4.07
N GLY B 187 3.82 4.55 -3.18
CA GLY B 187 5.22 4.82 -3.53
C GLY B 187 5.38 6.14 -4.28
N ARG B 188 4.39 7.03 -4.23
CA ARG B 188 4.44 8.36 -4.87
C ARG B 188 5.25 9.30 -3.99
N ASP B 189 6.27 9.97 -4.55
CA ASP B 189 7.11 10.82 -3.69
C ASP B 189 6.22 11.85 -2.98
N TYR B 190 6.60 12.20 -1.76
CA TYR B 190 6.02 13.27 -0.90
C TYR B 190 4.62 12.86 -0.41
N ASN B 191 4.15 11.65 -0.73
CA ASN B 191 2.77 11.25 -0.40
C ASN B 191 2.61 10.89 1.09
N THR B 192 1.37 10.96 1.51
CA THR B 192 0.84 10.57 2.82
C THR B 192 1.55 9.34 3.41
N VAL B 193 1.90 9.45 4.68
CA VAL B 193 2.39 8.31 5.47
C VAL B 193 1.47 8.13 6.63
N ASP B 194 0.99 6.92 6.78
CA ASP B 194 -0.01 6.61 7.83
C ASP B 194 0.34 5.25 8.42
N MET B 195 0.61 5.21 9.70
CA MET B 195 1.04 3.92 10.28
C MET B 195 0.80 3.96 11.78
N SER B 196 0.68 2.78 12.36
CA SER B 196 0.49 2.61 13.81
C SER B 196 1.76 2.99 14.55
N LEU B 197 1.60 3.33 15.83
CA LEU B 197 2.80 3.68 16.61
C LEU B 197 3.66 2.46 16.84
N PRO B 198 3.16 1.21 17.12
CA PRO B 198 4.08 0.09 17.28
C PRO B 198 4.95 -0.18 16.04
N ARG B 199 4.39 -0.04 14.84
CA ARG B 199 5.19 -0.21 13.59
C ARG B 199 6.21 0.93 13.47
N MET B 200 5.77 2.15 13.73
CA MET B 200 6.67 3.34 13.70
C MET B 200 7.88 3.07 14.61
N PHE B 201 7.63 2.74 15.87
CA PHE B 201 8.70 2.60 16.88
C PHE B 201 9.57 1.37 16.62
N GLN B 202 8.97 0.24 16.26
CA GLN B 202 9.73 -1.02 16.09
C GLN B 202 10.58 -0.95 14.81
N ASP B 203 10.01 -0.47 13.72
CA ASP B 203 10.57 -0.71 12.36
C ASP B 203 11.13 0.57 11.73
N TYR B 204 10.50 1.72 11.90
CA TYR B 204 10.83 2.93 11.09
C TYR B 204 11.72 3.91 11.83
N LEU B 205 11.49 4.16 13.11
CA LEU B 205 12.24 5.21 13.85
C LEU B 205 13.64 4.76 14.27
N PRO B 206 13.96 3.48 14.54
CA PRO B 206 15.29 3.16 15.05
C PRO B 206 16.49 3.65 14.26
N PRO B 207 16.50 3.73 12.90
CA PRO B 207 17.68 4.29 12.23
C PRO B 207 17.94 5.77 12.54
N TYR B 208 16.90 6.56 12.76
CA TYR B 208 17.07 7.99 13.13
C TYR B 208 17.63 8.08 14.54
N LYS B 209 17.16 7.23 15.43
CA LYS B 209 17.67 7.22 16.82
C LYS B 209 19.12 6.75 16.82
N ALA B 210 19.48 5.82 15.94
CA ALA B 210 20.87 5.33 15.85
C ALA B 210 21.79 6.49 15.43
N ALA B 211 21.31 7.35 14.53
CA ALA B 211 22.10 8.49 14.04
C ALA B 211 22.30 9.48 15.19
N VAL B 212 21.23 9.75 15.93
CA VAL B 212 21.28 10.69 17.08
C VAL B 212 22.27 10.12 18.11
N ASP B 213 22.18 8.83 18.42
CA ASP B 213 23.03 8.17 19.44
C ASP B 213 24.50 8.13 18.96
N ALA B 214 24.77 8.12 17.65
CA ALA B 214 26.13 8.19 17.08
C ALA B 214 26.63 9.64 17.11
N GLY B 215 25.77 10.57 17.54
CA GLY B 215 26.12 11.99 17.74
C GLY B 215 25.90 12.85 16.50
N ALA B 216 25.00 12.46 15.58
CA ALA B 216 24.67 13.29 14.41
C ALA B 216 24.47 14.73 14.90
N GLY B 217 25.06 15.68 14.21
CA GLY B 217 24.96 17.10 14.57
C GLY B 217 23.66 17.73 14.11
N ALA B 218 23.06 17.20 13.06
CA ALA B 218 21.85 17.79 12.45
C ALA B 218 20.88 16.72 12.02
N VAL B 219 19.63 17.15 11.90
CA VAL B 219 18.53 16.32 11.39
C VAL B 219 17.80 17.13 10.33
N MET B 220 17.66 16.60 9.13
CA MET B 220 16.79 17.17 8.08
C MET B 220 15.37 16.60 8.19
N VAL B 221 14.43 17.51 8.31
CA VAL B 221 13.00 17.20 8.53
C VAL B 221 12.35 16.87 7.19
N SER B 222 11.48 15.84 7.19
CA SER B 222 10.89 15.32 5.93
C SER B 222 9.71 16.16 5.41
N LEU B 223 9.29 15.88 4.18
CA LEU B 223 8.25 16.63 3.42
C LEU B 223 6.85 16.05 3.63
N ASN B 224 6.75 14.83 4.15
CA ASN B 224 5.49 14.08 4.25
C ASN B 224 4.73 14.35 5.56
N THR B 225 3.41 14.11 5.50
CA THR B 225 2.57 13.93 6.70
C THR B 225 2.96 12.64 7.42
N ILE B 226 2.87 12.71 8.73
CA ILE B 226 2.90 11.54 9.63
C ILE B 226 1.54 11.49 10.29
N ASN B 227 0.73 10.53 9.91
CA ASN B 227 -0.62 10.39 10.53
C ASN B 227 -1.36 11.72 10.48
N GLY B 228 -1.30 12.42 9.36
CA GLY B 228 -2.05 13.68 9.15
C GLY B 228 -1.27 14.94 9.48
N VAL B 229 -0.09 14.83 10.13
CA VAL B 229 0.64 16.07 10.47
C VAL B 229 1.95 16.11 9.70
N PRO B 230 2.14 17.11 8.83
CA PRO B 230 3.42 17.30 8.20
C PRO B 230 4.55 17.31 9.22
N ALA B 231 5.63 16.64 8.89
CA ALA B 231 6.80 16.56 9.80
C ALA B 231 7.30 17.98 10.16
N THR B 232 7.25 18.93 9.21
CA THR B 232 7.74 20.32 9.42
C THR B 232 6.88 21.03 10.47
N ALA B 233 5.66 20.56 10.75
CA ALA B 233 4.75 21.17 11.76
C ALA B 233 4.50 20.24 12.94
N ASN B 234 5.30 19.21 13.14
CA ASN B 234 4.94 18.08 14.00
C ASN B 234 5.71 18.23 15.32
N ARG B 235 5.09 18.91 16.28
CA ARG B 235 5.74 19.17 17.59
C ARG B 235 6.00 17.86 18.33
N TRP B 236 5.11 16.89 18.18
CA TRP B 236 5.35 15.57 18.78
C TRP B 236 6.66 14.97 18.25
N LEU B 237 6.81 14.94 16.94
CA LEU B 237 8.02 14.36 16.32
C LEU B 237 9.30 15.12 16.69
N LEU B 238 9.31 16.45 16.54
CA LEU B 238 10.57 17.22 16.52
C LEU B 238 10.95 17.67 17.94
N THR B 239 9.97 17.83 18.82
CA THR B 239 10.18 18.28 20.22
C THR B 239 10.03 17.11 21.17
N ASP B 240 8.85 16.56 21.34
CA ASP B 240 8.57 15.49 22.33
C ASP B 240 9.50 14.28 22.07
N LEU B 241 9.52 13.77 20.84
CA LEU B 241 10.31 12.57 20.58
C LEU B 241 11.81 12.90 20.43
N LEU B 242 12.16 13.71 19.45
CA LEU B 242 13.58 13.94 19.05
C LEU B 242 14.36 14.59 20.19
N ARG B 243 13.78 15.62 20.83
CA ARG B 243 14.49 16.34 21.91
C ARG B 243 14.24 15.70 23.28
N GLN B 244 12.99 15.60 23.70
CA GLN B 244 12.70 15.29 25.12
C GLN B 244 12.97 13.79 25.34
N GLN B 245 12.60 12.91 24.42
CA GLN B 245 12.70 11.45 24.70
C GLN B 245 14.08 10.98 24.28
N TRP B 246 14.58 11.41 23.12
CA TRP B 246 15.86 10.89 22.58
C TRP B 246 17.06 11.75 23.00
N GLY B 247 16.84 12.96 23.50
CA GLY B 247 17.95 13.80 24.00
C GLY B 247 18.75 14.46 22.91
N PHE B 248 18.23 14.60 21.69
CA PHE B 248 18.98 15.26 20.60
C PHE B 248 19.25 16.73 20.97
N LYS B 249 20.50 17.15 20.83
CA LYS B 249 20.98 18.49 21.25
C LYS B 249 21.40 19.28 20.02
N GLY B 250 21.20 18.76 18.81
CA GLY B 250 21.72 19.39 17.59
C GLY B 250 20.68 20.26 16.89
N LEU B 251 20.87 20.37 15.57
CA LEU B 251 20.16 21.35 14.71
C LEU B 251 19.12 20.65 13.86
N THR B 252 17.90 21.19 13.79
CA THR B 252 16.90 20.73 12.81
C THR B 252 16.89 21.67 11.60
N ILE B 253 16.86 21.08 10.41
CA ILE B 253 16.88 21.84 9.13
C ILE B 253 15.62 21.45 8.36
N SER B 254 14.91 22.44 7.83
CA SER B 254 13.76 22.14 6.94
C SER B 254 14.27 21.72 5.55
N ASN B 255 13.42 21.06 4.75
CA ASN B 255 13.71 20.79 3.32
C ASN B 255 13.26 22.02 2.52
N HIS B 256 13.59 22.05 1.23
CA HIS B 256 13.41 23.23 0.35
C HIS B 256 11.91 23.58 0.28
N GLY B 257 11.52 24.76 0.72
CA GLY B 257 10.11 25.20 0.65
C GLY B 257 9.20 24.46 1.63
N ALA B 258 9.74 23.65 2.54
CA ALA B 258 8.89 22.79 3.42
C ALA B 258 8.00 23.65 4.32
N VAL B 259 8.46 24.82 4.77
CA VAL B 259 7.63 25.66 5.68
C VAL B 259 6.48 26.22 4.86
N LYS B 260 6.76 26.75 3.68
CA LYS B 260 5.71 27.30 2.78
C LYS B 260 4.72 26.19 2.38
N GLU B 261 5.19 24.96 2.19
CA GLU B 261 4.33 23.83 1.77
C GLU B 261 3.34 23.44 2.87
N LEU B 262 3.42 23.96 4.09
CA LEU B 262 2.37 23.70 5.11
C LEU B 262 1.04 24.29 4.63
N ILE B 263 1.08 25.25 3.72
CA ILE B 263 -0.16 25.83 3.16
C ILE B 263 -0.79 24.80 2.22
N LYS B 264 -0.01 24.21 1.32
CA LYS B 264 -0.52 23.14 0.43
C LYS B 264 -1.03 21.92 1.21
N HIS B 265 -0.36 21.51 2.28
CA HIS B 265 -0.81 20.42 3.17
C HIS B 265 -2.12 20.75 3.86
N GLY B 266 -2.51 22.03 3.90
CA GLY B 266 -3.75 22.47 4.57
C GLY B 266 -3.64 22.55 6.07
N LEU B 267 -2.46 22.83 6.60
CA LEU B 267 -2.29 23.15 8.05
C LEU B 267 -2.33 24.68 8.24
N ALA B 268 -2.04 25.45 7.19
CA ALA B 268 -1.90 26.90 7.33
C ALA B 268 -2.61 27.57 6.16
N GLY B 269 -3.17 28.75 6.39
CA GLY B 269 -3.88 29.51 5.34
C GLY B 269 -2.99 30.57 4.73
N ASN B 270 -1.83 30.80 5.35
CA ASN B 270 -0.94 31.89 4.90
C ASN B 270 0.48 31.64 5.43
N GLU B 271 1.42 32.44 4.97
CA GLU B 271 2.85 32.21 5.28
C GLU B 271 3.18 32.52 6.75
N ARG B 272 2.46 33.45 7.34
CA ARG B 272 2.67 33.88 8.74
C ARG B 272 2.34 32.70 9.66
N ASP B 273 1.18 32.09 9.44
CA ASP B 273 0.75 30.89 10.19
C ASP B 273 1.67 29.70 9.89
N ALA B 274 2.15 29.52 8.66
CA ALA B 274 3.08 28.40 8.37
C ALA B 274 4.37 28.58 9.18
N THR B 275 4.87 29.81 9.25
CA THR B 275 6.12 30.14 9.99
C THR B 275 5.91 29.79 11.47
N ARG B 276 4.77 30.19 12.05
CA ARG B 276 4.52 29.98 13.48
C ARG B 276 4.55 28.47 13.73
N LEU B 277 3.89 27.70 12.88
CA LEU B 277 3.74 26.24 13.14
C LEU B 277 5.12 25.57 13.09
N ALA B 278 5.95 25.98 12.14
CA ALA B 278 7.28 25.35 11.95
C ALA B 278 8.20 25.69 13.12
N ILE B 279 8.28 26.95 13.56
CA ILE B 279 9.27 27.28 14.60
C ILE B 279 8.79 26.67 15.92
N GLN B 280 7.49 26.66 16.20
CA GLN B 280 6.98 26.12 17.49
C GLN B 280 7.02 24.59 17.48
N ALA B 281 6.98 23.95 16.31
CA ALA B 281 7.15 22.49 16.22
C ALA B 281 8.56 22.07 16.62
N GLY B 282 9.54 22.91 16.29
CA GLY B 282 10.97 22.60 16.50
C GLY B 282 11.82 22.59 15.24
N VAL B 283 11.42 23.28 14.17
CA VAL B 283 12.30 23.46 12.98
C VAL B 283 13.18 24.71 13.23
N ASP B 284 14.50 24.54 13.26
CA ASP B 284 15.45 25.60 13.65
C ASP B 284 15.80 26.43 12.42
N MET B 285 16.04 25.76 11.30
CA MET B 285 16.62 26.45 10.13
C MET B 285 15.74 26.21 8.90
N ASN B 286 15.45 27.31 8.19
CA ASN B 286 14.45 27.47 7.11
C ASN B 286 15.22 27.46 5.80
N MET B 287 15.08 26.42 4.98
CA MET B 287 15.75 26.34 3.67
C MET B 287 14.95 27.10 2.59
N ASN B 288 15.56 28.13 2.02
CA ASN B 288 15.23 28.89 0.79
C ASN B 288 13.94 29.73 0.81
N ASP B 289 12.82 29.33 1.41
CA ASP B 289 11.56 30.10 1.20
C ASP B 289 11.54 31.42 1.98
N ASP B 290 12.48 31.61 2.92
CA ASP B 290 12.74 32.90 3.63
C ASP B 290 11.55 33.36 4.48
N LEU B 291 10.66 32.46 4.84
CA LEU B 291 9.48 32.77 5.67
C LEU B 291 9.92 33.23 7.05
N TYR B 292 10.97 32.63 7.61
CA TYR B 292 11.39 32.95 9.00
C TYR B 292 11.82 34.41 9.08
N SER B 293 12.67 34.83 8.13
CA SER B 293 13.17 36.22 8.08
C SER B 293 12.00 37.18 7.86
N THR B 294 11.01 36.77 7.08
CA THR B 294 9.83 37.61 6.71
C THR B 294 8.90 37.75 7.92
N TRP B 295 8.64 36.68 8.66
CA TRP B 295 7.50 36.64 9.63
C TRP B 295 7.89 36.52 11.10
N LEU B 296 9.08 36.08 11.50
CA LEU B 296 9.32 35.85 12.94
C LEU B 296 9.22 37.17 13.73
N PRO B 297 9.69 38.33 13.25
CA PRO B 297 9.56 39.55 14.07
C PRO B 297 8.09 39.90 14.36
N LYS B 298 7.24 39.84 13.34
CA LYS B 298 5.79 40.15 13.45
C LYS B 298 5.13 39.15 14.38
N LEU B 299 5.44 37.84 14.24
CA LEU B 299 4.88 36.82 15.14
C LEU B 299 5.22 37.12 16.60
N LEU B 300 6.48 37.44 16.88
CA LEU B 300 6.90 37.71 18.28
C LEU B 300 6.16 38.96 18.81
N ALA B 301 6.09 40.03 18.03
CA ALA B 301 5.48 41.31 18.46
C ALA B 301 3.99 41.10 18.78
N ALA B 302 3.35 40.16 18.11
CA ALA B 302 1.91 39.84 18.25
C ALA B 302 1.70 38.81 19.37
N GLY B 303 2.76 38.29 19.99
CA GLY B 303 2.66 37.30 21.07
C GLY B 303 2.25 35.93 20.55
N GLU B 304 2.43 35.71 19.24
CA GLU B 304 2.00 34.46 18.57
C GLU B 304 3.09 33.41 18.71
N ILE B 305 4.33 33.82 18.99
CA ILE B 305 5.42 32.90 19.38
C ILE B 305 6.11 33.52 20.59
N ASP B 306 7.02 32.77 21.19
CA ASP B 306 7.77 33.19 22.40
C ASP B 306 9.21 33.52 22.01
N GLN B 307 9.86 34.41 22.73
CA GLN B 307 11.32 34.65 22.53
C GLN B 307 12.10 33.32 22.61
N ALA B 308 11.70 32.39 23.48
CA ALA B 308 12.35 31.06 23.65
C ALA B 308 12.35 30.25 22.34
N ASP B 309 11.34 30.37 21.48
CA ASP B 309 11.27 29.71 20.15
C ASP B 309 12.46 30.17 19.28
N ILE B 310 12.67 31.48 19.19
CA ILE B 310 13.83 32.08 18.45
C ILE B 310 15.13 31.63 19.12
N ASP B 311 15.18 31.75 20.44
CA ASP B 311 16.43 31.46 21.17
C ASP B 311 16.82 29.98 20.96
N ARG B 312 15.87 29.06 21.02
CA ARG B 312 16.17 27.63 20.87
C ARG B 312 16.81 27.42 19.49
N ALA B 313 16.18 27.98 18.47
CA ALA B 313 16.58 27.79 17.05
C ALA B 313 17.97 28.36 16.83
N CYS B 314 18.21 29.57 17.36
CA CYS B 314 19.48 30.26 17.16
C CYS B 314 20.60 29.53 17.91
N ARG B 315 20.36 29.12 19.16
CA ARG B 315 21.36 28.36 19.95
C ARG B 315 21.78 27.11 19.16
N ASP B 316 20.84 26.44 18.54
CA ASP B 316 21.15 25.17 17.81
C ASP B 316 22.05 25.49 16.61
N VAL B 317 21.82 26.58 15.90
CA VAL B 317 22.69 26.95 14.75
C VAL B 317 24.10 27.27 15.28
N LEU B 318 24.18 28.10 16.33
CA LEU B 318 25.49 28.49 16.90
C LEU B 318 26.23 27.26 17.42
N ALA B 319 25.52 26.34 18.09
CA ALA B 319 26.11 25.10 18.65
C ALA B 319 26.67 24.26 17.52
N ALA B 320 25.98 24.16 16.37
CA ALA B 320 26.54 23.43 15.19
C ALA B 320 27.86 24.07 14.74
N LYS B 321 27.89 25.38 14.61
CA LYS B 321 29.10 26.10 14.14
C LYS B 321 30.23 25.90 15.15
N TYR B 322 29.92 25.95 16.45
CA TYR B 322 30.90 25.78 17.54
C TYR B 322 31.57 24.41 17.34
N ASP B 323 30.75 23.37 17.24
CA ASP B 323 31.26 21.97 17.13
C ASP B 323 32.08 21.79 15.85
N LEU B 324 31.72 22.50 14.78
CA LEU B 324 32.41 22.40 13.48
C LEU B 324 33.74 23.16 13.51
N GLY B 325 34.00 23.90 14.59
CA GLY B 325 35.29 24.58 14.80
C GLY B 325 35.32 25.98 14.22
N LEU B 326 34.17 26.48 13.76
CA LEU B 326 34.14 27.68 12.91
C LEU B 326 34.34 28.95 13.75
N PHE B 327 34.06 28.92 15.05
CA PHE B 327 34.32 30.08 15.94
C PHE B 327 35.80 30.14 16.30
N ALA B 328 36.51 29.00 16.26
CA ALA B 328 37.98 28.96 16.44
C ALA B 328 38.67 29.44 15.16
N ASP B 329 38.23 28.95 13.99
CA ASP B 329 38.81 29.36 12.69
C ASP B 329 37.79 29.15 11.60
N PRO B 330 37.18 30.24 11.07
CA PRO B 330 36.17 30.14 10.03
C PRO B 330 36.73 29.56 8.72
N TYR B 331 38.06 29.53 8.58
CA TYR B 331 38.74 29.05 7.36
C TYR B 331 39.43 27.70 7.56
N ARG B 332 39.05 26.95 8.59
CA ARG B 332 39.76 25.69 8.94
C ARG B 332 39.61 24.67 7.80
N ARG B 333 38.56 24.73 6.98
CA ARG B 333 38.42 23.80 5.82
C ARG B 333 38.76 24.53 4.52
N LEU B 334 39.27 25.76 4.60
CA LEU B 334 39.43 26.60 3.38
C LEU B 334 40.89 26.98 3.14
N GLY B 335 41.82 26.31 3.83
CA GLY B 335 43.27 26.53 3.73
C GLY B 335 43.64 27.96 4.05
N LYS B 336 44.72 28.47 3.46
CA LYS B 336 45.30 29.78 3.82
C LYS B 336 45.07 30.81 2.74
N PRO B 337 45.07 32.11 3.11
CA PRO B 337 44.92 33.19 2.15
C PRO B 337 46.18 33.13 1.26
N ASP B 338 45.98 33.33 -0.03
CA ASP B 338 46.98 33.11 -1.12
C ASP B 338 47.63 31.72 -0.99
N ASP B 339 46.92 30.68 -0.52
CA ASP B 339 47.24 29.31 -0.98
C ASP B 339 47.17 29.38 -2.50
N PRO B 340 47.99 28.59 -3.21
CA PRO B 340 47.91 28.54 -4.66
C PRO B 340 46.56 27.96 -5.06
N PRO B 341 45.98 28.46 -6.17
CA PRO B 341 44.76 27.87 -6.73
C PRO B 341 45.05 26.47 -7.29
N PHE B 342 44.01 25.64 -7.44
CA PHE B 342 44.11 24.26 -8.01
C PHE B 342 42.90 24.01 -8.89
N ASP B 343 42.96 22.96 -9.74
CA ASP B 343 41.76 22.50 -10.50
C ASP B 343 40.93 21.63 -9.55
N THR B 344 39.71 22.08 -9.21
CA THR B 344 38.81 21.34 -8.30
C THR B 344 38.63 19.91 -8.85
N ASN B 345 38.52 19.79 -10.17
CA ASN B 345 38.15 18.51 -10.82
C ASN B 345 39.37 17.77 -11.35
N ALA B 346 40.57 18.10 -10.87
CA ALA B 346 41.79 17.40 -11.29
C ALA B 346 41.64 15.90 -10.95
N GLU B 347 42.08 15.07 -11.89
CA GLU B 347 42.23 13.61 -11.73
C GLU B 347 42.97 13.32 -10.41
N SER B 348 44.00 14.10 -10.06
CA SER B 348 44.84 13.90 -8.85
C SER B 348 44.06 14.05 -7.53
N ARG B 349 42.83 14.59 -7.55
CA ARG B 349 42.02 14.78 -6.33
C ARG B 349 40.96 13.68 -6.20
N LEU B 350 40.92 12.73 -7.14
CA LEU B 350 39.94 11.62 -7.08
C LEU B 350 40.54 10.46 -6.28
N HIS B 351 39.69 9.51 -5.90
CA HIS B 351 40.06 8.34 -5.09
C HIS B 351 39.59 7.07 -5.82
N ARG B 352 40.14 6.83 -7.00
CA ARG B 352 39.66 5.73 -7.88
C ARG B 352 39.91 4.37 -7.25
N GLN B 353 41.06 4.18 -6.60
CA GLN B 353 41.35 2.88 -5.93
C GLN B 353 40.21 2.52 -4.96
N ALA B 354 39.85 3.47 -4.09
CA ALA B 354 38.84 3.23 -3.05
C ALA B 354 37.47 2.99 -3.72
N ALA B 355 37.12 3.76 -4.72
CA ALA B 355 35.79 3.64 -5.40
C ALA B 355 35.71 2.24 -6.05
N ARG B 356 36.81 1.79 -6.66
CA ARG B 356 36.83 0.45 -7.32
C ARG B 356 36.72 -0.67 -6.29
N GLU B 357 37.49 -0.60 -5.21
CA GLU B 357 37.43 -1.62 -4.13
C GLU B 357 36.05 -1.65 -3.44
N VAL B 358 35.46 -0.49 -3.19
CA VAL B 358 34.13 -0.42 -2.56
C VAL B 358 33.07 -1.00 -3.51
N ALA B 359 33.14 -0.62 -4.78
CA ALA B 359 32.08 -0.93 -5.76
C ALA B 359 32.06 -2.45 -5.95
N ARG B 360 33.21 -3.12 -5.81
CA ARG B 360 33.27 -4.59 -6.01
C ARG B 360 32.34 -5.29 -5.01
N GLU B 361 32.23 -4.74 -3.79
CA GLU B 361 31.66 -5.43 -2.62
C GLU B 361 30.12 -5.44 -2.70
N GLY B 362 29.54 -4.50 -3.44
CA GLY B 362 28.06 -4.34 -3.55
C GLY B 362 27.40 -5.12 -4.67
N LEU B 363 28.17 -5.67 -5.60
CA LEU B 363 27.64 -6.36 -6.79
C LEU B 363 27.03 -7.69 -6.37
N VAL B 364 25.82 -7.97 -6.81
CA VAL B 364 25.09 -9.18 -6.33
C VAL B 364 24.91 -10.12 -7.51
N LEU B 365 25.46 -11.32 -7.39
CA LEU B 365 25.20 -12.34 -8.43
C LEU B 365 23.83 -13.02 -8.20
N LEU B 366 22.91 -12.88 -9.13
CA LEU B 366 21.51 -13.36 -8.91
C LEU B 366 21.28 -14.68 -9.61
N LYS B 367 22.00 -14.96 -10.67
CA LYS B 367 21.83 -16.24 -11.41
C LYS B 367 23.16 -16.55 -12.08
N ASN B 368 23.56 -17.81 -12.03
CA ASN B 368 24.78 -18.23 -12.76
C ASN B 368 24.63 -19.69 -13.18
N ARG B 369 24.04 -19.91 -14.35
CA ARG B 369 23.68 -21.26 -14.84
C ARG B 369 24.96 -21.96 -15.30
N ASP B 370 25.25 -23.11 -14.71
CA ASP B 370 26.29 -24.06 -15.20
CA ASP B 370 26.29 -24.07 -15.19
C ASP B 370 27.66 -23.39 -15.18
N GLY B 371 27.92 -22.50 -14.23
CA GLY B 371 29.22 -21.83 -14.08
C GLY B 371 29.62 -21.01 -15.29
N LEU B 372 28.68 -20.37 -15.99
CA LEU B 372 29.07 -19.48 -17.12
C LEU B 372 29.99 -18.37 -16.61
N LEU B 373 29.65 -17.76 -15.48
CA LEU B 373 30.59 -16.81 -14.82
C LEU B 373 31.45 -17.60 -13.85
N PRO B 374 32.73 -17.26 -13.64
CA PRO B 374 33.38 -16.12 -14.28
C PRO B 374 33.75 -16.39 -15.73
N LEU B 375 33.83 -15.33 -16.54
CA LEU B 375 34.26 -15.43 -17.95
C LEU B 375 35.77 -15.59 -17.99
N LYS B 376 36.27 -16.31 -18.99
CA LYS B 376 37.71 -16.28 -19.36
C LYS B 376 37.92 -15.07 -20.26
N LYS B 377 39.11 -14.47 -20.15
CA LYS B 377 39.58 -13.42 -21.07
C LYS B 377 39.99 -14.11 -22.36
N GLN B 378 39.02 -14.43 -23.18
CA GLN B 378 39.25 -15.00 -24.53
C GLN B 378 37.99 -14.87 -25.38
N GLY B 379 38.16 -15.08 -26.69
CA GLY B 379 37.04 -15.18 -27.63
C GLY B 379 36.45 -13.82 -27.92
N ARG B 380 35.20 -13.81 -28.38
CA ARG B 380 34.49 -12.63 -28.90
C ARG B 380 33.26 -12.42 -28.02
N ILE B 381 33.21 -11.27 -27.36
CA ILE B 381 32.14 -10.91 -26.38
C ILE B 381 31.34 -9.74 -26.98
N ALA B 382 30.06 -9.93 -27.24
CA ALA B 382 29.19 -8.84 -27.72
C ALA B 382 28.77 -8.05 -26.48
N VAL B 383 28.95 -6.75 -26.51
CA VAL B 383 28.54 -5.86 -25.39
C VAL B 383 27.41 -4.99 -25.92
N ILE B 384 26.21 -5.24 -25.44
CA ILE B 384 24.96 -4.71 -26.06
C ILE B 384 24.10 -4.06 -24.99
N GLY B 385 23.60 -2.88 -25.29
CA GLY B 385 22.55 -2.28 -24.46
C GLY B 385 22.82 -0.81 -24.24
N PRO B 386 21.74 -0.05 -23.95
CA PRO B 386 21.83 1.40 -23.82
C PRO B 386 22.62 1.82 -22.59
N LEU B 387 22.90 0.93 -21.65
CA LEU B 387 23.68 1.33 -20.45
CA LEU B 387 23.67 1.29 -20.43
C LEU B 387 25.14 0.89 -20.57
N ALA B 388 25.51 0.17 -21.64
CA ALA B 388 26.90 -0.31 -21.76
C ALA B 388 27.88 0.87 -21.81
N LYS B 389 27.56 1.95 -22.53
CA LYS B 389 28.49 3.09 -22.69
C LYS B 389 27.99 4.33 -21.97
N SER B 390 27.14 4.20 -20.97
CA SER B 390 26.57 5.38 -20.25
C SER B 390 27.44 5.78 -19.05
N GLN B 391 28.08 6.94 -19.15
CA GLN B 391 28.82 7.55 -18.03
C GLN B 391 27.84 8.22 -17.09
N ARG B 392 26.77 8.80 -17.64
CA ARG B 392 25.82 9.57 -16.81
C ARG B 392 25.12 8.57 -15.86
N ASP B 393 24.78 7.39 -16.36
CA ASP B 393 23.96 6.48 -15.52
C ASP B 393 24.83 5.74 -14.51
N VAL B 394 26.09 5.46 -14.83
CA VAL B 394 26.87 4.57 -13.93
C VAL B 394 27.08 5.33 -12.60
N ILE B 395 27.13 6.66 -12.60
CA ILE B 395 27.35 7.40 -11.30
C ILE B 395 26.05 7.51 -10.51
N GLY B 396 24.90 7.18 -11.10
CA GLY B 396 23.68 7.10 -10.29
C GLY B 396 23.01 8.46 -10.10
N SER B 397 21.86 8.44 -9.46
CA SER B 397 21.22 9.64 -8.89
C SER B 397 22.01 10.13 -7.66
N TRP B 398 21.77 11.39 -7.30
CA TRP B 398 22.38 12.06 -6.14
CA TRP B 398 22.40 12.06 -6.13
C TRP B 398 23.91 11.90 -6.25
N SER B 399 24.40 12.22 -7.43
CA SER B 399 25.84 12.08 -7.79
C SER B 399 26.63 13.33 -7.40
N ALA B 400 26.05 14.27 -6.65
CA ALA B 400 26.80 15.36 -6.02
C ALA B 400 27.65 16.06 -7.08
N ALA B 401 28.97 16.21 -6.86
CA ALA B 401 29.86 16.94 -7.81
C ALA B 401 30.55 15.96 -8.77
N GLY B 402 30.04 14.73 -8.89
CA GLY B 402 30.57 13.71 -9.80
C GLY B 402 30.52 14.18 -11.23
N VAL B 403 31.58 13.93 -11.98
CA VAL B 403 31.70 14.38 -13.38
C VAL B 403 31.50 13.14 -14.24
N PRO B 404 30.39 13.03 -15.01
CA PRO B 404 30.18 11.86 -15.87
C PRO B 404 31.39 11.48 -16.73
N ARG B 405 32.03 12.47 -17.34
CA ARG B 405 33.18 12.18 -18.26
C ARG B 405 34.33 11.53 -17.50
N GLN B 406 34.39 11.59 -16.17
CA GLN B 406 35.47 10.90 -15.40
C GLN B 406 35.08 9.43 -15.11
N ALA B 407 33.84 9.01 -15.38
CA ALA B 407 33.37 7.68 -14.94
C ALA B 407 33.75 6.59 -15.95
N VAL B 408 33.96 5.39 -15.43
CA VAL B 408 34.27 4.19 -16.24
C VAL B 408 32.98 3.43 -16.53
N THR B 409 32.63 3.32 -17.83
CA THR B 409 31.44 2.62 -18.30
C THR B 409 31.69 1.12 -18.17
N VAL B 410 30.62 0.36 -18.23
CA VAL B 410 30.73 -1.13 -18.28
C VAL B 410 31.58 -1.50 -19.49
N TYR B 411 31.32 -0.90 -20.64
CA TYR B 411 32.07 -1.24 -21.89
C TYR B 411 33.57 -1.00 -21.63
N GLN B 412 33.92 0.16 -21.07
CA GLN B 412 35.32 0.57 -20.85
C GLN B 412 35.96 -0.35 -19.80
N GLY B 413 35.20 -0.73 -18.76
CA GLY B 413 35.71 -1.66 -17.75
C GLY B 413 36.08 -3.00 -18.40
N LEU B 414 35.21 -3.47 -19.29
CA LEU B 414 35.48 -4.77 -19.96
C LEU B 414 36.72 -4.61 -20.85
N ALA B 415 36.81 -3.50 -21.61
CA ALA B 415 37.95 -3.22 -22.52
C ALA B 415 39.27 -3.20 -21.73
N ASN B 416 39.27 -2.53 -20.58
CA ASN B 416 40.42 -2.45 -19.65
C ASN B 416 40.81 -3.85 -19.14
N ALA B 417 39.84 -4.73 -18.84
CA ALA B 417 40.10 -6.03 -18.19
C ALA B 417 40.66 -7.02 -19.22
N VAL B 418 40.16 -7.00 -20.45
CA VAL B 418 40.56 -8.07 -21.41
C VAL B 418 41.79 -7.58 -22.19
N GLY B 419 42.01 -6.25 -22.24
CA GLY B 419 42.99 -5.63 -23.14
C GLY B 419 42.91 -6.33 -24.49
N GLU B 420 43.96 -7.05 -24.87
CA GLU B 420 44.07 -7.65 -26.25
C GLU B 420 43.70 -9.14 -26.21
N ARG B 421 43.39 -9.74 -25.05
CA ARG B 421 43.10 -11.20 -24.89
C ARG B 421 41.72 -11.61 -25.44
N ALA B 422 40.76 -10.69 -25.57
CA ALA B 422 39.43 -10.97 -26.14
C ALA B 422 39.01 -9.81 -27.02
N THR B 423 38.09 -10.04 -27.96
CA THR B 423 37.54 -9.00 -28.86
C THR B 423 36.15 -8.59 -28.34
N LEU B 424 35.94 -7.30 -28.07
CA LEU B 424 34.61 -6.79 -27.66
C LEU B 424 33.90 -6.25 -28.90
N LEU B 425 32.63 -6.60 -29.08
CA LEU B 425 31.82 -6.02 -30.18
C LEU B 425 30.69 -5.23 -29.54
N TYR B 426 30.54 -3.96 -29.88
CA TYR B 426 29.53 -3.07 -29.28
C TYR B 426 28.33 -2.88 -30.21
N ALA B 427 27.13 -2.90 -29.64
CA ALA B 427 25.92 -2.37 -30.29
C ALA B 427 25.02 -1.79 -29.20
N LYS B 428 24.46 -0.63 -29.45
CA LYS B 428 23.52 -0.01 -28.49
C LYS B 428 22.28 -0.88 -28.29
N GLY B 429 21.71 -1.44 -29.36
CA GLY B 429 20.59 -2.39 -29.27
C GLY B 429 19.21 -1.73 -29.10
N ALA B 430 19.07 -0.73 -28.21
CA ALA B 430 17.78 -0.04 -27.96
C ALA B 430 18.10 1.24 -27.19
N ASN B 431 17.20 2.19 -27.24
CA ASN B 431 17.29 3.36 -26.34
C ASN B 431 16.84 2.89 -24.95
N VAL B 432 17.06 3.70 -23.93
CA VAL B 432 16.69 3.31 -22.54
C VAL B 432 15.18 3.15 -22.47
N SER B 433 14.41 3.96 -23.20
CA SER B 433 12.94 3.79 -23.28
C SER B 433 12.51 3.91 -24.74
N GLY B 434 11.45 3.20 -25.14
CA GLY B 434 10.78 3.41 -26.44
C GLY B 434 9.69 4.49 -26.40
N ASP B 435 9.36 5.03 -25.23
CA ASP B 435 8.22 5.93 -25.00
C ASP B 435 8.72 7.36 -25.04
N GLN B 436 8.39 8.14 -26.06
CA GLN B 436 9.01 9.48 -26.26
C GLN B 436 8.63 10.33 -25.05
N ALA B 437 7.46 10.12 -24.42
CA ALA B 437 7.02 10.97 -23.30
C ALA B 437 7.93 10.74 -22.08
N ILE B 438 8.40 9.50 -21.90
CA ILE B 438 9.34 9.17 -20.79
C ILE B 438 10.70 9.77 -21.16
N LEU B 439 11.14 9.63 -22.40
CA LEU B 439 12.43 10.26 -22.79
C LEU B 439 12.35 11.78 -22.58
N ASP B 440 11.24 12.42 -22.89
CA ASP B 440 11.07 13.89 -22.72
C ASP B 440 11.11 14.22 -21.23
N TYR B 441 10.53 13.38 -20.37
CA TYR B 441 10.57 13.57 -18.90
C TYR B 441 12.03 13.54 -18.44
N LEU B 442 12.77 12.54 -18.89
CA LEU B 442 14.15 12.29 -18.39
C LEU B 442 15.09 13.40 -18.90
N ASN B 443 14.79 13.98 -20.04
CA ASN B 443 15.64 15.03 -20.65
C ASN B 443 15.02 16.42 -20.38
N SER B 444 14.11 16.57 -19.41
CA SER B 444 13.31 17.81 -19.29
C SER B 444 14.13 18.97 -18.72
N TYR B 445 15.10 18.72 -17.85
CA TYR B 445 15.94 19.76 -17.22
C TYR B 445 17.28 19.80 -17.93
N ASN B 446 17.88 18.63 -18.10
CA ASN B 446 19.23 18.45 -18.66
C ASN B 446 19.22 17.26 -19.61
N PRO B 447 20.11 17.22 -20.61
CA PRO B 447 20.20 16.05 -21.50
C PRO B 447 20.88 14.91 -20.73
N GLU B 448 20.10 13.97 -20.21
CA GLU B 448 20.60 12.89 -19.32
C GLU B 448 20.53 11.55 -20.03
N VAL B 449 19.80 11.47 -21.13
CA VAL B 449 19.66 10.22 -21.91
C VAL B 449 19.91 10.54 -23.38
N GLU B 450 20.90 9.87 -23.96
CA GLU B 450 21.19 9.93 -25.41
C GLU B 450 20.11 9.13 -26.11
N VAL B 451 19.35 9.81 -26.99
CA VAL B 451 18.31 9.16 -27.82
C VAL B 451 18.97 8.90 -29.17
N ASP B 452 19.20 7.63 -29.45
CA ASP B 452 19.72 7.22 -30.78
C ASP B 452 18.63 7.54 -31.77
N PRO B 453 18.92 8.34 -32.83
CA PRO B 453 17.89 8.73 -33.79
C PRO B 453 17.43 7.56 -34.68
N ARG B 454 18.15 6.44 -34.70
CA ARG B 454 17.74 5.22 -35.48
C ARG B 454 16.43 4.64 -34.95
N SER B 455 15.71 3.92 -35.81
CA SER B 455 14.49 3.18 -35.40
C SER B 455 14.92 2.09 -34.41
N ALA B 456 13.98 1.68 -33.55
CA ALA B 456 14.12 0.49 -32.69
C ALA B 456 14.53 -0.71 -33.55
N GLU B 457 13.89 -0.88 -34.71
CA GLU B 457 14.11 -2.06 -35.61
C GLU B 457 15.57 -2.09 -36.10
N ALA B 458 16.09 -0.96 -36.57
CA ALA B 458 17.48 -0.84 -37.08
C ALA B 458 18.47 -1.16 -35.96
N MET B 459 18.26 -0.61 -34.78
CA MET B 459 19.13 -0.89 -33.61
C MET B 459 19.10 -2.39 -33.28
N LEU B 460 17.94 -3.03 -33.32
CA LEU B 460 17.81 -4.47 -33.05
C LEU B 460 18.55 -5.27 -34.11
N GLU B 461 18.39 -4.91 -35.39
CA GLU B 461 19.00 -5.70 -36.50
C GLU B 461 20.53 -5.64 -36.28
N GLU B 462 21.06 -4.45 -35.96
CA GLU B 462 22.50 -4.27 -35.72
C GLU B 462 22.92 -5.12 -34.53
N ALA B 463 22.17 -5.09 -33.41
CA ALA B 463 22.49 -5.91 -32.22
C ALA B 463 22.44 -7.40 -32.57
N LEU B 464 21.50 -7.85 -33.41
CA LEU B 464 21.42 -9.30 -33.70
C LEU B 464 22.64 -9.71 -34.55
N ARG B 465 23.02 -8.88 -35.51
CA ARG B 465 24.22 -9.10 -36.35
C ARG B 465 25.45 -9.22 -35.45
N THR B 466 25.57 -8.34 -34.44
CA THR B 466 26.70 -8.29 -33.48
C THR B 466 26.69 -9.58 -32.66
N ALA B 467 25.53 -9.98 -32.12
CA ALA B 467 25.40 -11.21 -31.31
C ALA B 467 25.82 -12.44 -32.12
N ARG B 468 25.42 -12.50 -33.39
CA ARG B 468 25.73 -13.67 -34.27
C ARG B 468 27.24 -13.76 -34.51
N ASP B 469 27.94 -12.63 -34.43
CA ASP B 469 29.41 -12.54 -34.67
C ASP B 469 30.18 -12.82 -33.37
N ALA B 470 29.50 -13.14 -32.25
CA ALA B 470 30.16 -13.30 -30.95
C ALA B 470 29.98 -14.71 -30.40
N ASP B 471 30.78 -15.03 -29.39
CA ASP B 471 30.70 -16.30 -28.62
C ASP B 471 29.65 -16.16 -27.52
N LEU B 472 29.47 -14.95 -27.00
CA LEU B 472 28.48 -14.71 -25.93
C LEU B 472 28.17 -13.23 -25.84
N VAL B 473 27.05 -12.95 -25.18
CA VAL B 473 26.46 -11.58 -25.16
C VAL B 473 26.43 -11.14 -23.72
N VAL B 474 26.99 -9.99 -23.45
CA VAL B 474 26.85 -9.24 -22.17
C VAL B 474 25.89 -8.10 -22.46
N ALA B 475 24.65 -8.24 -21.95
CA ALA B 475 23.61 -7.24 -22.19
C ALA B 475 23.61 -6.32 -20.98
N VAL B 476 23.81 -5.04 -21.20
CA VAL B 476 23.87 -4.03 -20.12
C VAL B 476 22.59 -3.20 -20.21
N VAL B 477 21.68 -3.45 -19.29
CA VAL B 477 20.26 -3.05 -19.39
C VAL B 477 19.76 -2.64 -18.01
N GLY B 478 18.61 -1.97 -17.98
CA GLY B 478 17.92 -1.56 -16.75
C GLY B 478 17.46 -0.12 -16.81
N GLU B 479 17.56 0.59 -15.70
CA GLU B 479 17.03 1.97 -15.60
C GLU B 479 18.14 2.97 -15.89
N SER B 480 17.79 4.13 -16.42
CA SER B 480 18.63 5.33 -16.33
C SER B 480 18.45 5.94 -14.94
N GLN B 481 19.42 6.71 -14.50
CA GLN B 481 19.48 7.14 -13.07
C GLN B 481 18.34 8.10 -12.80
N GLY B 482 17.84 8.83 -13.81
CA GLY B 482 16.72 9.75 -13.60
C GLY B 482 15.41 8.99 -13.38
N MET B 483 15.37 7.68 -13.55
CA MET B 483 14.17 6.87 -13.24
C MET B 483 14.10 6.53 -11.74
N ALA B 484 15.18 6.74 -10.98
CA ALA B 484 15.23 6.36 -9.54
C ALA B 484 15.84 7.53 -8.80
N HIS B 485 15.16 8.66 -8.89
CA HIS B 485 15.59 9.90 -8.19
CA HIS B 485 15.58 9.93 -8.22
C HIS B 485 14.37 10.56 -7.51
N GLU B 486 14.57 11.69 -6.88
CA GLU B 486 13.45 12.42 -6.26
C GLU B 486 12.33 12.56 -7.28
N ALA B 487 11.11 12.27 -6.84
CA ALA B 487 9.86 12.43 -7.59
C ALA B 487 9.73 11.46 -8.77
N SER B 488 10.64 10.52 -9.00
CA SER B 488 10.58 9.58 -10.15
CA SER B 488 10.57 9.58 -10.14
C SER B 488 10.04 8.22 -9.66
N SER B 489 8.80 8.19 -9.25
CA SER B 489 8.11 6.94 -8.84
C SER B 489 7.61 6.22 -10.10
N ARG B 490 7.69 4.90 -10.05
CA ARG B 490 7.36 4.05 -11.20
C ARG B 490 6.14 3.21 -10.88
N THR B 491 5.31 2.95 -11.89
CA THR B 491 4.13 2.06 -11.79
C THR B 491 4.46 0.67 -12.35
N ASP B 492 5.66 0.48 -12.88
CA ASP B 492 6.11 -0.78 -13.53
C ASP B 492 7.51 -1.04 -13.01
N LEU B 493 7.83 -2.22 -12.50
CA LEU B 493 9.19 -2.49 -11.96
C LEU B 493 10.01 -3.30 -12.95
N ARG B 494 9.53 -3.51 -14.18
CA ARG B 494 10.31 -4.34 -15.14
C ARG B 494 11.41 -3.48 -15.76
N ILE B 495 12.37 -4.12 -16.38
CA ILE B 495 13.29 -3.45 -17.35
C ILE B 495 12.38 -2.77 -18.38
N PRO B 496 12.70 -1.53 -18.81
CA PRO B 496 11.91 -0.84 -19.83
C PRO B 496 11.63 -1.69 -21.09
N ALA B 497 10.41 -1.56 -21.63
CA ALA B 497 9.92 -2.39 -22.74
C ALA B 497 10.88 -2.40 -23.93
N SER B 498 11.47 -1.27 -24.32
CA SER B 498 12.43 -1.21 -25.48
C SER B 498 13.57 -2.19 -25.24
N GLN B 499 14.05 -2.24 -24.01
CA GLN B 499 15.18 -3.12 -23.65
C GLN B 499 14.69 -4.56 -23.48
N ARG B 500 13.45 -4.79 -23.04
CA ARG B 500 12.97 -6.20 -22.93
C ARG B 500 12.80 -6.80 -24.33
N ARG B 501 12.36 -6.01 -25.29
CA ARG B 501 12.27 -6.48 -26.70
C ARG B 501 13.67 -6.90 -27.21
N LEU B 502 14.69 -6.09 -26.93
CA LEU B 502 16.11 -6.41 -27.23
C LEU B 502 16.50 -7.73 -26.54
N LEU B 503 16.24 -7.88 -25.25
CA LEU B 503 16.61 -9.14 -24.55
C LEU B 503 15.92 -10.34 -25.19
N LYS B 504 14.64 -10.23 -25.56
CA LYS B 504 13.93 -11.37 -26.17
C LYS B 504 14.55 -11.70 -27.54
N ALA B 505 14.94 -10.68 -28.30
CA ALA B 505 15.56 -10.88 -29.62
C ALA B 505 16.93 -11.54 -29.42
N LEU B 506 17.69 -11.14 -28.40
CA LEU B 506 19.06 -11.67 -28.14
C LEU B 506 18.98 -13.12 -27.67
N LYS B 507 17.99 -13.42 -26.83
CA LYS B 507 17.77 -14.79 -26.34
C LYS B 507 17.56 -15.73 -27.53
N ALA B 508 16.80 -15.28 -28.53
CA ALA B 508 16.40 -16.10 -29.71
C ALA B 508 17.61 -16.44 -30.59
N THR B 509 18.75 -15.76 -30.43
CA THR B 509 20.00 -16.10 -31.18
C THR B 509 20.61 -17.40 -30.68
N GLY B 510 20.27 -17.86 -29.47
CA GLY B 510 20.85 -19.06 -28.84
C GLY B 510 22.18 -18.77 -28.17
N LYS B 511 22.73 -17.55 -28.27
CA LYS B 511 24.05 -17.22 -27.69
C LYS B 511 23.90 -17.16 -26.16
N PRO B 512 24.88 -17.64 -25.39
CA PRO B 512 24.87 -17.44 -23.93
C PRO B 512 24.63 -15.96 -23.61
N LEU B 513 23.74 -15.68 -22.65
CA LEU B 513 23.29 -14.32 -22.36
C LEU B 513 23.58 -13.97 -20.90
N VAL B 514 24.51 -13.04 -20.68
CA VAL B 514 24.86 -12.50 -19.34
C VAL B 514 24.17 -11.15 -19.21
N LEU B 515 23.33 -10.97 -18.20
CA LEU B 515 22.70 -9.65 -17.95
C LEU B 515 23.47 -8.93 -16.88
N VAL B 516 23.89 -7.73 -17.21
CA VAL B 516 24.44 -6.75 -16.26
C VAL B 516 23.37 -5.71 -16.05
N LEU B 517 22.81 -5.68 -14.85
CA LEU B 517 21.65 -4.83 -14.55
C LEU B 517 22.16 -3.55 -13.90
N MET B 518 21.70 -2.41 -14.37
CA MET B 518 21.85 -1.14 -13.61
C MET B 518 20.45 -0.67 -13.25
N ASN B 519 20.24 -0.20 -12.03
CA ASN B 519 18.89 0.12 -11.52
C ASN B 519 19.09 0.73 -10.15
N GLY B 520 18.11 1.52 -9.70
CA GLY B 520 18.14 2.22 -8.41
C GLY B 520 17.06 1.68 -7.49
N ARG B 521 16.42 0.59 -7.87
CA ARG B 521 15.30 0.01 -7.11
C ARG B 521 15.22 -1.47 -7.44
N PRO B 522 14.56 -2.29 -6.61
CA PRO B 522 14.27 -3.66 -7.03
C PRO B 522 13.54 -3.67 -8.38
N LEU B 523 13.90 -4.60 -9.26
CA LEU B 523 13.19 -4.80 -10.53
C LEU B 523 12.48 -6.14 -10.52
N SER B 524 11.40 -6.20 -11.30
CA SER B 524 10.63 -7.43 -11.59
CA SER B 524 10.60 -7.42 -11.62
C SER B 524 11.36 -8.21 -12.70
N LEU B 525 11.92 -9.39 -12.37
CA LEU B 525 12.89 -10.05 -13.28
C LEU B 525 12.49 -11.50 -13.58
N GLY B 526 11.19 -11.81 -13.59
CA GLY B 526 10.71 -13.20 -13.80
C GLY B 526 11.17 -13.74 -15.14
N TRP B 527 11.06 -12.98 -16.23
CA TRP B 527 11.43 -13.46 -17.59
C TRP B 527 12.96 -13.68 -17.63
N GLU B 528 13.69 -12.76 -17.02
CA GLU B 528 15.17 -12.77 -17.01
C GLU B 528 15.65 -13.97 -16.20
N GLN B 529 15.04 -14.22 -15.05
CA GLN B 529 15.43 -15.37 -14.19
C GLN B 529 15.20 -16.67 -14.95
N GLU B 530 14.19 -16.73 -15.78
CA GLU B 530 13.90 -17.97 -16.57
C GLU B 530 14.86 -18.08 -17.77
N ASN B 531 15.25 -16.98 -18.38
CA ASN B 531 15.82 -17.00 -19.77
C ASN B 531 17.32 -16.66 -19.79
N ALA B 532 17.80 -15.72 -18.97
CA ALA B 532 19.23 -15.35 -18.99
C ALA B 532 20.08 -16.50 -18.44
N ASP B 533 21.32 -16.62 -18.90
CA ASP B 533 22.24 -17.65 -18.37
C ASP B 533 22.89 -17.14 -17.09
N ALA B 534 23.13 -15.85 -16.98
CA ALA B 534 23.65 -15.28 -15.72
C ALA B 534 23.13 -13.86 -15.58
N ILE B 535 23.05 -13.42 -14.32
CA ILE B 535 22.45 -12.10 -14.00
C ILE B 535 23.28 -11.49 -12.89
N LEU B 536 23.84 -10.32 -13.14
CA LEU B 536 24.62 -9.59 -12.11
C LEU B 536 23.94 -8.26 -11.86
N GLU B 537 23.56 -8.05 -10.61
CA GLU B 537 22.97 -6.78 -10.13
C GLU B 537 24.10 -5.82 -9.79
N THR B 538 24.18 -4.66 -10.45
CA THR B 538 25.29 -3.69 -10.24
C THR B 538 24.76 -2.35 -9.75
N TRP B 539 23.43 -2.22 -9.52
CA TRP B 539 22.84 -0.97 -9.01
C TRP B 539 23.27 0.16 -9.94
N PHE B 540 23.72 1.28 -9.41
CA PHE B 540 24.59 2.25 -10.14
C PHE B 540 25.87 2.24 -9.33
N SER B 541 26.96 1.79 -9.92
CA SER B 541 28.17 1.38 -9.15
CA SER B 541 28.16 1.39 -9.12
C SER B 541 29.20 2.51 -9.06
N GLY B 542 28.96 3.67 -9.66
CA GLY B 542 29.78 4.87 -9.40
C GLY B 542 30.91 5.11 -10.41
N THR B 543 31.81 6.00 -10.05
CA THR B 543 32.92 6.51 -10.90
C THR B 543 33.74 5.33 -11.46
N GLU B 544 34.00 4.32 -10.64
CA GLU B 544 34.81 3.14 -11.07
C GLU B 544 33.92 1.93 -11.32
N GLY B 545 32.59 2.14 -11.47
CA GLY B 545 31.67 1.01 -11.59
C GLY B 545 32.10 0.04 -12.67
N GLY B 546 32.45 0.52 -13.85
CA GLY B 546 32.79 -0.34 -14.98
C GLY B 546 33.97 -1.27 -14.65
N ASN B 547 34.94 -0.75 -13.92
CA ASN B 547 36.12 -1.55 -13.51
C ASN B 547 35.71 -2.59 -12.45
N ALA B 548 34.85 -2.22 -11.49
CA ALA B 548 34.40 -3.15 -10.42
C ALA B 548 33.58 -4.30 -11.05
N ILE B 549 32.72 -3.96 -12.00
CA ILE B 549 31.86 -4.93 -12.72
C ILE B 549 32.75 -5.90 -13.52
N ALA B 550 33.70 -5.40 -14.27
CA ALA B 550 34.64 -6.27 -15.03
C ALA B 550 35.41 -7.19 -14.06
N ASP B 551 35.85 -6.67 -12.89
CA ASP B 551 36.59 -7.47 -11.88
C ASP B 551 35.74 -8.68 -11.46
N VAL B 552 34.44 -8.48 -11.26
CA VAL B 552 33.52 -9.59 -10.91
C VAL B 552 33.29 -10.50 -12.13
N LEU B 553 33.04 -9.95 -13.30
CA LEU B 553 32.70 -10.78 -14.49
C LEU B 553 33.83 -11.74 -14.85
N PHE B 554 35.08 -11.32 -14.68
CA PHE B 554 36.30 -12.10 -15.01
C PHE B 554 36.88 -12.80 -13.79
N GLY B 555 36.26 -12.72 -12.62
CA GLY B 555 36.62 -13.54 -11.46
C GLY B 555 37.82 -13.02 -10.66
N GLU B 556 38.27 -11.78 -10.91
CA GLU B 556 39.25 -11.11 -10.01
C GLU B 556 38.59 -10.91 -8.64
N HIS B 557 37.27 -10.66 -8.61
CA HIS B 557 36.54 -10.55 -7.33
C HIS B 557 35.42 -11.57 -7.37
N ASN B 558 35.35 -12.43 -6.36
CA ASN B 558 34.30 -13.47 -6.27
C ASN B 558 33.08 -12.78 -5.71
N PRO B 559 31.95 -12.64 -6.44
CA PRO B 559 30.86 -11.83 -5.89
C PRO B 559 30.40 -12.25 -4.49
N SER B 560 30.22 -11.23 -3.65
CA SER B 560 29.92 -11.35 -2.20
C SER B 560 28.69 -10.52 -1.84
N GLY B 561 28.17 -9.70 -2.76
CA GLY B 561 26.97 -8.88 -2.50
C GLY B 561 25.74 -9.70 -2.18
N LYS B 562 24.94 -9.22 -1.24
CA LYS B 562 23.64 -9.82 -0.88
C LYS B 562 22.55 -8.74 -0.83
N LEU B 563 21.35 -9.09 -1.32
CA LEU B 563 20.24 -8.11 -1.38
C LEU B 563 19.86 -7.62 0.02
N THR B 564 19.60 -6.32 0.18
CA THR B 564 19.04 -5.78 1.45
C THR B 564 17.57 -5.34 1.27
N MET B 565 17.00 -5.62 0.12
CA MET B 565 15.58 -5.33 -0.17
C MET B 565 15.07 -6.45 -1.05
N SER B 566 13.90 -6.97 -0.71
CA SER B 566 13.25 -8.11 -1.42
C SER B 566 12.94 -7.68 -2.85
N PHE B 567 13.15 -8.54 -3.85
CA PHE B 567 12.76 -8.21 -5.24
C PHE B 567 11.36 -8.80 -5.50
N PRO B 568 10.31 -7.98 -5.67
CA PRO B 568 8.98 -8.49 -5.97
C PRO B 568 8.93 -9.15 -7.35
N ARG B 569 8.02 -10.08 -7.51
CA ARG B 569 7.85 -10.70 -8.86
C ARG B 569 7.15 -9.70 -9.77
N SER B 570 6.34 -8.81 -9.22
CA SER B 570 5.68 -7.76 -10.01
C SER B 570 5.23 -6.61 -9.11
N VAL B 571 4.97 -5.48 -9.73
CA VAL B 571 4.57 -4.27 -8.98
C VAL B 571 3.27 -4.54 -8.23
N GLY B 572 2.46 -5.46 -8.76
CA GLY B 572 1.17 -5.82 -8.14
C GLY B 572 1.29 -6.52 -6.79
N GLN B 573 2.50 -6.95 -6.39
CA GLN B 573 2.74 -7.61 -5.08
C GLN B 573 3.19 -6.62 -4.03
N VAL B 574 3.31 -5.32 -4.34
CA VAL B 574 3.92 -4.37 -3.36
C VAL B 574 2.93 -4.20 -2.22
N PRO B 575 3.37 -4.18 -0.94
CA PRO B 575 4.77 -4.37 -0.55
C PRO B 575 5.12 -5.84 -0.30
N VAL B 576 6.36 -6.20 -0.57
CA VAL B 576 6.94 -7.52 -0.17
CA VAL B 576 6.92 -7.51 -0.16
C VAL B 576 8.21 -7.23 0.62
N TYR B 577 8.31 -7.82 1.78
CA TYR B 577 9.50 -7.67 2.65
C TYR B 577 9.57 -8.90 3.55
N TYR B 578 10.77 -9.24 3.99
CA TYR B 578 11.06 -10.55 4.62
C TYR B 578 10.49 -10.58 6.04
N ASN B 579 10.42 -9.45 6.74
CA ASN B 579 10.03 -9.44 8.16
C ASN B 579 8.54 -9.07 8.27
N HIS B 580 7.73 -9.82 7.56
CA HIS B 580 6.26 -9.64 7.54
C HIS B 580 5.62 -10.48 8.65
N LEU B 581 4.34 -10.24 8.89
CA LEU B 581 3.56 -11.04 9.87
C LEU B 581 3.01 -12.32 9.23
N ASN B 582 2.79 -13.31 10.06
CA ASN B 582 2.37 -14.64 9.56
C ASN B 582 0.95 -14.58 8.98
N THR B 583 0.10 -13.77 9.58
CA THR B 583 -1.37 -13.78 9.41
C THR B 583 -1.97 -15.06 10.04
N GLY B 584 -3.31 -15.17 10.06
CA GLY B 584 -3.95 -16.37 10.61
C GLY B 584 -4.00 -17.47 9.58
N ARG B 585 -3.69 -17.16 8.31
CA ARG B 585 -3.82 -18.15 7.18
C ARG B 585 -2.61 -18.02 6.26
N PRO B 586 -1.40 -18.31 6.76
CA PRO B 586 -0.19 -18.11 5.96
C PRO B 586 -0.18 -19.07 4.78
N MET B 587 0.41 -18.63 3.68
CA MET B 587 0.65 -19.44 2.46
C MET B 587 1.84 -20.35 2.77
N ASP B 588 1.78 -21.64 2.42
CA ASP B 588 2.78 -22.66 2.82
C ASP B 588 4.11 -22.43 2.07
N PRO B 592 0.60 -25.47 -0.38
CA PRO B 592 -0.13 -24.23 -0.60
C PRO B 592 -1.64 -24.51 -0.58
N GLY B 593 -2.43 -23.53 -0.15
CA GLY B 593 -3.91 -23.59 -0.14
C GLY B 593 -4.50 -22.34 -0.77
N LYS B 594 -5.69 -22.47 -1.35
CA LYS B 594 -6.53 -21.37 -1.86
C LYS B 594 -6.84 -20.38 -0.73
N TYR B 595 -7.28 -20.84 0.45
CA TYR B 595 -7.74 -19.97 1.57
C TYR B 595 -6.57 -19.57 2.45
N THR B 596 -5.58 -18.94 1.81
CA THR B 596 -4.38 -18.42 2.48
C THR B 596 -4.11 -17.01 1.97
N SER B 597 -3.19 -16.34 2.64
CA SER B 597 -2.86 -14.92 2.32
C SER B 597 -1.92 -14.87 1.14
N ARG B 598 -2.45 -14.57 -0.06
CA ARG B 598 -1.73 -14.84 -1.32
C ARG B 598 -2.42 -14.15 -2.49
N TYR B 599 -1.77 -14.12 -3.64
CA TYR B 599 -2.46 -13.77 -4.90
C TYR B 599 -2.69 -15.06 -5.66
N PHE B 600 -3.68 -15.06 -6.55
CA PHE B 600 -3.96 -16.29 -7.33
C PHE B 600 -3.32 -16.22 -8.70
N ASP B 601 -2.99 -15.03 -9.20
CA ASP B 601 -2.66 -14.83 -10.64
C ASP B 601 -1.17 -14.71 -10.88
N GLU B 602 -0.37 -15.00 -9.87
CA GLU B 602 1.12 -14.96 -9.96
C GLU B 602 1.69 -15.84 -8.85
N ALA B 603 2.90 -16.33 -9.02
CA ALA B 603 3.59 -17.09 -7.97
C ALA B 603 3.78 -16.15 -6.79
N ASN B 604 3.84 -16.70 -5.60
CA ASN B 604 3.86 -15.91 -4.35
C ASN B 604 5.28 -15.85 -3.76
N GLY B 605 5.48 -14.86 -2.90
CA GLY B 605 6.80 -14.57 -2.33
C GLY B 605 7.59 -13.72 -3.32
N PRO B 606 8.73 -13.19 -2.85
CA PRO B 606 9.61 -12.38 -3.68
C PRO B 606 10.25 -13.31 -4.72
N LEU B 607 10.74 -12.75 -5.83
CA LEU B 607 11.55 -13.54 -6.79
C LEU B 607 12.89 -13.82 -6.08
N TYR B 608 13.45 -12.80 -5.44
CA TYR B 608 14.74 -12.93 -4.75
C TYR B 608 14.56 -12.39 -3.36
N PRO B 609 14.82 -13.20 -2.33
CA PRO B 609 14.56 -12.78 -0.96
C PRO B 609 15.66 -11.92 -0.35
N PHE B 610 15.30 -11.23 0.71
CA PHE B 610 16.26 -10.50 1.54
C PHE B 610 17.48 -11.40 1.87
N GLY B 611 18.68 -10.86 1.69
CA GLY B 611 19.90 -11.60 2.07
C GLY B 611 20.36 -12.55 0.99
N TYR B 612 19.71 -12.57 -0.19
CA TYR B 612 20.11 -13.48 -1.28
C TYR B 612 21.31 -12.94 -2.05
N GLY B 613 22.19 -13.85 -2.45
CA GLY B 613 23.29 -13.52 -3.38
C GLY B 613 24.17 -14.72 -3.54
N LEU B 614 24.58 -15.00 -4.78
CA LEU B 614 25.33 -16.23 -5.10
C LEU B 614 26.85 -15.95 -5.07
N SER B 615 27.62 -17.02 -5.20
CA SER B 615 29.10 -16.99 -5.20
C SER B 615 29.61 -17.88 -6.32
N TYR B 616 30.85 -17.68 -6.72
CA TYR B 616 31.57 -18.59 -7.65
C TYR B 616 32.13 -19.78 -6.89
N THR B 617 32.07 -19.77 -5.55
CA THR B 617 32.40 -20.97 -4.73
C THR B 617 31.15 -21.46 -4.00
N GLU B 618 31.30 -22.56 -3.28
CA GLU B 618 30.24 -23.22 -2.51
C GLU B 618 30.60 -23.05 -1.04
N PHE B 619 29.62 -22.75 -0.21
CA PHE B 619 29.84 -22.71 1.26
C PHE B 619 28.95 -23.76 1.91
N SER B 620 29.41 -24.27 3.04
CA SER B 620 28.56 -25.14 3.87
C SER B 620 28.52 -24.58 5.30
N LEU B 621 27.38 -24.77 5.94
CA LEU B 621 27.20 -24.44 7.35
C LEU B 621 27.00 -25.75 8.12
N SER B 622 27.75 -25.92 9.21
CA SER B 622 27.47 -26.97 10.21
C SER B 622 26.14 -26.71 10.93
N PRO B 623 25.61 -27.72 11.65
CA PRO B 623 24.45 -27.53 12.50
C PRO B 623 24.60 -26.36 13.49
N LEU B 624 23.50 -25.62 13.67
CA LEU B 624 23.43 -24.52 14.63
C LEU B 624 23.46 -25.11 16.03
N ARG B 625 24.24 -24.52 16.92
CA ARG B 625 24.32 -24.94 18.34
C ARG B 625 24.12 -23.70 19.21
N LEU B 626 23.23 -23.80 20.18
CA LEU B 626 23.05 -22.73 21.19
C LEU B 626 23.82 -23.13 22.46
N SER B 627 24.25 -22.14 23.23
CA SER B 627 25.00 -22.33 24.48
C SER B 627 24.11 -22.87 25.59
N SER B 628 22.78 -22.70 25.51
CA SER B 628 21.82 -23.37 26.44
C SER B 628 20.39 -23.29 25.88
N GLU B 629 19.46 -24.01 26.50
CA GLU B 629 18.06 -24.04 26.04
C GLU B 629 17.25 -23.03 26.84
N ARG B 630 17.82 -22.49 27.92
CA ARG B 630 17.14 -21.50 28.78
C ARG B 630 18.10 -20.31 28.94
N LEU B 631 17.57 -19.10 28.91
CA LEU B 631 18.38 -17.86 29.05
C LEU B 631 17.81 -17.08 30.23
N ALA B 632 18.63 -16.83 31.26
CA ALA B 632 18.23 -15.93 32.35
C ALA B 632 18.36 -14.48 31.89
N ARG B 633 17.51 -13.61 32.41
CA ARG B 633 17.63 -12.14 32.19
C ARG B 633 19.03 -11.67 32.61
N GLY B 634 19.66 -10.83 31.80
CA GLY B 634 20.98 -10.25 32.10
C GLY B 634 22.10 -11.18 31.67
N ALA B 635 21.77 -12.39 31.22
CA ALA B 635 22.76 -13.37 30.72
C ALA B 635 22.80 -13.30 29.21
N THR B 636 23.83 -13.89 28.62
CA THR B 636 24.08 -13.85 27.17
C THR B 636 23.94 -15.25 26.61
N LEU B 637 23.37 -15.33 25.42
CA LEU B 637 23.22 -16.60 24.71
C LEU B 637 24.19 -16.56 23.53
N GLU B 638 24.84 -17.68 23.27
CA GLU B 638 25.73 -17.82 22.11
C GLU B 638 25.11 -18.79 21.12
N ALA B 639 25.15 -18.41 19.88
CA ALA B 639 24.68 -19.23 18.76
C ALA B 639 25.91 -19.45 17.89
N ARG B 640 26.30 -20.71 17.73
CA ARG B 640 27.54 -21.06 17.00
C ARG B 640 27.22 -21.92 15.80
N VAL B 641 27.96 -21.66 14.73
CA VAL B 641 27.91 -22.44 13.49
C VAL B 641 29.31 -22.40 12.90
N THR B 642 29.69 -23.45 12.18
CA THR B 642 30.97 -23.45 11.42
C THR B 642 30.67 -23.23 9.94
N LEU B 643 31.29 -22.20 9.36
CA LEU B 643 31.23 -21.93 7.92
C LEU B 643 32.47 -22.53 7.25
N SER B 644 32.27 -23.24 6.15
CA SER B 644 33.40 -23.82 5.38
C SER B 644 33.30 -23.36 3.94
N ASN B 645 34.45 -23.12 3.32
CA ASN B 645 34.50 -22.93 1.85
C ASN B 645 34.72 -24.32 1.28
N SER B 646 33.66 -24.91 0.72
CA SER B 646 33.71 -26.31 0.23
C SER B 646 33.89 -26.30 -1.28
N GLY B 647 34.23 -25.16 -1.88
CA GLY B 647 34.43 -25.05 -3.34
C GLY B 647 35.88 -24.81 -3.69
N LYS B 648 36.11 -24.30 -4.89
CA LYS B 648 37.45 -24.25 -5.51
C LYS B 648 37.98 -22.82 -5.61
N ARG B 649 37.19 -21.80 -5.21
CA ARG B 649 37.63 -20.40 -5.32
C ARG B 649 37.55 -19.72 -3.96
N ALA B 650 38.51 -18.88 -3.65
CA ALA B 650 38.41 -17.98 -2.48
C ALA B 650 37.14 -17.12 -2.65
N GLY B 651 36.47 -16.81 -1.56
CA GLY B 651 35.33 -15.89 -1.63
C GLY B 651 34.73 -15.62 -0.29
N ALA B 652 33.90 -14.59 -0.24
CA ALA B 652 33.18 -14.21 0.98
C ALA B 652 31.70 -14.52 0.79
N THR B 653 31.09 -14.76 1.94
CA THR B 653 29.62 -14.84 2.08
C THR B 653 29.23 -14.10 3.34
N VAL B 654 27.91 -13.99 3.54
CA VAL B 654 27.39 -13.33 4.74
C VAL B 654 26.52 -14.32 5.49
N VAL B 655 26.94 -14.65 6.70
CA VAL B 655 26.14 -15.51 7.59
C VAL B 655 25.23 -14.61 8.37
N GLN B 656 23.95 -14.91 8.27
CA GLN B 656 22.87 -14.08 8.79
C GLN B 656 22.21 -14.79 9.97
N LEU B 657 21.99 -14.05 11.05
CA LEU B 657 21.17 -14.51 12.19
C LEU B 657 19.83 -13.78 12.23
N TYR B 658 18.78 -14.58 12.34
CA TYR B 658 17.39 -14.11 12.44
C TYR B 658 16.80 -14.65 13.74
N LEU B 659 15.90 -13.85 14.31
CA LEU B 659 15.11 -14.20 15.51
C LEU B 659 13.63 -14.23 15.18
N GLN B 660 12.90 -15.18 15.75
CA GLN B 660 11.41 -15.11 15.80
C GLN B 660 10.97 -15.23 17.25
N ASP B 661 9.94 -14.48 17.64
CA ASP B 661 9.25 -14.52 18.95
C ASP B 661 7.88 -15.08 18.64
N PRO B 662 7.69 -16.41 18.64
CA PRO B 662 6.47 -16.98 18.05
C PRO B 662 5.20 -16.83 18.88
N VAL B 663 5.29 -16.46 20.16
CA VAL B 663 4.08 -16.16 20.96
C VAL B 663 4.37 -14.84 21.64
N ALA B 664 3.57 -13.83 21.40
CA ALA B 664 3.78 -12.50 22.01
C ALA B 664 2.46 -11.76 22.18
N SER B 665 2.48 -10.68 22.96
CA SER B 665 1.37 -9.73 23.20
CA SER B 665 1.28 -9.84 23.17
C SER B 665 0.95 -8.99 21.93
N LEU B 666 1.81 -8.98 20.91
CA LEU B 666 1.55 -8.46 19.53
C LEU B 666 1.93 -9.61 18.59
N SER B 667 1.33 -9.67 17.41
CA SER B 667 1.82 -10.56 16.33
C SER B 667 3.21 -10.06 15.88
N ARG B 668 4.24 -10.86 16.07
CA ARG B 668 5.60 -10.50 15.69
C ARG B 668 5.97 -11.11 14.34
N PRO B 669 6.98 -10.51 13.66
CA PRO B 669 7.42 -10.98 12.35
C PRO B 669 7.88 -12.42 12.31
N VAL B 670 7.75 -13.04 11.15
CA VAL B 670 8.15 -14.46 10.98
C VAL B 670 9.66 -14.59 11.20
N LYS B 671 10.40 -13.53 10.93
CA LYS B 671 11.82 -13.45 11.38
C LYS B 671 12.31 -12.01 11.26
N GLU B 672 13.30 -11.69 12.07
CA GLU B 672 13.90 -10.34 12.13
C GLU B 672 15.40 -10.49 12.19
N LEU B 673 16.10 -9.79 11.32
CA LEU B 673 17.59 -9.86 11.35
C LEU B 673 18.11 -9.35 12.71
N ARG B 674 19.03 -10.10 13.34
CA ARG B 674 19.61 -9.66 14.63
C ARG B 674 21.13 -9.80 14.66
N GLY B 675 21.76 -10.27 13.60
CA GLY B 675 23.21 -10.20 13.47
C GLY B 675 23.67 -10.72 12.13
N PHE B 676 24.91 -10.47 11.80
CA PHE B 676 25.50 -11.08 10.60
C PHE B 676 27.02 -11.02 10.73
N ARG B 677 27.67 -11.85 9.95
CA ARG B 677 29.14 -11.88 9.85
C ARG B 677 29.45 -12.05 8.38
N LYS B 678 30.23 -11.13 7.85
CA LYS B 678 30.78 -11.33 6.49
C LYS B 678 32.13 -11.99 6.63
N VAL B 679 32.33 -13.11 5.96
CA VAL B 679 33.52 -13.98 6.15
C VAL B 679 34.13 -14.29 4.79
N MET B 680 35.40 -13.96 4.64
CA MET B 680 36.23 -14.29 3.45
C MET B 680 37.00 -15.57 3.76
N LEU B 681 36.90 -16.58 2.91
CA LEU B 681 37.53 -17.90 3.16
C LEU B 681 38.27 -18.34 1.90
N GLU B 682 39.51 -18.80 2.03
CA GLU B 682 40.14 -19.57 0.96
C GLU B 682 39.48 -20.94 0.91
N PRO B 683 39.59 -21.66 -0.22
CA PRO B 683 39.07 -23.02 -0.33
C PRO B 683 39.58 -23.92 0.79
N GLY B 684 38.67 -24.63 1.44
CA GLY B 684 39.02 -25.56 2.54
C GLY B 684 39.10 -24.88 3.88
N GLU B 685 39.08 -23.55 3.97
CA GLU B 685 39.10 -22.88 5.28
C GLU B 685 37.73 -22.99 5.96
N SER B 686 37.76 -23.00 7.29
CA SER B 686 36.57 -23.05 8.16
C SER B 686 36.71 -21.96 9.19
N ARG B 687 35.59 -21.36 9.56
CA ARG B 687 35.53 -20.32 10.61
C ARG B 687 34.37 -20.69 11.52
N GLU B 688 34.63 -20.74 12.82
CA GLU B 688 33.57 -20.84 13.83
C GLU B 688 33.01 -19.43 13.97
N ILE B 689 31.72 -19.27 13.71
CA ILE B 689 31.01 -17.98 13.91
C ILE B 689 30.28 -18.07 15.23
N VAL B 690 30.48 -17.07 16.07
CA VAL B 690 29.84 -16.97 17.39
C VAL B 690 28.98 -15.71 17.37
N PHE B 691 27.67 -15.90 17.43
CA PHE B 691 26.73 -14.78 17.62
C PHE B 691 26.42 -14.72 19.10
N ARG B 692 26.34 -13.52 19.64
CA ARG B 692 25.96 -13.28 21.04
C ARG B 692 24.61 -12.57 21.04
N LEU B 693 23.67 -13.08 21.82
CA LEU B 693 22.32 -12.50 21.99
C LEU B 693 22.07 -12.23 23.47
N GLY B 694 21.47 -11.08 23.76
CA GLY B 694 21.02 -10.67 25.09
C GLY B 694 19.56 -10.22 25.08
N GLU B 695 19.04 -9.85 26.24
CA GLU B 695 17.65 -9.36 26.41
C GLU B 695 17.33 -8.21 25.45
N ALA B 696 18.28 -7.31 25.18
CA ALA B 696 18.03 -6.13 24.31
C ALA B 696 17.67 -6.59 22.89
N ASP B 697 18.19 -7.74 22.44
CA ASP B 697 17.88 -8.31 21.11
C ASP B 697 16.44 -8.85 21.06
N LEU B 698 15.83 -9.10 22.22
CA LEU B 698 14.55 -9.84 22.33
C LEU B 698 13.38 -8.91 22.61
N LYS B 699 13.65 -7.63 22.85
CA LYS B 699 12.60 -6.64 23.17
C LYS B 699 11.83 -6.25 21.92
N PHE B 700 10.58 -5.87 22.11
CA PHE B 700 9.75 -5.23 21.07
C PHE B 700 8.80 -4.25 21.73
N TYR B 701 8.24 -3.36 20.92
CA TYR B 701 7.18 -2.42 21.34
C TYR B 701 5.83 -3.10 21.26
N ASP B 702 5.11 -3.19 22.38
CA ASP B 702 3.74 -3.76 22.38
C ASP B 702 2.75 -2.67 22.02
N SER B 703 1.46 -2.98 22.10
CA SER B 703 0.35 -2.07 21.73
C SER B 703 0.40 -0.74 22.49
N GLN B 704 0.92 -0.74 23.73
CA GLN B 704 1.03 0.47 24.60
C GLN B 704 2.44 1.06 24.51
N LEU B 705 3.25 0.58 23.56
CA LEU B 705 4.67 0.96 23.35
C LEU B 705 5.53 0.62 24.57
N ARG B 706 5.14 -0.36 25.39
CA ARG B 706 6.09 -0.95 26.36
C ARG B 706 7.18 -1.66 25.58
N HIS B 707 8.43 -1.37 25.90
CA HIS B 707 9.61 -1.89 25.18
C HIS B 707 10.29 -2.92 26.07
N THR B 708 9.79 -4.14 26.12
CA THR B 708 10.37 -5.21 26.97
C THR B 708 10.44 -6.52 26.19
N ALA B 709 11.14 -7.47 26.76
CA ALA B 709 11.17 -8.86 26.26
C ALA B 709 10.25 -9.69 27.13
N GLU B 710 9.42 -10.49 26.50
CA GLU B 710 8.48 -11.34 27.26
C GLU B 710 9.10 -12.73 27.36
N PRO B 711 8.97 -13.36 28.54
CA PRO B 711 9.45 -14.73 28.73
C PRO B 711 8.70 -15.63 27.74
N GLY B 712 9.37 -16.71 27.36
CA GLY B 712 8.86 -17.73 26.45
C GLY B 712 9.84 -18.06 25.36
N GLU B 713 9.40 -18.86 24.38
CA GLU B 713 10.28 -19.38 23.31
C GLU B 713 10.76 -18.26 22.38
N PHE B 714 12.02 -18.35 21.97
CA PHE B 714 12.58 -17.64 20.79
C PHE B 714 13.17 -18.66 19.84
N LYS B 715 13.04 -18.42 18.55
CA LYS B 715 13.60 -19.29 17.50
C LYS B 715 14.77 -18.53 16.90
N VAL B 716 15.91 -19.20 16.74
CA VAL B 716 17.15 -18.62 16.17
C VAL B 716 17.35 -19.28 14.83
N PHE B 717 17.45 -18.49 13.77
CA PHE B 717 17.73 -19.01 12.41
C PHE B 717 19.09 -18.49 11.97
N VAL B 718 19.87 -19.34 11.33
CA VAL B 718 21.16 -18.95 10.73
C VAL B 718 21.19 -19.50 9.31
N GLY B 719 21.60 -18.67 8.38
CA GLY B 719 21.78 -19.14 7.02
C GLY B 719 22.47 -18.11 6.16
N LEU B 720 22.55 -18.40 4.88
CA LEU B 720 23.21 -17.46 3.94
C LEU B 720 22.18 -16.60 3.21
N ASP B 721 20.91 -16.71 3.53
CA ASP B 721 19.86 -15.74 3.15
C ASP B 721 18.68 -15.95 4.07
N SER B 722 17.65 -15.14 3.91
CA SER B 722 16.47 -15.16 4.81
C SER B 722 15.59 -16.37 4.54
N ALA B 723 15.75 -17.06 3.41
CA ALA B 723 14.87 -18.16 2.97
C ALA B 723 15.45 -19.54 3.30
N GLN B 724 16.78 -19.66 3.37
CA GLN B 724 17.49 -20.96 3.44
C GLN B 724 18.28 -21.00 4.74
N THR B 725 17.58 -21.27 5.84
CA THR B 725 18.17 -21.24 7.19
C THR B 725 17.94 -22.59 7.89
N GLU B 726 18.64 -22.77 9.00
CA GLU B 726 18.36 -23.82 10.00
C GLU B 726 18.05 -23.11 11.31
N SER B 727 17.19 -23.71 12.13
CA SER B 727 16.77 -23.04 13.39
C SER B 727 16.85 -23.97 14.59
N ARG B 728 16.99 -23.33 15.73
CA ARG B 728 16.91 -23.94 17.06
C ARG B 728 16.18 -22.97 17.96
N SER B 729 15.58 -23.46 19.03
CA SER B 729 14.84 -22.60 19.97
C SER B 729 15.51 -22.55 21.33
N PHE B 730 15.27 -21.46 22.05
CA PHE B 730 15.58 -21.37 23.51
C PHE B 730 14.40 -20.70 24.19
N THR B 731 14.43 -20.72 25.51
CA THR B 731 13.38 -20.12 26.35
C THR B 731 14.02 -19.00 27.16
N LEU B 732 13.45 -17.81 27.08
CA LEU B 732 13.80 -16.72 28.01
C LEU B 732 12.99 -16.91 29.28
N LEU B 733 13.67 -16.89 30.43
CA LEU B 733 13.02 -17.08 31.76
C LEU B 733 12.47 -15.74 32.31
#